data_7L7U
#
_entry.id   7L7U
#
loop_
_entity.id
_entity.type
_entity.pdbx_description
1 polymer 'BG505 SOSIP.v5.2(7S) - gp120'
2 polymer 'BG505 SOSIP.v5.2(7S) - gp41'
3 branched alpha-D-mannopyranose-(1-3)-[alpha-D-mannopyranose-(1-6)]beta-D-mannopyranose-(1-4)-2-acetamido-2-deoxy-beta-D-glucopyranose-(1-4)-2-acetamido-2-deoxy-beta-D-glucopyranose
4 branched 2-acetamido-2-deoxy-beta-D-glucopyranose-(1-4)-2-acetamido-2-deoxy-beta-D-glucopyranose
5 non-polymer 2-acetamido-2-deoxy-beta-D-glucopyranose
#
loop_
_entity_poly.entity_id
_entity_poly.type
_entity_poly.pdbx_seq_one_letter_code
_entity_poly.pdbx_strand_id
1 'polypeptide(L)'
;MKRGLCCVLLLCGAVFVSPSQEIHARFRRGARAENLWVTVYYGVPVWKDAETTLFCASDAKAYETKKHNVWATHCCVPTD
PNPQEIHLENVTEEFNMWKNNMVEQMHTDIISLWDQSLKPCVKLTPLCVTLQCTNVTNNITDDMRGELKNCSFNMTTELR
DKKQKVYSLFYRLDVVQINENQGNRSNNSNKEYRLINCNTSAITQACPKVSFEPIPIHYCAPAGFAILKCKDKKFNGTGP
CTNVSTVQCTHGIKPVVSTQLLLNGSLAEEEVIIRSENITNNAKNILVQLNESVQINCTRPNNNTVKSIRIGPGQWFYYT
GDIIGDIRQAHCNVSKATWNETLGKVVKQLRKHFGNNTIIRFANSSGGDLEVTTHSFNCGGEFFYCNTSGLFNSTWISNT
SVQGSNSTGSNDSITLPCRIKQIINMWQRIGQAMYAPPIQGVIRCVSNITGLILTRDGGSTNSTTETFRPGGGDMRDNWR
SELYKYKVVKIEPLGVAPTRCKRRV
;
A,C,E
2 'polypeptide(L)'
;LGFLGAAGSTMGAASMTLTVQARNLLSGIVQQQSNLLRAPECQQHLLKDTHWGIKQLQARVLAVEHYLRDQQLLGIWGCS
GKLICCTNVPWNSSWSNRNLSEIWDNMTWLQWDKEISNYTQIIYGLLEESQNQQEKNEQDLLELD
;
B,D,F
#
# COMPACT_ATOMS: atom_id res chain seq x y z
N ASN A 35 -44.59 28.99 -18.24
CA ASN A 35 -43.16 28.99 -18.47
C ASN A 35 -42.43 28.56 -17.16
N LEU A 36 -41.76 27.38 -17.19
CA LEU A 36 -41.03 26.78 -16.05
C LEU A 36 -39.55 26.94 -16.26
N TRP A 37 -38.82 27.04 -15.17
CA TRP A 37 -37.38 27.22 -15.14
C TRP A 37 -36.65 26.10 -14.42
N VAL A 38 -35.42 25.83 -14.85
CA VAL A 38 -34.63 24.79 -14.20
C VAL A 38 -34.16 25.22 -12.82
N THR A 39 -34.35 24.36 -11.83
CA THR A 39 -33.83 24.59 -10.48
C THR A 39 -32.99 23.39 -10.07
N VAL A 40 -31.82 23.69 -9.53
CA VAL A 40 -30.85 22.71 -9.10
C VAL A 40 -30.96 22.44 -7.62
N TYR A 41 -31.00 21.17 -7.23
CA TYR A 41 -31.07 20.83 -5.83
C TYR A 41 -29.95 19.90 -5.41
N TYR A 42 -29.35 20.19 -4.25
CA TYR A 42 -28.28 19.35 -3.72
C TYR A 42 -28.72 18.85 -2.37
N GLY A 43 -28.55 17.56 -2.14
CA GLY A 43 -29.04 16.95 -0.90
C GLY A 43 -30.30 16.12 -1.21
N VAL A 44 -30.50 15.89 -2.47
CA VAL A 44 -31.62 15.13 -2.99
C VAL A 44 -31.51 13.64 -2.64
N PRO A 45 -32.52 12.98 -2.06
CA PRO A 45 -32.48 11.58 -1.67
C PRO A 45 -32.63 10.58 -2.84
N VAL A 46 -31.64 10.54 -3.72
CA VAL A 46 -31.66 9.66 -4.89
C VAL A 46 -30.54 8.63 -4.98
N TRP A 47 -30.97 7.41 -5.28
CA TRP A 47 -30.17 6.19 -5.34
C TRP A 47 -29.79 5.57 -6.68
N LYS A 48 -28.61 4.98 -6.72
CA LYS A 48 -28.17 4.13 -7.83
C LYS A 48 -27.56 2.84 -7.29
N ASP A 49 -27.77 1.73 -7.98
CA ASP A 49 -27.16 0.48 -7.52
C ASP A 49 -25.65 0.56 -7.58
N ALA A 50 -24.95 -0.04 -6.62
CA ALA A 50 -23.50 0.03 -6.67
C ALA A 50 -22.79 -1.10 -5.96
N GLU A 51 -21.51 -1.27 -6.28
CA GLU A 51 -20.66 -2.21 -5.58
C GLU A 51 -19.50 -1.49 -4.95
N THR A 52 -19.30 -1.67 -3.66
CA THR A 52 -18.17 -1.01 -3.05
C THR A 52 -17.47 -1.90 -2.06
N THR A 53 -16.34 -1.44 -1.61
CA THR A 53 -15.52 -2.17 -0.67
C THR A 53 -15.99 -1.97 0.74
N LEU A 54 -17.01 -2.73 1.12
CA LEU A 54 -17.63 -2.59 2.43
C LEU A 54 -16.59 -2.92 3.45
N PHE A 55 -16.68 -2.29 4.62
CA PHE A 55 -15.69 -2.59 5.63
C PHE A 55 -16.36 -3.41 6.69
N CYS A 56 -15.55 -4.18 7.46
CA CYS A 56 -16.03 -5.05 8.53
C CYS A 56 -15.91 -4.38 9.88
N ALA A 57 -16.87 -4.70 10.73
CA ALA A 57 -16.89 -4.30 12.12
C ALA A 57 -17.42 -5.44 12.96
N SER A 58 -17.01 -5.53 14.22
CA SER A 58 -17.51 -6.60 15.08
C SER A 58 -17.54 -6.19 16.57
N ASP A 59 -18.58 -6.65 17.31
CA ASP A 59 -18.83 -6.41 18.74
C ASP A 59 -17.58 -6.59 19.61
N HIS A 68 -7.28 -14.96 20.77
CA HIS A 68 -6.44 -14.79 19.57
C HIS A 68 -7.22 -15.18 18.29
N ASN A 69 -8.49 -14.76 18.21
CA ASN A 69 -9.41 -14.98 17.09
C ASN A 69 -9.09 -14.10 15.89
N VAL A 70 -9.11 -14.70 14.71
CA VAL A 70 -8.78 -14.00 13.49
C VAL A 70 -9.83 -13.01 13.05
N TRP A 71 -11.08 -13.30 13.33
CA TRP A 71 -12.13 -12.44 12.91
C TRP A 71 -12.11 -11.21 13.75
N ALA A 72 -11.84 -11.41 15.03
CA ALA A 72 -11.78 -10.31 15.96
C ALA A 72 -10.63 -9.39 15.65
N THR A 73 -9.52 -9.97 15.21
CA THR A 73 -8.34 -9.19 14.85
C THR A 73 -8.59 -8.38 13.61
N HIS A 74 -9.16 -9.00 12.60
CA HIS A 74 -9.41 -8.33 11.33
C HIS A 74 -10.49 -7.22 11.41
N CYS A 75 -11.65 -7.55 12.02
CA CYS A 75 -12.83 -6.69 12.16
C CYS A 75 -12.67 -5.94 13.48
N CYS A 76 -11.61 -5.15 13.51
CA CYS A 76 -11.18 -4.40 14.67
C CYS A 76 -12.10 -3.22 14.96
N VAL A 77 -12.80 -2.78 13.93
CA VAL A 77 -13.66 -1.63 14.01
C VAL A 77 -14.87 -2.00 14.82
N PRO A 78 -15.26 -1.22 15.83
CA PRO A 78 -16.41 -1.48 16.66
C PRO A 78 -17.70 -1.24 15.91
N THR A 79 -18.74 -1.92 16.35
CA THR A 79 -20.08 -1.78 15.84
C THR A 79 -20.82 -0.69 16.56
N ASP A 80 -21.94 -0.28 16.00
CA ASP A 80 -22.74 0.73 16.66
C ASP A 80 -23.15 0.22 18.04
N PRO A 81 -22.97 1.01 19.12
CA PRO A 81 -23.36 0.66 20.48
C PRO A 81 -24.88 0.68 20.60
N ASN A 82 -25.49 1.32 19.63
CA ASN A 82 -26.92 1.49 19.53
C ASN A 82 -27.28 1.45 18.06
N PRO A 83 -27.46 0.27 17.47
CA PRO A 83 -27.78 0.08 16.08
C PRO A 83 -29.06 0.83 15.81
N GLN A 84 -29.15 1.46 14.65
CA GLN A 84 -30.33 2.22 14.24
C GLN A 84 -30.68 1.94 12.81
N GLU A 85 -31.96 2.05 12.50
CA GLU A 85 -32.39 1.92 11.13
C GLU A 85 -33.41 2.98 10.87
N ILE A 86 -33.47 3.43 9.64
CA ILE A 86 -34.47 4.41 9.29
C ILE A 86 -35.50 3.78 8.42
N HIS A 87 -36.72 3.68 8.89
CA HIS A 87 -37.70 3.05 8.05
C HIS A 87 -38.06 3.98 6.94
N LEU A 88 -38.11 3.48 5.71
CA LEU A 88 -38.45 4.35 4.62
C LEU A 88 -39.89 4.16 4.19
N GLU A 89 -40.72 5.13 4.47
CA GLU A 89 -42.11 4.98 4.10
C GLU A 89 -42.23 5.20 2.60
N ASN A 90 -43.15 4.48 1.93
CA ASN A 90 -43.48 4.58 0.49
C ASN A 90 -42.28 4.35 -0.45
N VAL A 91 -41.38 3.41 -0.11
CA VAL A 91 -40.21 3.05 -0.95
C VAL A 91 -40.26 1.63 -1.39
N THR A 92 -40.27 1.43 -2.70
CA THR A 92 -40.26 0.08 -3.23
C THR A 92 -39.02 -0.09 -4.05
N GLU A 93 -38.24 -1.11 -3.72
CA GLU A 93 -36.99 -1.39 -4.41
C GLU A 93 -36.87 -2.83 -4.76
N GLU A 94 -36.15 -3.12 -5.83
CA GLU A 94 -35.91 -4.50 -6.19
C GLU A 94 -34.61 -4.99 -5.62
N PHE A 95 -34.68 -6.17 -5.07
CA PHE A 95 -33.54 -6.85 -4.52
C PHE A 95 -33.23 -8.05 -5.40
N ASN A 96 -31.98 -8.45 -5.47
CA ASN A 96 -31.65 -9.63 -6.25
C ASN A 96 -30.55 -10.39 -5.56
N MET A 97 -30.93 -11.40 -4.79
CA MET A 97 -30.04 -12.18 -3.99
C MET A 97 -28.94 -12.81 -4.82
N TRP A 98 -29.29 -13.25 -6.00
CA TRP A 98 -28.37 -13.96 -6.87
C TRP A 98 -27.33 -13.09 -7.51
N LYS A 99 -27.48 -11.77 -7.41
CA LYS A 99 -26.57 -10.82 -7.98
C LYS A 99 -26.00 -9.95 -6.86
N ASN A 100 -26.14 -10.41 -5.63
CA ASN A 100 -25.71 -9.60 -4.52
C ASN A 100 -24.21 -9.57 -4.38
N ASN A 101 -23.66 -8.41 -4.64
CA ASN A 101 -22.23 -8.23 -4.66
C ASN A 101 -21.63 -8.22 -3.26
N MET A 102 -22.49 -8.27 -2.25
CA MET A 102 -22.01 -8.33 -0.90
C MET A 102 -21.52 -9.75 -0.65
N VAL A 103 -22.06 -10.71 -1.40
CA VAL A 103 -21.70 -12.09 -1.26
C VAL A 103 -20.34 -12.23 -1.85
N GLU A 104 -20.17 -11.60 -3.00
CA GLU A 104 -18.89 -11.72 -3.66
C GLU A 104 -17.79 -11.05 -2.84
N GLN A 105 -18.08 -9.95 -2.17
CA GLN A 105 -17.05 -9.35 -1.34
C GLN A 105 -16.78 -10.25 -0.13
N MET A 106 -17.80 -10.88 0.44
CA MET A 106 -17.54 -11.73 1.59
C MET A 106 -16.67 -12.92 1.24
N HIS A 107 -16.78 -13.41 0.01
CA HIS A 107 -16.00 -14.56 -0.39
C HIS A 107 -14.68 -14.12 -1.01
N THR A 108 -14.32 -12.87 -0.82
CA THR A 108 -13.04 -12.38 -1.23
C THR A 108 -12.25 -12.07 0.03
N ASP A 109 -12.92 -11.50 1.04
CA ASP A 109 -12.22 -11.16 2.27
C ASP A 109 -12.03 -12.35 3.16
N ILE A 110 -12.94 -13.32 3.14
CA ILE A 110 -12.72 -14.50 3.96
C ILE A 110 -11.51 -15.27 3.49
N ILE A 111 -11.24 -15.24 2.19
CA ILE A 111 -10.13 -15.96 1.65
C ILE A 111 -8.89 -15.25 2.10
N SER A 112 -8.90 -13.92 1.98
CA SER A 112 -7.74 -13.18 2.39
C SER A 112 -7.47 -13.40 3.85
N LEU A 113 -8.49 -13.39 4.68
CA LEU A 113 -8.24 -13.56 6.09
C LEU A 113 -7.60 -14.89 6.39
N TRP A 114 -8.06 -15.97 5.78
CA TRP A 114 -7.39 -17.23 6.04
C TRP A 114 -5.96 -17.22 5.57
N ASP A 115 -5.69 -16.66 4.40
CA ASP A 115 -4.32 -16.67 3.91
C ASP A 115 -3.40 -15.82 4.76
N GLN A 116 -3.89 -14.70 5.28
CA GLN A 116 -3.02 -13.91 6.11
C GLN A 116 -2.81 -14.59 7.45
N SER A 117 -3.83 -15.24 7.97
CA SER A 117 -3.72 -15.87 9.27
C SER A 117 -2.75 -17.02 9.26
N LEU A 118 -2.69 -17.73 8.16
CA LEU A 118 -1.79 -18.87 8.03
C LEU A 118 -0.42 -18.48 7.53
N LYS A 119 -0.20 -17.20 7.23
CA LYS A 119 1.07 -16.85 6.68
C LYS A 119 2.20 -16.94 7.70
N PRO A 120 2.15 -16.30 8.87
CA PRO A 120 3.22 -16.34 9.85
C PRO A 120 3.16 -17.62 10.69
N CYS A 121 3.30 -18.79 10.06
CA CYS A 121 3.20 -20.11 10.69
C CYS A 121 4.28 -21.03 10.14
N VAL A 122 4.45 -22.16 10.80
CA VAL A 122 5.46 -23.13 10.43
C VAL A 122 5.10 -23.94 9.24
N LYS A 123 6.03 -24.01 8.28
CA LYS A 123 5.79 -24.83 7.11
C LYS A 123 6.14 -26.24 7.48
N LEU A 124 5.44 -27.20 6.91
CA LEU A 124 5.72 -28.57 7.20
C LEU A 124 6.33 -29.26 6.02
N THR A 125 6.94 -28.49 5.14
CA THR A 125 7.57 -29.09 3.99
C THR A 125 8.69 -30.05 4.39
N PRO A 126 9.45 -29.87 5.52
CA PRO A 126 10.45 -30.79 5.97
C PRO A 126 9.85 -32.14 6.30
N LEU A 127 8.51 -32.22 6.35
CA LEU A 127 7.86 -33.50 6.73
C LEU A 127 7.15 -34.13 5.53
N CYS A 128 7.59 -33.78 4.31
CA CYS A 128 7.19 -34.46 3.09
C CYS A 128 8.32 -35.44 2.72
N VAL A 129 8.34 -36.50 3.52
CA VAL A 129 9.35 -37.52 3.52
C VAL A 129 8.72 -38.85 3.36
N THR A 130 9.53 -39.87 3.07
CA THR A 130 8.94 -41.17 2.95
C THR A 130 8.57 -41.68 4.32
N LEU A 131 7.34 -42.10 4.48
CA LEU A 131 6.87 -42.59 5.75
C LEU A 131 6.89 -44.10 5.76
N GLN A 132 7.21 -44.68 6.90
CA GLN A 132 7.15 -46.13 7.05
C GLN A 132 5.90 -46.41 7.87
N CYS A 133 4.82 -47.00 7.28
CA CYS A 133 3.54 -47.13 7.99
C CYS A 133 3.08 -48.58 8.13
N THR A 134 2.47 -48.81 9.29
CA THR A 134 1.79 -50.04 9.68
C THR A 134 0.40 -49.65 10.14
N ASN A 135 -0.54 -50.62 10.26
CA ASN A 135 -1.91 -50.37 10.74
C ASN A 135 -1.93 -50.19 12.26
N VAL A 136 -2.90 -49.38 12.75
CA VAL A 136 -3.19 -49.26 14.18
C VAL A 136 -4.13 -50.41 14.51
N THR A 137 -3.70 -51.29 15.39
CA THR A 137 -4.45 -52.50 15.75
C THR A 137 -4.83 -52.53 17.22
N ASN A 138 -4.66 -51.42 17.89
CA ASN A 138 -4.91 -51.35 19.31
C ASN A 138 -6.37 -51.05 19.66
N ASN A 139 -7.11 -52.06 20.10
CA ASN A 139 -8.52 -51.86 20.46
C ASN A 139 -9.35 -51.19 19.38
N ILE A 140 -9.43 -51.82 18.23
CA ILE A 140 -10.11 -51.18 17.11
C ILE A 140 -11.52 -51.71 16.96
N THR A 141 -12.50 -50.82 16.93
CA THR A 141 -13.88 -51.25 16.73
C THR A 141 -14.05 -51.52 15.26
N ASP A 142 -15.18 -52.04 14.83
CA ASP A 142 -15.25 -52.25 13.41
C ASP A 142 -15.44 -50.86 12.81
N ASP A 143 -15.50 -50.76 11.49
CA ASP A 143 -15.61 -49.51 10.71
C ASP A 143 -14.26 -48.78 10.64
N MET A 144 -13.56 -48.72 11.77
CA MET A 144 -12.28 -48.07 11.95
C MET A 144 -11.10 -48.94 11.58
N ARG A 145 -11.33 -50.16 11.15
CA ARG A 145 -10.21 -51.00 10.83
C ARG A 145 -9.62 -50.52 9.55
N GLY A 146 -8.35 -50.15 9.62
CA GLY A 146 -7.62 -49.61 8.50
C GLY A 146 -7.77 -48.09 8.37
N GLU A 147 -8.54 -47.47 9.26
CA GLU A 147 -8.76 -46.02 9.20
C GLU A 147 -7.54 -45.26 9.69
N LEU A 148 -6.85 -45.79 10.69
CA LEU A 148 -5.69 -45.08 11.19
C LEU A 148 -4.46 -45.88 10.93
N LYS A 149 -3.40 -45.16 10.58
CA LYS A 149 -2.11 -45.78 10.36
C LYS A 149 -1.06 -45.17 11.28
N ASN A 150 -0.14 -46.02 11.76
CA ASN A 150 0.98 -45.67 12.62
C ASN A 150 2.23 -45.51 11.75
N CYS A 151 2.62 -44.24 11.49
CA CYS A 151 3.69 -43.92 10.57
C CYS A 151 4.88 -43.37 11.31
N SER A 152 6.05 -43.75 10.84
CA SER A 152 7.24 -43.19 11.42
C SER A 152 8.09 -42.58 10.34
N PHE A 153 8.82 -41.57 10.74
CA PHE A 153 9.67 -40.84 9.83
C PHE A 153 10.82 -40.12 10.53
N ASN A 154 11.84 -39.72 9.74
CA ASN A 154 12.99 -38.92 10.20
C ASN A 154 12.79 -37.45 9.83
N MET A 155 12.45 -36.58 10.82
CA MET A 155 12.18 -35.13 10.59
C MET A 155 13.36 -34.32 11.04
N THR A 156 13.44 -33.10 10.57
CA THR A 156 14.54 -32.24 10.96
C THR A 156 14.38 -31.76 12.37
N THR A 157 15.45 -31.25 12.92
CA THR A 157 15.50 -30.76 14.30
C THR A 157 16.12 -29.39 14.36
N GLU A 158 16.47 -28.93 15.56
CA GLU A 158 17.01 -27.58 15.70
C GLU A 158 18.25 -27.42 14.88
N LEU A 159 19.06 -28.47 14.80
CA LEU A 159 20.29 -28.40 14.05
C LEU A 159 20.12 -29.11 12.74
N ARG A 160 20.81 -28.61 11.73
CA ARG A 160 20.72 -29.20 10.40
C ARG A 160 21.44 -30.54 10.28
N ASP A 161 22.23 -30.86 11.27
CA ASP A 161 22.98 -32.10 11.28
C ASP A 161 22.26 -33.22 11.98
N LYS A 162 21.06 -32.97 12.52
CA LYS A 162 20.39 -34.04 13.25
C LYS A 162 18.95 -34.22 12.83
N LYS A 163 18.54 -35.47 12.83
CA LYS A 163 17.17 -35.81 12.56
C LYS A 163 16.60 -36.57 13.73
N GLN A 164 15.29 -36.51 13.86
CA GLN A 164 14.59 -37.18 14.92
C GLN A 164 13.58 -38.17 14.43
N LYS A 165 13.63 -39.38 14.96
CA LYS A 165 12.65 -40.37 14.57
C LYS A 165 11.38 -40.06 15.32
N VAL A 166 10.29 -40.00 14.59
CA VAL A 166 8.99 -39.67 15.12
C VAL A 166 7.96 -40.68 14.78
N TYR A 167 7.10 -40.97 15.75
CA TYR A 167 6.00 -41.88 15.51
C TYR A 167 4.74 -41.08 15.70
N SER A 168 3.81 -41.17 14.76
CA SER A 168 2.57 -40.42 14.88
C SER A 168 1.42 -41.10 14.18
N LEU A 169 0.24 -41.03 14.76
CA LEU A 169 -0.85 -41.63 14.02
C LEU A 169 -1.44 -40.64 13.03
N PHE A 170 -1.82 -41.16 11.87
CA PHE A 170 -2.48 -40.39 10.84
C PHE A 170 -3.75 -41.02 10.37
N TYR A 171 -4.66 -40.19 9.92
CA TYR A 171 -5.90 -40.68 9.37
C TYR A 171 -5.59 -41.10 7.94
N ARG A 172 -6.23 -42.16 7.49
CA ARG A 172 -5.99 -42.71 6.16
C ARG A 172 -6.11 -41.69 5.06
N LEU A 173 -7.03 -40.75 5.17
CA LEU A 173 -7.27 -39.79 4.11
C LEU A 173 -6.10 -38.88 3.82
N ASP A 174 -5.18 -38.74 4.76
CA ASP A 174 -4.04 -37.85 4.60
C ASP A 174 -2.80 -38.56 4.05
N VAL A 175 -2.82 -39.88 3.98
CA VAL A 175 -1.63 -40.63 3.61
C VAL A 175 -1.87 -41.56 2.43
N VAL A 176 -1.02 -41.48 1.42
CA VAL A 176 -1.17 -42.33 0.24
C VAL A 176 0.05 -43.19 -0.03
N GLN A 177 -0.18 -44.40 -0.51
CA GLN A 177 0.90 -45.34 -0.75
C GLN A 177 1.74 -44.95 -1.95
N ILE A 178 3.05 -45.13 -1.84
CA ILE A 178 3.95 -44.79 -2.93
C ILE A 178 4.12 -45.84 -4.02
N ASN A 179 4.41 -47.12 -3.67
CA ASN A 179 4.65 -48.25 -4.61
C ASN A 179 5.67 -47.88 -5.70
N ASN A 190 5.45 -51.24 7.31
CA ASN A 190 5.11 -52.28 6.35
C ASN A 190 5.42 -51.80 4.91
N LYS A 191 4.75 -50.70 4.49
CA LYS A 191 4.85 -50.11 3.15
C LYS A 191 5.22 -48.65 3.25
N GLU A 192 5.80 -48.15 2.16
CA GLU A 192 6.16 -46.74 2.08
C GLU A 192 5.02 -45.88 1.57
N TYR A 193 4.81 -44.77 2.27
CA TYR A 193 3.76 -43.78 2.06
C TYR A 193 4.24 -42.33 2.02
N ARG A 194 3.43 -41.46 1.43
CA ARG A 194 3.71 -40.02 1.43
C ARG A 194 2.46 -39.28 1.84
N LEU A 195 2.58 -38.03 2.22
CA LEU A 195 1.38 -37.29 2.54
C LEU A 195 0.67 -36.97 1.24
N ILE A 196 -0.65 -36.90 1.28
CA ILE A 196 -1.45 -36.60 0.10
C ILE A 196 -1.07 -35.34 -0.65
N ASN A 197 -0.63 -34.30 0.04
CA ASN A 197 -0.26 -33.07 -0.66
C ASN A 197 1.14 -33.02 -1.30
N CYS A 198 2.01 -34.04 -1.09
CA CYS A 198 3.41 -34.02 -1.52
C CYS A 198 3.64 -33.85 -3.00
N ASN A 199 2.75 -34.31 -3.84
CA ASN A 199 3.01 -34.11 -5.26
C ASN A 199 2.27 -32.90 -5.87
N THR A 200 1.51 -32.08 -5.08
CA THR A 200 0.77 -30.91 -5.61
C THR A 200 0.99 -29.59 -4.89
N SER A 201 1.29 -29.58 -3.60
CA SER A 201 1.40 -28.29 -2.93
C SER A 201 2.19 -28.27 -1.64
N ALA A 202 2.68 -27.09 -1.28
CA ALA A 202 3.32 -26.95 0.00
C ALA A 202 2.28 -26.99 1.10
N ILE A 203 2.64 -27.67 2.16
CA ILE A 203 1.79 -27.78 3.32
C ILE A 203 2.23 -26.86 4.44
N THR A 204 1.29 -26.09 4.98
CA THR A 204 1.57 -25.17 6.09
C THR A 204 0.75 -25.52 7.32
N GLN A 205 1.38 -25.55 8.49
CA GLN A 205 0.64 -25.86 9.70
C GLN A 205 -0.08 -24.65 10.17
N ALA A 206 -1.35 -24.81 10.49
CA ALA A 206 -2.05 -23.67 11.04
C ALA A 206 -1.50 -23.44 12.42
N CYS A 207 -1.37 -22.17 12.87
CA CYS A 207 -0.89 -21.83 14.20
C CYS A 207 -1.90 -22.32 15.26
N PRO A 208 -1.43 -23.09 16.26
CA PRO A 208 -2.23 -23.78 17.25
C PRO A 208 -3.02 -22.92 18.20
N LYS A 209 -2.65 -21.65 18.33
CA LYS A 209 -3.35 -20.78 19.24
C LYS A 209 -4.28 -19.83 18.52
N VAL A 210 -4.37 -19.94 17.21
CA VAL A 210 -5.20 -19.02 16.47
C VAL A 210 -6.59 -19.58 16.33
N SER A 211 -7.57 -18.79 16.71
CA SER A 211 -8.93 -19.25 16.65
C SER A 211 -9.65 -18.79 15.41
N PHE A 212 -10.22 -19.74 14.68
CA PHE A 212 -10.93 -19.45 13.45
C PHE A 212 -12.42 -19.54 13.65
N GLU A 213 -12.80 -19.72 14.90
CA GLU A 213 -14.18 -19.83 15.31
C GLU A 213 -14.92 -18.64 14.77
N PRO A 214 -16.05 -18.80 14.11
CA PRO A 214 -16.81 -17.71 13.58
C PRO A 214 -17.36 -16.88 14.72
N ILE A 215 -17.40 -15.58 14.54
CA ILE A 215 -17.98 -14.67 15.51
C ILE A 215 -18.89 -13.85 14.64
N PRO A 216 -19.88 -13.14 15.14
CA PRO A 216 -20.68 -12.27 14.32
C PRO A 216 -19.82 -11.21 13.64
N ILE A 217 -20.08 -11.04 12.36
CA ILE A 217 -19.45 -10.08 11.47
C ILE A 217 -20.46 -9.10 10.94
N HIS A 218 -20.18 -7.82 11.02
CA HIS A 218 -21.11 -6.87 10.46
C HIS A 218 -20.49 -6.15 9.29
N TYR A 219 -21.17 -6.12 8.16
CA TYR A 219 -20.62 -5.37 7.04
C TYR A 219 -21.23 -3.99 7.08
N CYS A 220 -20.39 -2.95 6.87
CA CYS A 220 -20.80 -1.55 6.98
C CYS A 220 -20.48 -0.78 5.71
N ALA A 221 -21.41 0.08 5.31
CA ALA A 221 -21.17 0.89 4.14
C ALA A 221 -20.16 1.97 4.47
N PRO A 222 -19.25 2.31 3.56
CA PRO A 222 -18.36 3.42 3.68
C PRO A 222 -19.20 4.63 3.45
N ALA A 223 -18.76 5.76 3.92
CA ALA A 223 -19.50 6.98 3.68
C ALA A 223 -19.74 7.20 2.20
N GLY A 224 -20.95 7.65 1.89
CA GLY A 224 -21.40 7.90 0.53
C GLY A 224 -22.30 6.79 0.04
N PHE A 225 -22.33 5.71 0.78
CA PHE A 225 -23.12 4.54 0.50
C PHE A 225 -24.05 4.22 1.64
N ALA A 226 -25.07 3.47 1.32
CA ALA A 226 -26.01 3.04 2.33
C ALA A 226 -26.45 1.64 2.05
N ILE A 227 -26.92 0.93 3.07
CA ILE A 227 -27.41 -0.41 2.85
C ILE A 227 -28.91 -0.48 3.06
N LEU A 228 -29.60 -1.00 2.08
CA LEU A 228 -31.02 -1.13 2.19
C LEU A 228 -31.36 -2.53 2.63
N LYS A 229 -32.14 -2.63 3.69
CA LYS A 229 -32.53 -3.90 4.26
C LYS A 229 -34.00 -4.22 3.99
N CYS A 230 -34.30 -5.42 3.45
CA CYS A 230 -35.65 -5.90 3.17
C CYS A 230 -36.22 -6.61 4.39
N LYS A 231 -37.36 -6.14 4.85
CA LYS A 231 -38.05 -6.66 6.01
C LYS A 231 -39.22 -7.56 5.65
N ASP A 232 -39.38 -7.85 4.38
CA ASP A 232 -40.52 -8.66 3.97
C ASP A 232 -40.26 -10.13 4.27
N LYS A 233 -41.05 -10.66 5.20
CA LYS A 233 -40.92 -12.02 5.73
C LYS A 233 -41.18 -13.09 4.69
N LYS A 234 -41.85 -12.71 3.60
CA LYS A 234 -42.19 -13.63 2.53
C LYS A 234 -41.21 -13.51 1.38
N PHE A 235 -40.20 -12.66 1.51
CA PHE A 235 -39.31 -12.44 0.40
C PHE A 235 -38.53 -13.70 0.02
N ASN A 236 -38.60 -14.06 -1.28
CA ASN A 236 -38.01 -15.26 -1.88
C ASN A 236 -36.61 -15.02 -2.51
N GLY A 237 -36.00 -13.86 -2.29
CA GLY A 237 -34.67 -13.48 -2.77
C GLY A 237 -34.69 -12.66 -4.05
N THR A 238 -35.79 -12.64 -4.80
CA THR A 238 -35.75 -11.85 -6.02
C THR A 238 -37.00 -10.99 -6.21
N GLY A 239 -36.80 -9.74 -6.59
CA GLY A 239 -37.90 -8.85 -6.94
C GLY A 239 -38.15 -7.77 -5.92
N PRO A 240 -39.21 -6.97 -6.12
CA PRO A 240 -39.61 -5.83 -5.33
C PRO A 240 -39.89 -6.21 -3.88
N CYS A 241 -39.51 -5.32 -2.96
CA CYS A 241 -39.70 -5.41 -1.51
C CYS A 241 -40.24 -4.04 -1.11
N THR A 242 -41.36 -4.05 -0.39
CA THR A 242 -42.06 -2.83 0.02
C THR A 242 -41.93 -2.40 1.49
N ASN A 243 -41.08 -3.10 2.24
CA ASN A 243 -40.88 -2.75 3.68
C ASN A 243 -39.37 -2.65 3.96
N VAL A 244 -38.79 -1.54 3.55
CA VAL A 244 -37.34 -1.29 3.44
C VAL A 244 -36.85 -0.23 4.39
N SER A 245 -35.78 -0.54 5.10
CA SER A 245 -35.14 0.44 5.97
C SER A 245 -33.71 0.66 5.57
N THR A 246 -33.16 1.78 5.96
CA THR A 246 -31.76 2.04 5.68
C THR A 246 -30.93 1.84 6.91
N VAL A 247 -29.85 1.11 6.76
CA VAL A 247 -28.94 0.87 7.86
C VAL A 247 -27.53 1.21 7.46
N GLN A 248 -26.68 1.42 8.46
CA GLN A 248 -25.27 1.62 8.15
C GLN A 248 -24.52 0.29 8.07
N CYS A 249 -24.86 -0.66 8.98
CA CYS A 249 -24.24 -1.97 9.15
C CYS A 249 -25.33 -3.04 9.09
N THR A 250 -24.96 -4.20 8.59
CA THR A 250 -25.85 -5.34 8.48
C THR A 250 -25.99 -6.05 9.79
N HIS A 251 -26.93 -6.97 9.81
CA HIS A 251 -27.16 -7.88 10.90
C HIS A 251 -25.90 -8.68 10.96
N GLY A 252 -25.48 -9.08 12.14
CA GLY A 252 -24.25 -9.85 12.14
C GLY A 252 -24.47 -11.17 11.42
N ILE A 253 -23.46 -11.57 10.68
CA ILE A 253 -23.47 -12.82 9.94
C ILE A 253 -22.37 -13.68 10.48
N LYS A 254 -22.62 -14.95 10.71
CA LYS A 254 -21.51 -15.77 11.15
C LYS A 254 -20.91 -16.43 9.93
N PRO A 255 -19.61 -16.29 9.68
CA PRO A 255 -18.90 -16.82 8.53
C PRO A 255 -18.61 -18.29 8.69
N VAL A 256 -19.66 -19.06 8.72
CA VAL A 256 -19.61 -20.49 8.87
C VAL A 256 -19.40 -21.10 7.52
N VAL A 257 -18.52 -22.08 7.45
CA VAL A 257 -18.25 -22.75 6.19
C VAL A 257 -18.66 -24.21 6.28
N SER A 258 -19.52 -24.62 5.38
CA SER A 258 -20.03 -25.98 5.32
C SER A 258 -20.45 -26.34 3.90
N THR A 259 -20.65 -27.64 3.63
CA THR A 259 -21.08 -27.98 2.25
C THR A 259 -22.48 -28.52 1.96
N GLN A 260 -23.20 -29.14 2.90
CA GLN A 260 -24.52 -29.65 2.46
C GLN A 260 -25.61 -29.05 3.28
N LEU A 261 -25.37 -28.96 4.56
CA LEU A 261 -26.33 -28.35 5.43
C LEU A 261 -25.77 -27.00 5.77
N LEU A 262 -26.61 -26.04 5.98
CA LEU A 262 -26.16 -24.73 6.38
C LEU A 262 -26.30 -24.67 7.86
N LEU A 263 -25.20 -24.41 8.53
CA LEU A 263 -25.24 -24.41 9.97
C LEU A 263 -25.14 -22.99 10.55
N ASN A 264 -25.71 -22.84 11.75
CA ASN A 264 -25.71 -21.59 12.54
C ASN A 264 -25.97 -20.37 11.65
N GLY A 265 -27.12 -20.34 10.97
CA GLY A 265 -27.62 -19.18 10.24
C GLY A 265 -28.87 -18.62 10.88
N SER A 266 -29.53 -17.77 10.13
CA SER A 266 -30.74 -17.13 10.56
C SER A 266 -31.89 -18.04 10.25
N LEU A 267 -32.98 -17.89 10.96
CA LEU A 267 -34.16 -18.67 10.67
C LEU A 267 -35.19 -17.85 9.96
N ALA A 268 -36.02 -18.51 9.17
CA ALA A 268 -37.11 -17.84 8.48
C ALA A 268 -38.13 -17.40 9.53
N GLU A 269 -38.72 -16.24 9.36
CA GLU A 269 -39.66 -15.76 10.36
C GLU A 269 -40.98 -16.52 10.49
N GLU A 270 -41.58 -16.95 9.39
CA GLU A 270 -42.88 -17.61 9.47
C GLU A 270 -42.99 -19.02 8.91
N GLU A 271 -42.27 -19.30 7.84
CA GLU A 271 -42.41 -20.59 7.15
C GLU A 271 -41.11 -20.95 6.48
N VAL A 272 -40.97 -22.21 6.11
CA VAL A 272 -39.79 -22.63 5.38
C VAL A 272 -39.80 -21.98 4.00
N ILE A 273 -38.69 -21.39 3.60
CA ILE A 273 -38.65 -20.71 2.31
C ILE A 273 -37.71 -21.34 1.33
N ILE A 274 -38.23 -21.62 0.15
CA ILE A 274 -37.43 -22.22 -0.89
C ILE A 274 -36.93 -21.12 -1.81
N ARG A 275 -35.63 -20.86 -1.84
CA ARG A 275 -35.13 -19.77 -2.66
C ARG A 275 -34.19 -20.28 -3.74
N SER A 276 -34.41 -19.87 -4.95
CA SER A 276 -33.54 -20.33 -6.02
C SER A 276 -33.40 -19.29 -7.11
N GLU A 277 -32.37 -19.43 -7.93
CA GLU A 277 -32.24 -18.54 -9.08
C GLU A 277 -33.35 -18.82 -10.14
N ASN A 278 -33.70 -20.11 -10.32
CA ASN A 278 -34.71 -20.65 -11.24
C ASN A 278 -35.28 -21.90 -10.58
N ILE A 279 -36.43 -22.38 -11.06
CA ILE A 279 -37.08 -23.62 -10.62
C ILE A 279 -36.77 -24.73 -11.60
N THR A 280 -36.85 -24.38 -12.88
CA THR A 280 -36.68 -25.32 -13.97
C THR A 280 -35.24 -25.79 -14.15
N ASN A 281 -34.30 -24.91 -13.99
CA ASN A 281 -32.92 -25.24 -14.31
C ASN A 281 -32.32 -26.14 -13.22
N ASN A 282 -31.95 -27.37 -13.59
CA ASN A 282 -31.47 -28.31 -12.59
C ASN A 282 -29.97 -28.14 -12.36
N ALA A 283 -29.40 -27.13 -12.99
CA ALA A 283 -28.01 -26.79 -12.81
C ALA A 283 -27.87 -25.77 -11.69
N LYS A 284 -29.00 -25.34 -11.14
CA LYS A 284 -28.98 -24.34 -10.08
C LYS A 284 -29.29 -24.97 -8.74
N ASN A 285 -28.73 -24.39 -7.68
CA ASN A 285 -29.01 -24.89 -6.35
C ASN A 285 -30.23 -24.25 -5.76
N ILE A 286 -30.83 -24.95 -4.83
CA ILE A 286 -31.95 -24.47 -4.07
C ILE A 286 -31.51 -24.23 -2.64
N LEU A 287 -31.68 -23.03 -2.15
CA LEU A 287 -31.29 -22.74 -0.80
C LEU A 287 -32.53 -22.80 0.04
N VAL A 288 -32.58 -23.72 0.98
CA VAL A 288 -33.77 -23.88 1.79
C VAL A 288 -33.54 -23.34 3.17
N GLN A 289 -34.33 -22.35 3.55
CA GLN A 289 -34.19 -21.78 4.87
C GLN A 289 -35.29 -22.31 5.76
N LEU A 290 -34.93 -22.82 6.91
CA LEU A 290 -35.91 -23.37 7.82
C LEU A 290 -36.41 -22.30 8.76
N ASN A 291 -37.68 -22.38 9.25
CA ASN A 291 -38.22 -21.46 10.27
C ASN A 291 -37.87 -21.92 11.70
N GLU A 292 -38.00 -23.24 11.94
CA GLU A 292 -37.54 -23.92 13.19
C GLU A 292 -36.10 -24.40 12.96
N SER A 293 -35.53 -25.15 13.90
CA SER A 293 -34.14 -25.55 13.71
C SER A 293 -33.93 -26.99 14.11
N VAL A 294 -32.92 -27.63 13.52
CA VAL A 294 -32.63 -29.00 13.88
C VAL A 294 -31.29 -29.08 14.57
N GLN A 295 -31.27 -29.60 15.76
CA GLN A 295 -30.01 -29.67 16.47
C GLN A 295 -29.23 -30.90 16.05
N ILE A 296 -27.95 -30.69 15.77
CA ILE A 296 -27.04 -31.78 15.42
C ILE A 296 -25.84 -31.82 16.39
N ASN A 297 -25.59 -32.99 17.02
CA ASN A 297 -24.51 -33.23 17.98
C ASN A 297 -23.35 -34.00 17.34
N CYS A 298 -22.19 -33.35 17.14
CA CYS A 298 -21.02 -33.90 16.44
C CYS A 298 -19.90 -34.21 17.42
N THR A 299 -19.48 -35.46 17.44
CA THR A 299 -18.44 -35.86 18.37
C THR A 299 -17.33 -36.73 17.79
N ARG A 300 -16.11 -36.40 18.19
CA ARG A 300 -14.98 -37.30 17.90
C ARG A 300 -14.55 -37.94 19.21
N PRO A 301 -15.00 -39.20 19.46
CA PRO A 301 -14.93 -39.95 20.71
C PRO A 301 -13.55 -40.38 21.16
N ASN A 302 -12.57 -40.28 20.28
CA ASN A 302 -11.24 -40.75 20.61
C ASN A 302 -10.57 -39.73 21.50
N ASN A 303 -9.77 -40.17 22.50
CA ASN A 303 -8.98 -39.26 23.32
C ASN A 303 -7.61 -39.15 22.66
N ASN A 304 -6.91 -38.03 22.83
CA ASN A 304 -5.63 -37.77 22.14
C ASN A 304 -4.58 -37.21 23.02
N THR A 305 -3.35 -37.64 22.79
CA THR A 305 -2.21 -37.12 23.51
C THR A 305 -1.32 -36.43 22.51
N VAL A 306 -1.57 -35.16 22.31
CA VAL A 306 -0.87 -34.37 21.32
C VAL A 306 0.49 -33.98 21.81
N LYS A 307 1.48 -34.22 20.97
CA LYS A 307 2.86 -33.94 21.30
C LYS A 307 3.48 -33.00 20.31
N SER A 308 4.59 -32.36 20.69
CA SER A 308 5.25 -31.46 19.75
C SER A 308 6.75 -31.65 19.69
N ILE A 309 7.29 -31.34 18.51
CA ILE A 309 8.71 -31.44 18.18
C ILE A 309 9.22 -30.17 17.54
N ARG A 310 10.43 -29.72 17.86
CA ARG A 310 10.87 -28.59 17.08
C ARG A 310 11.29 -29.11 15.71
N ILE A 311 10.73 -28.52 14.68
CA ILE A 311 11.05 -28.86 13.31
C ILE A 311 12.24 -28.04 12.89
N GLY A 312 12.34 -26.86 13.49
CA GLY A 312 13.41 -25.94 13.15
C GLY A 312 13.62 -24.88 14.23
N PRO A 313 14.28 -23.78 13.92
CA PRO A 313 14.71 -22.76 14.84
C PRO A 313 13.59 -21.93 15.39
N GLY A 314 12.91 -22.48 16.40
CA GLY A 314 11.76 -21.85 17.02
C GLY A 314 10.47 -22.24 16.33
N GLN A 315 10.58 -23.23 15.48
CA GLN A 315 9.45 -23.69 14.71
C GLN A 315 8.93 -25.00 15.25
N TRP A 316 7.73 -24.99 15.81
CA TRP A 316 7.17 -26.21 16.38
C TRP A 316 6.16 -26.89 15.50
N PHE A 317 6.23 -28.20 15.48
CA PHE A 317 5.30 -29.08 14.80
C PHE A 317 4.48 -29.88 15.77
N TYR A 318 3.19 -29.95 15.53
CA TYR A 318 2.31 -30.73 16.40
C TYR A 318 1.82 -31.96 15.71
N TYR A 319 1.79 -33.07 16.44
CA TYR A 319 1.35 -34.30 15.84
C TYR A 319 0.46 -35.08 16.76
N THR A 320 -0.36 -35.92 16.16
CA THR A 320 -1.34 -36.67 16.91
C THR A 320 -0.74 -37.46 18.01
N GLY A 321 0.36 -38.13 17.75
CA GLY A 321 0.92 -38.93 18.82
C GLY A 321 -0.02 -40.07 19.00
N ASP A 322 -0.21 -40.55 20.24
CA ASP A 322 -1.07 -41.71 20.42
C ASP A 322 -2.53 -41.38 20.72
N ILE A 323 -3.33 -42.44 20.86
CA ILE A 323 -4.76 -42.40 21.19
C ILE A 323 -5.11 -43.21 22.41
N ILE A 324 -5.87 -42.58 23.27
CA ILE A 324 -6.32 -43.16 24.50
C ILE A 324 -7.74 -43.68 24.42
N GLY A 325 -7.90 -44.90 24.90
CA GLY A 325 -9.17 -45.58 24.88
C GLY A 325 -9.28 -46.35 23.59
N ASP A 326 -10.48 -46.74 23.23
CA ASP A 326 -10.72 -47.53 22.04
C ASP A 326 -10.63 -46.61 20.85
N ILE A 327 -10.34 -47.16 19.69
CA ILE A 327 -10.38 -46.38 18.48
C ILE A 327 -11.78 -46.51 17.94
N ARG A 328 -12.47 -45.39 17.88
CA ARG A 328 -13.86 -45.32 17.51
C ARG A 328 -14.13 -44.32 16.39
N GLN A 329 -15.22 -44.53 15.70
CA GLN A 329 -15.66 -43.68 14.61
C GLN A 329 -16.32 -42.39 15.07
N ALA A 330 -15.98 -41.28 14.42
CA ALA A 330 -16.64 -40.02 14.75
C ALA A 330 -18.07 -40.08 14.24
N HIS A 331 -18.99 -39.44 14.97
CA HIS A 331 -20.38 -39.46 14.54
C HIS A 331 -21.09 -38.13 14.69
N CYS A 332 -22.11 -37.93 13.86
CA CYS A 332 -23.00 -36.78 14.00
C CYS A 332 -24.43 -37.32 14.25
N ASN A 333 -25.09 -36.86 15.33
CA ASN A 333 -26.41 -37.27 15.82
C ASN A 333 -27.50 -36.23 15.55
N VAL A 334 -28.53 -36.63 14.76
CA VAL A 334 -29.70 -35.81 14.39
C VAL A 334 -30.96 -36.53 14.90
N SER A 335 -31.82 -35.87 15.66
CA SER A 335 -33.02 -36.59 16.15
C SER A 335 -33.88 -37.01 14.98
N LYS A 336 -34.33 -38.28 14.93
CA LYS A 336 -35.11 -38.70 13.79
C LYS A 336 -36.44 -38.00 13.65
N ALA A 337 -37.15 -37.83 14.76
CA ALA A 337 -38.45 -37.22 14.63
C ALA A 337 -38.35 -35.78 14.17
N THR A 338 -37.36 -35.07 14.69
CA THR A 338 -37.20 -33.68 14.34
C THR A 338 -36.85 -33.58 12.89
N TRP A 339 -35.93 -34.43 12.45
CA TRP A 339 -35.54 -34.42 11.07
C TRP A 339 -36.70 -34.72 10.14
N ASN A 340 -37.55 -35.76 10.43
CA ASN A 340 -38.68 -36.12 9.58
C ASN A 340 -39.70 -34.99 9.46
N GLU A 341 -39.97 -34.23 10.58
CA GLU A 341 -40.88 -33.08 10.56
C GLU A 341 -40.31 -31.95 9.73
N THR A 342 -39.00 -31.73 9.87
CA THR A 342 -38.32 -30.68 9.15
C THR A 342 -38.36 -30.96 7.69
N LEU A 343 -38.08 -32.19 7.32
CA LEU A 343 -38.04 -32.53 5.95
C LEU A 343 -39.45 -32.45 5.39
N GLY A 344 -40.47 -32.86 6.15
CA GLY A 344 -41.83 -32.78 5.67
C GLY A 344 -42.23 -31.34 5.35
N LYS A 345 -41.77 -30.38 6.17
CA LYS A 345 -42.06 -28.97 5.93
C LYS A 345 -41.43 -28.53 4.63
N VAL A 346 -40.21 -28.99 4.37
CA VAL A 346 -39.51 -28.65 3.14
C VAL A 346 -40.26 -29.23 1.96
N VAL A 347 -40.74 -30.44 2.10
CA VAL A 347 -41.47 -31.09 1.03
C VAL A 347 -42.72 -30.33 0.67
N LYS A 348 -43.49 -29.88 1.65
CA LYS A 348 -44.70 -29.12 1.33
C LYS A 348 -44.38 -27.84 0.58
N GLN A 349 -43.30 -27.18 0.97
CA GLN A 349 -42.96 -25.94 0.30
C GLN A 349 -42.43 -26.22 -1.10
N LEU A 350 -41.77 -27.35 -1.31
CA LEU A 350 -41.33 -27.70 -2.65
C LEU A 350 -42.57 -27.98 -3.52
N ARG A 351 -43.62 -28.59 -2.95
CA ARG A 351 -44.82 -28.89 -3.73
C ARG A 351 -45.39 -27.60 -4.34
N LYS A 352 -45.27 -26.49 -3.63
CA LYS A 352 -45.78 -25.24 -4.18
C LYS A 352 -45.15 -24.85 -5.52
N HIS A 353 -43.94 -25.35 -5.82
CA HIS A 353 -43.25 -25.02 -7.06
C HIS A 353 -43.31 -26.16 -8.07
N PHE A 354 -43.55 -27.39 -7.62
CA PHE A 354 -43.54 -28.53 -8.54
C PHE A 354 -44.88 -29.22 -8.79
N GLY A 355 -45.86 -28.94 -7.94
CA GLY A 355 -47.19 -29.55 -8.00
C GLY A 355 -47.46 -30.26 -6.67
N ASN A 356 -48.74 -30.42 -6.32
CA ASN A 356 -49.12 -31.03 -5.01
C ASN A 356 -49.82 -32.38 -5.21
N ASN A 357 -49.60 -33.00 -6.37
CA ASN A 357 -50.00 -34.37 -6.72
C ASN A 357 -48.78 -35.17 -7.10
N THR A 358 -47.63 -34.65 -6.70
CA THR A 358 -46.32 -35.18 -6.99
C THR A 358 -45.75 -36.09 -5.92
N ILE A 359 -44.64 -36.70 -6.28
CA ILE A 359 -43.86 -37.53 -5.41
C ILE A 359 -42.52 -36.87 -5.23
N ILE A 360 -42.13 -36.65 -4.00
CA ILE A 360 -40.87 -35.99 -3.74
C ILE A 360 -39.92 -36.93 -3.07
N ARG A 361 -38.84 -37.22 -3.77
CA ARG A 361 -37.87 -38.16 -3.29
C ARG A 361 -36.57 -37.49 -2.97
N PHE A 362 -35.94 -37.97 -1.94
CA PHE A 362 -34.64 -37.51 -1.58
C PHE A 362 -33.68 -38.64 -1.78
N ALA A 363 -32.48 -38.28 -2.16
CA ALA A 363 -31.42 -39.23 -2.38
C ALA A 363 -30.12 -38.57 -1.97
N ASN A 364 -29.06 -39.37 -1.78
CA ASN A 364 -27.72 -38.88 -1.41
C ASN A 364 -26.98 -38.37 -2.66
N SER A 365 -25.74 -37.83 -2.49
CA SER A 365 -24.92 -37.28 -3.58
C SER A 365 -24.58 -38.31 -4.65
N SER A 366 -24.50 -37.85 -5.88
CA SER A 366 -24.24 -38.70 -7.02
C SER A 366 -22.80 -39.18 -7.11
N GLY A 367 -21.90 -38.52 -6.41
CA GLY A 367 -20.50 -38.91 -6.48
C GLY A 367 -19.58 -37.70 -6.59
N GLY A 368 -18.28 -37.97 -6.69
CA GLY A 368 -17.29 -36.90 -6.75
C GLY A 368 -16.42 -36.91 -5.50
N ASP A 369 -15.64 -35.85 -5.34
CA ASP A 369 -14.68 -35.70 -4.26
C ASP A 369 -15.34 -35.62 -2.90
N LEU A 370 -14.61 -36.03 -1.85
CA LEU A 370 -15.10 -36.04 -0.48
C LEU A 370 -15.67 -34.69 -0.06
N GLU A 371 -15.02 -33.62 -0.49
CA GLU A 371 -15.40 -32.28 -0.14
C GLU A 371 -16.79 -31.87 -0.64
N VAL A 372 -17.33 -32.59 -1.60
CA VAL A 372 -18.65 -32.31 -2.14
C VAL A 372 -19.67 -33.38 -1.72
N THR A 373 -19.26 -34.65 -1.75
CA THR A 373 -20.19 -35.73 -1.48
C THR A 373 -20.56 -35.80 -0.02
N THR A 374 -19.72 -35.27 0.85
CA THR A 374 -20.04 -35.25 2.26
C THR A 374 -20.23 -33.84 2.73
N HIS A 375 -20.75 -33.76 3.93
CA HIS A 375 -20.98 -32.51 4.61
C HIS A 375 -19.79 -32.08 5.43
N SER A 376 -19.09 -31.08 4.93
CA SER A 376 -17.90 -30.59 5.57
C SER A 376 -18.29 -29.67 6.67
N PHE A 377 -17.60 -29.81 7.78
CA PHE A 377 -17.83 -29.07 8.99
C PHE A 377 -16.59 -28.86 9.87
N ASN A 378 -16.40 -27.64 10.37
CA ASN A 378 -15.27 -27.31 11.26
C ASN A 378 -15.71 -27.34 12.73
N CYS A 379 -15.24 -28.33 13.53
CA CYS A 379 -15.64 -28.59 14.91
C CYS A 379 -14.49 -28.38 15.89
N GLY A 380 -14.40 -27.21 16.49
CA GLY A 380 -13.34 -26.98 17.45
C GLY A 380 -11.97 -26.78 16.81
N GLY A 381 -11.95 -26.71 15.50
CA GLY A 381 -10.73 -26.61 14.74
C GLY A 381 -10.43 -27.92 14.01
N GLU A 382 -11.19 -28.97 14.31
CA GLU A 382 -11.01 -30.23 13.63
C GLU A 382 -11.87 -30.24 12.36
N PHE A 383 -11.45 -30.97 11.34
CA PHE A 383 -12.23 -31.00 10.09
C PHE A 383 -12.94 -32.32 9.82
N PHE A 384 -14.26 -32.23 9.87
CA PHE A 384 -15.21 -33.32 9.72
C PHE A 384 -15.78 -33.42 8.32
N TYR A 385 -15.96 -34.65 7.85
CA TYR A 385 -16.59 -34.99 6.57
C TYR A 385 -17.69 -36.01 6.78
N CYS A 386 -18.88 -35.53 7.07
CA CYS A 386 -20.00 -36.35 7.49
C CYS A 386 -20.83 -36.94 6.34
N ASN A 387 -21.14 -38.24 6.48
CA ASN A 387 -21.96 -39.02 5.51
C ASN A 387 -23.45 -38.81 5.85
N THR A 388 -24.15 -38.09 4.96
CA THR A 388 -25.54 -37.67 5.11
C THR A 388 -26.53 -38.58 4.42
N SER A 389 -26.09 -39.73 3.96
CA SER A 389 -27.03 -40.61 3.29
C SER A 389 -28.16 -41.02 4.21
N GLY A 390 -27.92 -41.04 5.52
CA GLY A 390 -28.94 -41.40 6.48
C GLY A 390 -30.02 -40.33 6.66
N LEU A 391 -29.77 -39.13 6.16
CA LEU A 391 -30.75 -38.05 6.28
C LEU A 391 -31.60 -37.91 5.02
N PHE A 392 -31.03 -38.25 3.88
CA PHE A 392 -31.71 -38.03 2.61
C PHE A 392 -32.21 -39.27 1.93
N ASN A 393 -32.29 -40.38 2.63
CA ASN A 393 -32.81 -41.61 2.06
C ASN A 393 -34.32 -41.75 2.29
N SER A 394 -35.16 -41.07 1.51
CA SER A 394 -36.60 -41.16 1.78
C SER A 394 -37.50 -40.77 0.62
N THR A 395 -38.75 -41.22 0.64
CA THR A 395 -39.72 -40.80 -0.36
C THR A 395 -41.01 -40.31 0.28
N TRP A 396 -41.48 -39.15 -0.16
CA TRP A 396 -42.71 -38.57 0.32
C TRP A 396 -43.75 -38.63 -0.79
N ILE A 397 -44.99 -38.94 -0.45
CA ILE A 397 -46.03 -39.00 -1.48
C ILE A 397 -47.24 -38.16 -1.06
N SER A 398 -48.13 -37.83 -2.02
CA SER A 398 -49.38 -37.09 -1.79
C SER A 398 -50.39 -37.99 -1.05
N SER A 410 -35.71 -45.05 22.89
CA SER A 410 -36.10 -43.84 23.59
C SER A 410 -36.18 -42.65 22.58
N ASN A 411 -35.05 -41.96 22.35
CA ASN A 411 -34.94 -40.79 21.46
C ASN A 411 -34.96 -41.14 19.98
N ASP A 412 -34.45 -42.32 19.63
CA ASP A 412 -34.38 -42.78 18.25
C ASP A 412 -33.69 -41.80 17.31
N SER A 413 -32.42 -41.53 17.57
CA SER A 413 -31.68 -40.62 16.72
C SER A 413 -31.17 -41.29 15.46
N ILE A 414 -30.78 -40.47 14.50
CA ILE A 414 -30.15 -40.88 13.28
C ILE A 414 -28.67 -40.71 13.45
N THR A 415 -27.90 -41.76 13.27
CA THR A 415 -26.47 -41.61 13.44
C THR A 415 -25.78 -41.60 12.10
N LEU A 416 -25.04 -40.55 11.87
CA LEU A 416 -24.31 -40.35 10.64
C LEU A 416 -22.82 -40.55 10.90
N PRO A 417 -22.14 -41.47 10.22
CA PRO A 417 -20.73 -41.69 10.43
C PRO A 417 -20.00 -40.51 9.86
N CYS A 418 -18.84 -40.20 10.40
CA CYS A 418 -18.04 -39.10 9.92
C CYS A 418 -16.55 -39.33 9.88
N ARG A 419 -15.92 -38.94 8.78
CA ARG A 419 -14.48 -39.06 8.64
C ARG A 419 -13.77 -37.79 9.08
N ILE A 420 -12.53 -37.94 9.49
CA ILE A 420 -11.69 -36.81 9.90
C ILE A 420 -10.51 -36.68 8.97
N LYS A 421 -10.18 -35.47 8.55
CA LYS A 421 -9.05 -35.27 7.65
C LYS A 421 -8.18 -34.11 8.12
N GLN A 422 -6.85 -34.32 8.27
CA GLN A 422 -5.99 -33.24 8.75
C GLN A 422 -5.39 -32.38 7.65
N ILE A 423 -5.30 -32.87 6.43
CA ILE A 423 -4.73 -32.02 5.38
C ILE A 423 -5.84 -31.54 4.49
N ILE A 424 -6.09 -30.24 4.54
CA ILE A 424 -7.24 -29.69 3.87
C ILE A 424 -6.91 -28.77 2.72
N ASN A 425 -7.49 -29.04 1.55
CA ASN A 425 -7.31 -28.17 0.39
C ASN A 425 -8.39 -27.10 0.47
N MET A 426 -8.22 -26.28 1.46
CA MET A 426 -9.19 -25.30 1.87
C MET A 426 -9.38 -24.23 0.83
N TRP A 427 -10.65 -23.91 0.61
CA TRP A 427 -11.14 -22.96 -0.37
C TRP A 427 -10.88 -23.37 -1.81
N GLN A 428 -10.58 -24.65 -2.02
CA GLN A 428 -10.40 -25.24 -3.33
C GLN A 428 -9.27 -24.64 -4.19
N ARG A 429 -8.16 -24.27 -3.58
CA ARG A 429 -7.03 -23.79 -4.34
C ARG A 429 -6.05 -24.93 -4.48
N ILE A 430 -5.81 -25.35 -5.70
CA ILE A 430 -4.95 -26.51 -5.91
C ILE A 430 -3.52 -26.33 -5.40
N GLY A 431 -3.00 -25.11 -5.41
CA GLY A 431 -1.62 -24.87 -5.01
C GLY A 431 -1.34 -24.74 -3.51
N GLN A 432 -2.33 -24.83 -2.64
CA GLN A 432 -2.04 -24.69 -1.21
C GLN A 432 -2.75 -25.73 -0.37
N ALA A 433 -2.16 -26.10 0.75
CA ALA A 433 -2.89 -26.94 1.68
C ALA A 433 -2.52 -26.60 3.09
N MET A 434 -3.47 -26.75 4.01
CA MET A 434 -3.14 -26.52 5.39
C MET A 434 -3.22 -27.77 6.21
N TYR A 435 -2.39 -27.84 7.22
CA TYR A 435 -2.42 -28.92 8.15
C TYR A 435 -3.13 -28.47 9.40
N ALA A 436 -4.16 -29.19 9.75
CA ALA A 436 -4.89 -28.87 10.94
C ALA A 436 -4.24 -29.62 12.07
N PRO A 437 -3.68 -28.98 13.08
CA PRO A 437 -3.01 -29.66 14.13
C PRO A 437 -4.12 -30.38 14.85
N PRO A 438 -3.84 -31.49 15.51
CA PRO A 438 -4.75 -32.25 16.31
C PRO A 438 -5.06 -31.52 17.58
N ILE A 439 -6.20 -31.85 18.15
CA ILE A 439 -6.65 -31.28 19.39
C ILE A 439 -6.59 -32.31 20.49
N GLN A 440 -5.97 -31.95 21.60
CA GLN A 440 -5.86 -32.84 22.74
C GLN A 440 -7.22 -33.13 23.33
N GLY A 441 -7.46 -34.37 23.72
CA GLY A 441 -8.76 -34.72 24.32
C GLY A 441 -9.86 -35.08 23.32
N VAL A 442 -11.08 -35.15 23.84
CA VAL A 442 -12.29 -35.57 23.12
C VAL A 442 -13.03 -34.33 22.64
N ILE A 443 -13.49 -34.33 21.40
CA ILE A 443 -14.13 -33.13 20.86
C ILE A 443 -15.62 -33.25 20.67
N ARG A 444 -16.38 -32.33 21.24
CA ARG A 444 -17.82 -32.32 21.00
C ARG A 444 -18.30 -30.91 20.65
N CYS A 445 -19.15 -30.81 19.60
CA CYS A 445 -19.79 -29.58 19.12
C CYS A 445 -21.30 -29.80 19.03
N VAL A 446 -22.03 -28.79 19.41
CA VAL A 446 -23.46 -28.82 19.22
C VAL A 446 -23.80 -27.64 18.35
N SER A 447 -24.43 -27.89 17.22
CA SER A 447 -24.74 -26.81 16.30
C SER A 447 -26.13 -26.95 15.73
N ASN A 448 -26.64 -25.86 15.10
CA ASN A 448 -27.98 -25.80 14.51
C ASN A 448 -27.95 -25.90 12.99
N ILE A 449 -28.84 -26.76 12.43
CA ILE A 449 -29.09 -26.84 11.00
C ILE A 449 -30.19 -25.84 10.76
N THR A 450 -29.84 -24.82 10.00
CA THR A 450 -30.73 -23.73 9.74
C THR A 450 -31.17 -23.78 8.30
N GLY A 451 -30.48 -24.58 7.50
CA GLY A 451 -30.87 -24.71 6.11
C GLY A 451 -30.22 -25.87 5.41
N LEU A 452 -30.62 -26.06 4.17
CA LEU A 452 -30.15 -27.13 3.30
C LEU A 452 -29.76 -26.62 1.94
N ILE A 453 -28.79 -27.26 1.28
CA ILE A 453 -28.62 -26.91 -0.13
C ILE A 453 -29.04 -28.12 -0.94
N LEU A 454 -30.09 -27.96 -1.71
CA LEU A 454 -30.58 -29.08 -2.49
C LEU A 454 -30.34 -28.88 -3.96
N THR A 455 -30.14 -29.96 -4.67
CA THR A 455 -30.02 -29.91 -6.11
C THR A 455 -31.16 -30.70 -6.68
N ARG A 456 -31.92 -30.13 -7.59
CA ARG A 456 -32.98 -30.91 -8.19
C ARG A 456 -32.24 -31.78 -9.16
N ASP A 457 -32.52 -33.06 -9.18
CA ASP A 457 -31.78 -33.96 -10.05
C ASP A 457 -32.15 -33.70 -11.52
N GLY A 458 -33.41 -33.35 -11.75
CA GLY A 458 -33.90 -33.08 -13.08
C GLY A 458 -34.27 -34.34 -13.84
N GLY A 459 -34.44 -34.19 -15.15
CA GLY A 459 -34.86 -35.24 -16.06
C GLY A 459 -36.30 -35.04 -16.50
N SER A 460 -36.52 -34.96 -17.81
CA SER A 460 -37.85 -34.73 -18.36
C SER A 460 -38.64 -36.01 -18.48
N THR A 461 -38.97 -36.59 -17.33
CA THR A 461 -39.66 -37.86 -17.30
C THR A 461 -41.16 -37.72 -17.23
N ASN A 462 -41.60 -36.60 -16.67
CA ASN A 462 -43.00 -36.26 -16.45
C ASN A 462 -43.71 -37.31 -15.60
N SER A 463 -42.94 -37.99 -14.75
CA SER A 463 -43.43 -39.04 -13.86
C SER A 463 -43.94 -38.49 -12.55
N THR A 464 -43.63 -37.22 -12.33
CA THR A 464 -43.86 -36.39 -11.13
C THR A 464 -42.91 -36.71 -9.99
N THR A 465 -42.02 -37.71 -10.14
CA THR A 465 -41.13 -38.11 -9.08
C THR A 465 -39.90 -37.23 -9.03
N GLU A 466 -40.09 -36.00 -8.58
CA GLU A 466 -38.99 -35.07 -8.50
C GLU A 466 -38.03 -35.64 -7.48
N THR A 467 -36.75 -35.56 -7.75
CA THR A 467 -35.74 -36.07 -6.83
C THR A 467 -34.78 -34.96 -6.49
N PHE A 468 -34.45 -34.85 -5.20
CA PHE A 468 -33.52 -33.85 -4.73
C PHE A 468 -32.35 -34.49 -4.01
N ARG A 469 -31.17 -33.89 -4.15
CA ARG A 469 -29.99 -34.41 -3.48
C ARG A 469 -29.28 -33.32 -2.70
N PRO A 470 -28.57 -33.64 -1.62
CA PRO A 470 -27.78 -32.75 -0.83
C PRO A 470 -26.48 -32.50 -1.54
N GLY A 471 -26.55 -31.76 -2.60
CA GLY A 471 -25.39 -31.52 -3.44
C GLY A 471 -24.62 -30.35 -2.91
N GLY A 472 -25.01 -29.16 -3.28
CA GLY A 472 -24.32 -28.00 -2.76
C GLY A 472 -22.87 -28.04 -3.15
N GLY A 473 -21.99 -27.85 -2.17
CA GLY A 473 -20.56 -27.88 -2.42
C GLY A 473 -19.97 -26.52 -2.74
N ASP A 474 -20.83 -25.53 -2.98
CA ASP A 474 -20.37 -24.18 -3.27
C ASP A 474 -20.08 -23.53 -1.95
N MET A 475 -19.28 -22.50 -1.95
CA MET A 475 -18.95 -21.83 -0.71
C MET A 475 -19.66 -20.50 -0.58
N ARG A 476 -20.18 -19.96 -1.69
CA ARG A 476 -20.85 -18.67 -1.64
C ARG A 476 -22.28 -18.77 -1.13
N ASP A 477 -22.90 -19.92 -1.35
CA ASP A 477 -24.29 -20.17 -1.01
C ASP A 477 -24.57 -20.01 0.46
N ASN A 478 -23.56 -20.27 1.27
CA ASN A 478 -23.69 -20.20 2.70
C ASN A 478 -23.91 -18.80 3.20
N TRP A 479 -23.48 -17.81 2.43
CA TRP A 479 -23.63 -16.44 2.87
C TRP A 479 -24.70 -15.79 2.05
N ARG A 480 -24.92 -16.30 0.85
CA ARG A 480 -25.95 -15.76 0.02
C ARG A 480 -27.28 -15.86 0.72
N SER A 481 -27.48 -16.96 1.44
CA SER A 481 -28.69 -17.23 2.18
C SER A 481 -28.89 -16.33 3.41
N GLU A 482 -27.85 -15.61 3.82
CA GLU A 482 -27.89 -14.71 4.97
C GLU A 482 -27.93 -13.24 4.57
N LEU A 483 -27.27 -12.91 3.48
CA LEU A 483 -27.14 -11.54 3.02
C LEU A 483 -28.23 -11.15 2.05
N TYR A 484 -29.20 -12.03 1.83
CA TYR A 484 -30.28 -11.83 0.88
C TYR A 484 -31.14 -10.62 1.18
N LYS A 485 -31.13 -10.19 2.42
CA LYS A 485 -31.93 -9.05 2.78
C LYS A 485 -31.24 -7.74 2.50
N TYR A 486 -29.99 -7.77 2.06
CA TYR A 486 -29.31 -6.50 1.90
C TYR A 486 -28.91 -6.14 0.50
N LYS A 487 -28.97 -4.85 0.21
CA LYS A 487 -28.50 -4.31 -1.05
C LYS A 487 -27.64 -3.06 -0.82
N VAL A 488 -26.58 -2.91 -1.61
CA VAL A 488 -25.75 -1.71 -1.49
C VAL A 488 -26.14 -0.67 -2.52
N VAL A 489 -26.42 0.53 -2.02
CA VAL A 489 -26.85 1.62 -2.87
C VAL A 489 -25.95 2.84 -2.70
N LYS A 490 -25.61 3.48 -3.81
CA LYS A 490 -24.80 4.68 -3.81
C LYS A 490 -25.72 5.86 -3.78
N ILE A 491 -25.38 6.86 -3.01
CA ILE A 491 -26.24 8.02 -2.94
C ILE A 491 -25.68 9.09 -3.86
N GLU A 492 -26.52 9.63 -4.74
CA GLU A 492 -26.10 10.67 -5.68
C GLU A 492 -26.97 11.90 -5.55
N PRO A 493 -26.76 12.73 -4.53
CA PRO A 493 -27.64 13.80 -4.15
C PRO A 493 -27.52 15.07 -4.96
N LEU A 494 -27.70 14.97 -6.26
CA LEU A 494 -27.69 16.15 -7.10
C LEU A 494 -28.63 15.95 -8.25
N GLY A 495 -29.54 16.87 -8.45
CA GLY A 495 -30.46 16.73 -9.55
C GLY A 495 -31.24 17.98 -9.82
N VAL A 496 -32.09 17.93 -10.82
CA VAL A 496 -32.85 19.09 -11.21
C VAL A 496 -34.32 18.81 -11.33
N ALA A 497 -35.11 19.87 -11.32
CA ALA A 497 -36.55 19.82 -11.53
C ALA A 497 -37.01 21.21 -11.96
N PRO A 498 -38.14 21.39 -12.68
CA PRO A 498 -38.71 22.67 -13.01
C PRO A 498 -39.38 23.35 -11.82
N THR A 499 -39.32 24.68 -11.79
CA THR A 499 -40.02 25.53 -10.82
C THR A 499 -40.49 26.82 -11.51
N ARG A 500 -41.06 27.72 -10.74
CA ARG A 500 -41.49 29.01 -11.26
C ARG A 500 -40.48 30.11 -10.98
N CYS A 501 -39.30 29.74 -10.51
CA CYS A 501 -38.32 30.73 -10.12
C CYS A 501 -37.17 30.88 -11.10
N LYS A 502 -36.92 32.10 -11.52
CA LYS A 502 -35.79 32.36 -12.40
C LYS A 502 -34.78 33.16 -11.59
N ARG A 503 -33.50 32.88 -11.75
CA ARG A 503 -32.50 33.64 -11.01
C ARG A 503 -32.40 35.03 -11.59
N ARG A 504 -32.11 36.00 -10.74
CA ARG A 504 -31.89 37.36 -11.23
C ARG A 504 -30.61 37.41 -12.06
N VAL A 505 -30.64 38.12 -13.21
CA VAL A 505 -29.52 38.31 -14.12
C VAL A 505 -29.62 39.76 -14.62
N LEU B 1 -37.09 13.34 9.81
CA LEU B 1 -37.23 12.01 9.22
C LEU B 1 -35.92 11.16 9.28
N GLY B 2 -34.74 11.83 9.30
CA GLY B 2 -33.41 11.20 9.33
C GLY B 2 -32.85 11.00 7.93
N PHE B 3 -31.63 10.48 7.84
CA PHE B 3 -31.00 10.32 6.53
C PHE B 3 -31.81 9.42 5.63
N LEU B 4 -32.17 9.97 4.46
CA LEU B 4 -32.99 9.32 3.45
C LEU B 4 -34.38 8.98 3.94
N GLY B 5 -34.82 9.54 5.05
CA GLY B 5 -36.14 9.25 5.56
C GLY B 5 -37.20 9.84 4.65
N ALA B 6 -36.77 10.76 3.83
CA ALA B 6 -37.57 11.45 2.85
C ALA B 6 -37.58 10.74 1.52
N ALA B 7 -36.91 9.62 1.39
CA ALA B 7 -36.79 8.98 0.08
C ALA B 7 -38.14 8.68 -0.56
N GLY B 8 -39.14 8.30 0.21
CA GLY B 8 -40.45 8.02 -0.38
C GLY B 8 -41.41 9.20 -0.31
N SER B 9 -40.94 10.33 0.19
CA SER B 9 -41.81 11.48 0.36
C SER B 9 -41.85 12.20 -0.96
N THR B 10 -42.75 13.16 -1.09
CA THR B 10 -42.83 13.85 -2.36
C THR B 10 -41.65 14.77 -2.53
N MET B 11 -41.45 15.18 -3.76
CA MET B 11 -40.33 16.05 -4.06
C MET B 11 -40.38 17.32 -3.28
N GLY B 12 -41.58 17.84 -3.07
CA GLY B 12 -41.78 19.06 -2.32
C GLY B 12 -41.39 18.84 -0.87
N ALA B 13 -41.92 17.80 -0.26
CA ALA B 13 -41.65 17.54 1.15
C ALA B 13 -40.18 17.35 1.43
N ALA B 14 -39.51 16.70 0.50
CA ALA B 14 -38.12 16.34 0.58
C ALA B 14 -37.19 17.54 0.59
N SER B 15 -37.67 18.70 0.21
CA SER B 15 -36.78 19.84 0.20
C SER B 15 -36.34 20.21 1.61
N MET B 16 -37.09 19.78 2.61
CA MET B 16 -36.71 20.18 3.95
C MET B 16 -35.67 19.28 4.59
N THR B 17 -35.21 18.25 3.88
CA THR B 17 -34.19 17.40 4.43
C THR B 17 -32.92 17.52 3.59
N LEU B 18 -32.83 18.53 2.74
CA LEU B 18 -31.65 18.62 1.89
C LEU B 18 -30.38 18.75 2.72
N THR B 19 -30.44 19.39 3.87
CA THR B 19 -29.25 19.51 4.70
C THR B 19 -28.84 18.20 5.32
N VAL B 20 -29.78 17.26 5.46
CA VAL B 20 -29.53 15.99 6.09
C VAL B 20 -28.72 15.11 5.17
N GLN B 21 -29.11 15.07 3.91
CA GLN B 21 -28.35 14.24 3.01
C GLN B 21 -27.09 14.95 2.58
N ALA B 22 -27.16 16.25 2.33
CA ALA B 22 -26.01 16.96 1.81
C ALA B 22 -24.81 16.88 2.72
N ARG B 23 -25.03 16.96 4.04
CA ARG B 23 -23.92 16.93 4.98
C ARG B 23 -23.41 15.54 5.27
N ASN B 24 -24.14 14.52 4.82
CA ASN B 24 -23.83 13.17 5.24
C ASN B 24 -22.57 12.61 4.66
N LEU B 25 -22.15 13.03 3.47
CA LEU B 25 -20.96 12.40 2.95
C LEU B 25 -19.73 12.74 3.76
N LEU B 26 -19.46 14.00 4.04
CA LEU B 26 -18.25 14.25 4.80
C LEU B 26 -18.40 13.96 6.27
N SER B 27 -19.58 14.15 6.89
CA SER B 27 -19.62 13.85 8.32
C SER B 27 -19.50 12.35 8.48
N GLY B 28 -19.97 11.61 7.47
CA GLY B 28 -19.90 10.17 7.43
C GLY B 28 -18.45 9.74 7.33
N ILE B 29 -17.69 10.37 6.43
CA ILE B 29 -16.31 9.99 6.23
C ILE B 29 -15.53 10.23 7.50
N VAL B 30 -15.74 11.39 8.10
CA VAL B 30 -15.02 11.74 9.29
C VAL B 30 -15.41 10.89 10.48
N GLN B 31 -16.69 10.62 10.72
CA GLN B 31 -17.02 9.83 11.89
C GLN B 31 -16.48 8.40 11.76
N GLN B 32 -16.50 7.83 10.56
CA GLN B 32 -16.00 6.48 10.42
C GLN B 32 -14.52 6.45 10.71
N GLN B 33 -13.80 7.47 10.24
CA GLN B 33 -12.38 7.51 10.50
C GLN B 33 -12.10 7.76 11.98
N SER B 34 -12.92 8.57 12.65
CA SER B 34 -12.69 8.82 14.07
C SER B 34 -12.80 7.52 14.85
N ASN B 35 -13.70 6.62 14.45
CA ASN B 35 -13.78 5.34 15.14
C ASN B 35 -12.60 4.43 14.79
N LEU B 36 -12.13 4.48 13.54
CA LEU B 36 -11.00 3.64 13.12
C LEU B 36 -9.74 4.06 13.89
N LEU B 37 -9.62 5.36 14.14
CA LEU B 37 -8.47 5.96 14.80
C LEU B 37 -8.44 5.72 16.30
N ARG B 38 -9.45 5.04 16.85
CA ARG B 38 -9.45 4.69 18.27
C ARG B 38 -8.36 3.64 18.47
N ALA B 39 -7.97 3.03 17.35
CA ALA B 39 -6.95 2.03 17.24
C ALA B 39 -7.03 0.89 18.22
N PRO B 40 -8.14 0.12 18.29
CA PRO B 40 -8.26 -1.09 19.07
C PRO B 40 -7.58 -2.17 18.23
N GLU B 41 -6.27 -1.98 18.06
CA GLU B 41 -5.40 -2.71 17.14
C GLU B 41 -5.70 -2.44 15.63
N CYS B 42 -6.52 -1.39 15.30
CA CYS B 42 -6.85 -0.98 13.94
C CYS B 42 -5.75 -0.22 13.28
N GLN B 43 -5.01 0.59 14.00
CA GLN B 43 -4.00 1.34 13.31
C GLN B 43 -2.95 0.34 12.87
N GLN B 44 -2.76 -0.68 13.70
CA GLN B 44 -1.78 -1.70 13.44
C GLN B 44 -2.23 -2.59 12.30
N HIS B 45 -3.52 -2.94 12.26
CA HIS B 45 -4.04 -3.76 11.18
C HIS B 45 -4.03 -2.99 9.87
N LEU B 46 -4.48 -1.74 9.91
CA LEU B 46 -4.57 -0.85 8.78
C LEU B 46 -3.24 -0.67 8.10
N LEU B 47 -2.18 -0.51 8.88
CA LEU B 47 -0.89 -0.32 8.29
C LEU B 47 -0.10 -1.61 8.02
N LYS B 48 -0.32 -2.68 8.81
CA LYS B 48 0.40 -3.92 8.60
C LYS B 48 -0.17 -4.70 7.43
N ASP B 49 -1.50 -4.82 7.37
CA ASP B 49 -2.11 -5.54 6.29
C ASP B 49 -2.25 -4.54 5.18
N THR B 50 -1.23 -4.46 4.34
CA THR B 50 -1.17 -3.45 3.32
C THR B 50 -2.23 -3.65 2.28
N HIS B 51 -2.66 -4.88 2.06
CA HIS B 51 -3.73 -5.12 1.11
C HIS B 51 -5.00 -4.48 1.65
N TRP B 52 -5.33 -4.77 2.90
CA TRP B 52 -6.54 -4.19 3.46
C TRP B 52 -6.42 -2.68 3.55
N GLY B 53 -5.26 -2.19 3.94
CA GLY B 53 -5.05 -0.78 4.08
C GLY B 53 -5.27 -0.03 2.78
N ILE B 54 -4.82 -0.56 1.64
CA ILE B 54 -5.09 0.17 0.42
C ILE B 54 -6.55 0.04 0.03
N LYS B 55 -7.23 -1.05 0.36
CA LYS B 55 -8.67 -1.06 0.07
C LYS B 55 -9.36 0.10 0.79
N GLN B 56 -8.95 0.38 2.03
CA GLN B 56 -9.57 1.49 2.75
C GLN B 56 -9.18 2.85 2.17
N LEU B 57 -7.94 3.01 1.73
CA LEU B 57 -7.57 4.29 1.15
C LEU B 57 -8.31 4.48 -0.15
N GLN B 58 -8.52 3.40 -0.88
CA GLN B 58 -9.20 3.47 -2.14
C GLN B 58 -10.63 3.93 -1.93
N ALA B 59 -11.28 3.41 -0.89
CA ALA B 59 -12.64 3.81 -0.62
C ALA B 59 -12.76 5.26 -0.23
N ARG B 60 -11.81 5.74 0.56
CA ARG B 60 -11.87 7.12 1.01
C ARG B 60 -11.52 8.10 -0.06
N VAL B 61 -10.54 7.79 -0.90
CA VAL B 61 -10.20 8.70 -1.95
C VAL B 61 -11.37 8.81 -2.89
N LEU B 62 -12.01 7.69 -3.21
CA LEU B 62 -13.14 7.74 -4.10
C LEU B 62 -14.29 8.55 -3.50
N ALA B 63 -14.58 8.39 -2.21
CA ALA B 63 -15.66 9.16 -1.62
C ALA B 63 -15.39 10.66 -1.71
N VAL B 64 -14.14 11.05 -1.52
CA VAL B 64 -13.77 12.45 -1.64
C VAL B 64 -13.90 12.94 -3.05
N GLU B 65 -13.48 12.15 -4.02
CA GLU B 65 -13.59 12.57 -5.40
C GLU B 65 -15.04 12.78 -5.79
N HIS B 66 -15.96 11.95 -5.31
CA HIS B 66 -17.35 12.19 -5.66
C HIS B 66 -17.86 13.45 -5.00
N TYR B 67 -17.45 13.73 -3.77
CA TYR B 67 -17.90 14.96 -3.17
C TYR B 67 -17.46 16.13 -3.99
N LEU B 68 -16.19 16.15 -4.37
CA LEU B 68 -15.67 17.26 -5.11
C LEU B 68 -16.27 17.37 -6.48
N ARG B 69 -16.57 16.26 -7.13
CA ARG B 69 -17.18 16.33 -8.43
C ARG B 69 -18.45 17.14 -8.38
N ASP B 70 -19.29 16.85 -7.40
CA ASP B 70 -20.55 17.54 -7.35
C ASP B 70 -20.37 18.97 -6.95
N GLN B 71 -19.42 19.24 -6.07
CA GLN B 71 -19.23 20.62 -5.69
C GLN B 71 -18.70 21.42 -6.85
N GLN B 72 -17.86 20.83 -7.68
CA GLN B 72 -17.36 21.59 -8.79
C GLN B 72 -18.48 21.85 -9.77
N LEU B 73 -19.39 20.90 -9.99
CA LEU B 73 -20.46 21.21 -10.92
C LEU B 73 -21.28 22.36 -10.41
N LEU B 74 -21.54 22.40 -9.11
CA LEU B 74 -22.30 23.49 -8.60
C LEU B 74 -21.52 24.77 -8.78
N GLY B 75 -20.21 24.74 -8.61
CA GLY B 75 -19.38 25.92 -8.81
C GLY B 75 -19.50 26.47 -10.22
N ILE B 76 -19.39 25.59 -11.21
CA ILE B 76 -19.43 25.98 -12.60
C ILE B 76 -20.79 26.61 -12.91
N TRP B 77 -21.86 26.10 -12.33
CA TRP B 77 -23.21 26.61 -12.59
C TRP B 77 -23.58 27.85 -11.74
N GLY B 78 -22.69 28.29 -10.85
CA GLY B 78 -22.96 29.43 -9.99
C GLY B 78 -23.88 29.08 -8.83
N CYS B 79 -23.89 27.81 -8.46
CA CYS B 79 -24.75 27.26 -7.44
C CYS B 79 -24.03 26.75 -6.18
N SER B 80 -22.73 26.96 -6.06
CA SER B 80 -21.97 26.34 -4.96
C SER B 80 -22.30 26.74 -3.54
N GLY B 81 -22.86 27.89 -3.33
CA GLY B 81 -23.11 28.27 -1.94
C GLY B 81 -24.48 27.88 -1.42
N LYS B 82 -25.29 27.18 -2.22
CA LYS B 82 -26.64 26.89 -1.78
C LYS B 82 -27.10 25.47 -2.05
N LEU B 83 -28.11 25.04 -1.30
CA LEU B 83 -28.70 23.73 -1.55
C LEU B 83 -29.80 23.85 -2.58
N ILE B 84 -30.40 25.03 -2.68
CA ILE B 84 -31.43 25.27 -3.68
C ILE B 84 -30.99 26.40 -4.59
N CYS B 85 -30.90 26.16 -5.89
CA CYS B 85 -30.51 27.24 -6.80
C CYS B 85 -31.33 27.37 -8.04
N CYS B 86 -31.67 28.58 -8.36
CA CYS B 86 -32.39 28.84 -9.57
C CYS B 86 -31.37 29.17 -10.62
N THR B 87 -31.67 28.93 -11.87
CA THR B 87 -30.76 29.31 -12.94
C THR B 87 -31.46 30.17 -14.00
N ASN B 88 -30.82 30.30 -15.17
CA ASN B 88 -31.32 31.11 -16.26
C ASN B 88 -31.57 30.25 -17.50
N VAL B 89 -31.90 28.98 -17.28
CA VAL B 89 -32.18 28.01 -18.30
C VAL B 89 -33.63 27.59 -18.16
N PRO B 90 -34.48 27.72 -19.18
CA PRO B 90 -35.88 27.35 -19.19
C PRO B 90 -36.02 25.86 -19.21
N TRP B 91 -37.11 25.36 -18.68
CA TRP B 91 -37.40 23.95 -18.72
C TRP B 91 -37.96 23.55 -20.08
N ASN B 92 -37.47 22.43 -20.65
CA ASN B 92 -37.92 21.86 -21.91
C ASN B 92 -39.04 20.82 -21.69
N SER B 93 -40.17 20.96 -22.42
CA SER B 93 -41.30 20.03 -22.38
C SER B 93 -40.90 18.69 -22.98
N SER B 94 -39.79 18.68 -23.74
CA SER B 94 -39.28 17.44 -24.30
C SER B 94 -38.57 16.60 -23.25
N TRP B 95 -38.16 17.21 -22.12
CA TRP B 95 -37.50 16.45 -21.06
C TRP B 95 -38.60 15.81 -20.25
N SER B 96 -39.60 16.63 -19.96
CA SER B 96 -40.79 16.22 -19.23
C SER B 96 -41.91 17.18 -19.49
N ASN B 97 -43.06 16.65 -19.85
CA ASN B 97 -44.25 17.44 -20.10
C ASN B 97 -45.27 17.29 -18.98
N ARG B 98 -44.80 16.83 -17.83
CA ARG B 98 -45.64 16.64 -16.65
C ARG B 98 -45.97 18.01 -16.05
N ASN B 99 -47.17 18.16 -15.42
CA ASN B 99 -47.61 19.39 -14.75
C ASN B 99 -46.74 19.66 -13.51
N LEU B 100 -46.46 20.95 -13.22
CA LEU B 100 -45.65 21.35 -12.06
C LEU B 100 -46.26 20.90 -10.74
N SER B 101 -47.59 20.90 -10.69
CA SER B 101 -48.33 20.48 -9.52
C SER B 101 -48.23 18.98 -9.29
N GLU B 102 -47.86 18.22 -10.32
CA GLU B 102 -47.71 16.79 -10.14
C GLU B 102 -46.30 16.57 -9.63
N ILE B 103 -45.35 17.29 -10.22
CA ILE B 103 -43.94 17.11 -9.90
C ILE B 103 -43.65 17.38 -8.45
N TRP B 104 -44.23 18.43 -7.91
CA TRP B 104 -43.94 18.75 -6.53
C TRP B 104 -44.96 18.24 -5.51
N ASP B 105 -45.89 17.36 -5.92
CA ASP B 105 -46.93 16.90 -4.99
C ASP B 105 -47.25 15.39 -5.07
N ASN B 106 -47.29 14.81 -6.28
CA ASN B 106 -47.73 13.43 -6.45
C ASN B 106 -46.59 12.48 -6.81
N MET B 107 -45.36 12.95 -6.71
CA MET B 107 -44.20 12.16 -7.10
C MET B 107 -43.00 12.38 -6.19
N THR B 108 -42.17 11.34 -6.02
CA THR B 108 -40.96 11.35 -5.21
C THR B 108 -39.73 11.64 -6.08
N TRP B 109 -38.59 11.93 -5.43
CA TRP B 109 -37.36 12.19 -6.17
C TRP B 109 -36.81 10.98 -6.87
N LEU B 110 -37.04 9.79 -6.34
CA LEU B 110 -36.53 8.60 -7.00
C LEU B 110 -37.28 8.42 -8.31
N GLN B 111 -38.59 8.65 -8.29
CA GLN B 111 -39.39 8.47 -9.48
C GLN B 111 -39.04 9.49 -10.53
N TRP B 112 -38.85 10.73 -10.09
CA TRP B 112 -38.49 11.81 -10.98
C TRP B 112 -37.16 11.58 -11.62
N ASP B 113 -36.17 11.14 -10.84
CA ASP B 113 -34.88 10.95 -11.43
C ASP B 113 -34.97 9.93 -12.54
N LYS B 114 -35.78 8.88 -12.36
CA LYS B 114 -35.89 7.94 -13.44
C LYS B 114 -36.55 8.60 -14.66
N GLU B 115 -37.59 9.39 -14.42
CA GLU B 115 -38.35 10.04 -15.50
C GLU B 115 -37.50 10.92 -16.40
N ILE B 116 -36.52 11.62 -15.85
CA ILE B 116 -35.70 12.48 -16.67
C ILE B 116 -34.26 12.05 -16.74
N SER B 117 -33.98 10.78 -16.45
CA SER B 117 -32.60 10.32 -16.40
C SER B 117 -31.74 10.60 -17.65
N ASN B 118 -32.30 10.44 -18.87
CA ASN B 118 -31.58 10.57 -20.14
C ASN B 118 -31.27 12.04 -20.53
N TYR B 119 -31.75 13.03 -19.76
CA TYR B 119 -31.57 14.45 -20.05
C TYR B 119 -30.56 15.04 -19.09
N THR B 120 -29.98 14.23 -18.22
CA THR B 120 -29.08 14.80 -17.26
C THR B 120 -27.90 15.46 -17.93
N GLN B 121 -27.31 14.81 -18.92
CA GLN B 121 -26.13 15.38 -19.50
C GLN B 121 -26.41 16.67 -20.26
N ILE B 122 -27.56 16.76 -20.93
CA ILE B 122 -27.81 17.97 -21.68
C ILE B 122 -28.14 19.12 -20.76
N ILE B 123 -28.85 18.85 -19.68
CA ILE B 123 -29.20 19.92 -18.80
C ILE B 123 -27.95 20.48 -18.21
N TYR B 124 -27.03 19.62 -17.80
CA TYR B 124 -25.82 20.12 -17.21
C TYR B 124 -25.02 20.95 -18.20
N GLY B 125 -24.94 20.53 -19.47
CA GLY B 125 -24.19 21.33 -20.42
C GLY B 125 -24.79 22.73 -20.61
N LEU B 126 -26.12 22.81 -20.62
CA LEU B 126 -26.80 24.09 -20.78
C LEU B 126 -26.51 25.00 -19.59
N LEU B 127 -26.46 24.42 -18.40
CA LEU B 127 -26.21 25.22 -17.22
C LEU B 127 -24.81 25.80 -17.26
N GLU B 128 -23.83 25.01 -17.72
CA GLU B 128 -22.45 25.49 -17.76
C GLU B 128 -22.27 26.66 -18.71
N GLU B 129 -22.93 26.58 -19.87
CA GLU B 129 -22.78 27.64 -20.85
C GLU B 129 -23.48 28.90 -20.41
N SER B 130 -24.66 28.76 -19.82
CA SER B 130 -25.40 29.93 -19.41
C SER B 130 -24.62 30.68 -18.34
N GLN B 131 -24.03 29.95 -17.39
CA GLN B 131 -23.30 30.63 -16.35
C GLN B 131 -22.09 31.36 -16.87
N ASN B 132 -21.38 30.78 -17.84
CA ASN B 132 -20.21 31.49 -18.31
C ASN B 132 -20.59 32.79 -18.99
N GLN B 133 -21.70 32.78 -19.73
CA GLN B 133 -22.13 33.98 -20.41
C GLN B 133 -22.50 35.05 -19.40
N GLN B 134 -23.16 34.66 -18.32
CA GLN B 134 -23.55 35.61 -17.31
C GLN B 134 -22.36 36.24 -16.62
N GLU B 135 -21.32 35.47 -16.35
CA GLU B 135 -20.17 36.05 -15.69
C GLU B 135 -19.48 37.05 -16.59
N LYS B 136 -19.40 36.77 -17.89
CA LYS B 136 -18.81 37.72 -18.80
C LYS B 136 -19.62 38.99 -18.82
N ASN B 137 -20.95 38.87 -18.81
CA ASN B 137 -21.75 40.08 -18.88
C ASN B 137 -21.50 40.95 -17.67
N GLU B 138 -21.36 40.34 -16.48
CA GLU B 138 -21.09 41.16 -15.31
C GLU B 138 -19.75 41.86 -15.40
N GLN B 139 -18.71 41.15 -15.88
CA GLN B 139 -17.41 41.78 -15.99
C GLN B 139 -17.48 42.99 -16.91
N ASP B 140 -18.21 42.87 -18.01
CA ASP B 140 -18.30 43.99 -18.93
C ASP B 140 -19.06 45.15 -18.29
N LEU B 141 -20.08 44.85 -17.50
CA LEU B 141 -20.82 45.94 -16.86
C LEU B 141 -19.93 46.72 -15.92
N LEU B 142 -19.02 46.03 -15.22
CA LEU B 142 -18.12 46.79 -14.35
C LEU B 142 -17.18 47.67 -15.17
N GLU B 143 -16.70 47.16 -16.32
CA GLU B 143 -15.78 47.94 -17.16
C GLU B 143 -16.42 49.24 -17.62
N LEU B 144 -17.71 49.16 -17.87
CA LEU B 144 -18.50 50.29 -18.35
C LEU B 144 -18.91 51.34 -17.29
N ASP B 145 -18.65 51.07 -15.98
CA ASP B 145 -19.00 51.93 -14.86
C ASP B 145 -17.96 53.05 -14.74
N ASN C 35 -5.86 53.71 -15.57
CA ASN C 35 -5.81 52.96 -14.32
C ASN C 35 -6.43 51.55 -14.56
N LEU C 36 -5.59 50.49 -14.45
CA LEU C 36 -5.96 49.08 -14.65
C LEU C 36 -6.04 48.38 -13.32
N TRP C 37 -6.90 47.38 -13.25
CA TRP C 37 -7.17 46.59 -12.05
C TRP C 37 -6.88 45.11 -12.24
N VAL C 38 -6.48 44.45 -11.16
CA VAL C 38 -6.20 43.02 -11.24
C VAL C 38 -7.49 42.20 -11.40
N THR C 39 -7.50 41.28 -12.34
CA THR C 39 -8.61 40.35 -12.52
C THR C 39 -8.07 38.93 -12.49
N VAL C 40 -8.74 38.09 -11.73
CA VAL C 40 -8.37 36.71 -11.53
C VAL C 40 -9.16 35.80 -12.45
N TYR C 41 -8.48 34.89 -13.13
CA TYR C 41 -9.16 33.97 -14.01
C TYR C 41 -8.84 32.51 -13.67
N TYR C 42 -9.87 31.67 -13.66
CA TYR C 42 -9.69 30.25 -13.39
C TYR C 42 -10.20 29.49 -14.57
N GLY C 43 -9.41 28.52 -15.03
CA GLY C 43 -9.76 27.79 -16.25
C GLY C 43 -8.85 28.25 -17.40
N VAL C 44 -7.80 28.96 -17.02
CA VAL C 44 -6.82 29.49 -17.93
C VAL C 44 -5.96 28.38 -18.56
N PRO C 45 -5.78 28.31 -19.88
CA PRO C 45 -5.02 27.28 -20.56
C PRO C 45 -3.49 27.46 -20.47
N VAL C 46 -2.94 27.31 -19.27
CA VAL C 46 -1.50 27.48 -19.03
C VAL C 46 -0.77 26.26 -18.48
N TRP C 47 0.37 26.00 -19.13
CA TRP C 47 1.25 24.86 -18.91
C TRP C 47 2.58 25.02 -18.19
N LYS C 48 2.95 23.98 -17.45
CA LYS C 48 4.29 23.85 -16.87
C LYS C 48 4.84 22.46 -17.13
N ASP C 49 6.13 22.34 -17.35
CA ASP C 49 6.70 21.00 -17.57
C ASP C 49 6.58 20.16 -16.32
N ALA C 50 6.32 18.86 -16.47
CA ALA C 50 6.19 18.04 -15.26
C ALA C 50 6.49 16.58 -15.46
N GLU C 51 6.74 15.88 -14.35
CA GLU C 51 6.91 14.44 -14.38
C GLU C 51 5.87 13.79 -13.50
N THR C 52 5.12 12.85 -14.04
CA THR C 52 4.13 12.20 -13.22
C THR C 52 4.07 10.71 -13.48
N THR C 53 3.35 10.04 -12.63
CA THR C 53 3.21 8.61 -12.72
C THR C 53 2.15 8.22 -13.71
N LEU C 54 2.52 8.20 -14.98
CA LEU C 54 1.59 7.93 -16.05
C LEU C 54 1.06 6.54 -15.86
N PHE C 55 -0.17 6.30 -16.28
CA PHE C 55 -0.71 4.97 -16.10
C PHE C 55 -0.76 4.32 -17.46
N CYS C 56 -0.77 2.97 -17.48
CA CYS C 56 -0.80 2.18 -18.70
C CYS C 56 -2.22 1.73 -19.03
N ALA C 57 -2.48 1.66 -20.33
CA ALA C 57 -3.71 1.13 -20.87
C ALA C 57 -3.38 0.34 -22.13
N SER C 58 -4.19 -0.65 -22.45
CA SER C 58 -3.95 -1.44 -23.67
C SER C 58 -5.24 -2.01 -24.27
N ASP C 59 -5.33 -2.05 -25.63
CA ASP C 59 -6.45 -2.56 -26.44
C ASP C 59 -6.98 -3.91 -25.95
N HIS C 68 -2.35 -15.57 -21.46
CA HIS C 68 -1.74 -15.32 -20.15
C HIS C 68 -0.53 -14.35 -20.26
N ASN C 69 -0.69 -13.29 -21.08
CA ASN C 69 0.28 -12.23 -21.34
C ASN C 69 0.42 -11.26 -20.17
N VAL C 70 1.66 -10.93 -19.83
CA VAL C 70 1.94 -10.06 -18.71
C VAL C 70 1.58 -8.62 -18.96
N TRP C 71 1.69 -8.18 -20.19
CA TRP C 71 1.42 -6.81 -20.49
C TRP C 71 -0.04 -6.60 -20.43
N ALA C 72 -0.78 -7.59 -20.93
CA ALA C 72 -2.22 -7.52 -20.95
C ALA C 72 -2.78 -7.52 -19.53
N THR C 73 -2.14 -8.29 -18.65
CA THR C 73 -2.56 -8.37 -17.27
C THR C 73 -2.30 -7.06 -16.54
N HIS C 74 -1.12 -6.50 -16.73
CA HIS C 74 -0.75 -5.27 -16.06
C HIS C 74 -1.55 -4.04 -16.55
N CYS C 75 -1.62 -3.84 -17.88
CA CYS C 75 -2.27 -2.72 -18.56
C CYS C 75 -3.72 -3.13 -18.81
N CYS C 76 -4.40 -3.34 -17.70
CA CYS C 76 -5.76 -3.82 -17.65
C CYS C 76 -6.76 -2.76 -18.10
N VAL C 77 -6.34 -1.51 -17.97
CA VAL C 77 -7.18 -0.38 -18.26
C VAL C 77 -7.36 -0.29 -19.76
N PRO C 78 -8.59 -0.18 -20.28
CA PRO C 78 -8.86 -0.09 -21.69
C PRO C 78 -8.44 1.25 -22.25
N THR C 79 -8.16 1.25 -23.53
CA THR C 79 -7.82 2.43 -24.29
C THR C 79 -9.05 3.10 -24.83
N ASP C 80 -8.90 4.33 -25.29
CA ASP C 80 -10.03 5.01 -25.88
C ASP C 80 -10.55 4.21 -27.07
N PRO C 81 -11.87 3.95 -27.17
CA PRO C 81 -12.49 3.23 -28.27
C PRO C 81 -12.48 4.11 -29.52
N ASN C 82 -12.26 5.38 -29.29
CA ASN C 82 -12.21 6.40 -30.30
C ASN C 82 -11.17 7.42 -29.88
N PRO C 83 -9.88 7.19 -30.17
CA PRO C 83 -8.79 8.05 -29.80
C PRO C 83 -9.06 9.40 -30.41
N GLN C 84 -8.75 10.46 -29.68
CA GLN C 84 -8.95 11.83 -30.13
C GLN C 84 -7.75 12.68 -29.80
N GLU C 85 -7.53 13.69 -30.62
CA GLU C 85 -6.49 14.64 -30.33
C GLU C 85 -7.02 16.01 -30.62
N ILE C 86 -6.52 16.98 -29.91
CA ILE C 86 -6.93 18.34 -30.16
C ILE C 86 -5.81 19.10 -30.77
N HIS C 87 -5.96 19.53 -32.01
CA HIS C 87 -4.85 20.24 -32.60
C HIS C 87 -4.77 21.60 -31.99
N LEU C 88 -3.57 22.03 -31.61
CA LEU C 88 -3.46 23.33 -31.02
C LEU C 88 -2.92 24.34 -32.02
N GLU C 89 -3.77 25.24 -32.46
CA GLU C 89 -3.30 26.21 -33.43
C GLU C 89 -2.45 27.23 -32.70
N ASN C 90 -1.40 27.76 -33.36
CA ASN C 90 -0.49 28.81 -32.88
C ASN C 90 0.22 28.48 -31.55
N VAL C 91 0.63 27.21 -31.35
CA VAL C 91 1.36 26.76 -30.16
C VAL C 91 2.71 26.23 -30.50
N THR C 92 3.73 26.86 -29.94
CA THR C 92 5.09 26.38 -30.17
C THR C 92 5.67 25.98 -28.84
N GLU C 93 6.14 24.74 -28.77
CA GLU C 93 6.72 24.21 -27.54
C GLU C 93 8.02 23.51 -27.81
N GLU C 94 8.89 23.51 -26.81
CA GLU C 94 10.13 22.78 -26.96
C GLU C 94 10.02 21.39 -26.39
N PHE C 95 10.53 20.46 -27.14
CA PHE C 95 10.57 19.07 -26.78
C PHE C 95 12.02 18.69 -26.54
N ASN C 96 12.28 17.75 -25.66
CA ASN C 96 13.65 17.31 -25.45
C ASN C 96 13.66 15.82 -25.20
N MET C 97 13.92 15.07 -26.25
CA MET C 97 13.89 13.62 -26.23
C MET C 97 14.83 13.07 -25.18
N TRP C 98 15.97 13.68 -25.04
CA TRP C 98 17.02 13.21 -24.16
C TRP C 98 16.72 13.43 -22.68
N LYS C 99 15.69 14.20 -22.38
CA LYS C 99 15.30 14.50 -21.02
C LYS C 99 13.88 14.02 -20.80
N ASN C 100 13.40 13.17 -21.69
CA ASN C 100 12.03 12.75 -21.61
C ASN C 100 11.80 11.78 -20.47
N ASN C 101 11.08 12.24 -19.48
CA ASN C 101 10.84 11.47 -18.28
C ASN C 101 9.86 10.34 -18.50
N MET C 102 9.27 10.28 -19.67
CA MET C 102 8.39 9.20 -20.01
C MET C 102 9.23 7.96 -20.25
N VAL C 103 10.48 8.17 -20.67
CA VAL C 103 11.37 7.07 -20.95
C VAL C 103 11.77 6.51 -19.64
N GLU C 104 12.07 7.39 -18.71
CA GLU C 104 12.51 6.92 -17.41
C GLU C 104 11.39 6.17 -16.71
N GLN C 105 10.14 6.60 -16.87
CA GLN C 105 9.06 5.84 -16.24
C GLN C 105 8.90 4.50 -16.94
N MET C 106 9.05 4.45 -18.27
CA MET C 106 8.89 3.17 -18.95
C MET C 106 9.94 2.16 -18.52
N HIS C 107 11.13 2.64 -18.17
CA HIS C 107 12.19 1.73 -17.79
C HIS C 107 12.19 1.51 -16.28
N THR C 108 11.11 1.90 -15.63
CA THR C 108 10.93 1.62 -14.23
C THR C 108 9.79 0.62 -14.12
N ASP C 109 8.75 0.79 -14.94
CA ASP C 109 7.63 -0.13 -14.86
C ASP C 109 7.89 -1.41 -15.59
N ILE C 110 8.69 -1.40 -16.66
CA ILE C 110 8.99 -2.65 -17.32
C ILE C 110 9.77 -3.57 -16.41
N ILE C 111 10.61 -2.99 -15.55
CA ILE C 111 11.42 -3.78 -14.67
C ILE C 111 10.50 -4.37 -13.66
N SER C 112 9.61 -3.55 -13.12
CA SER C 112 8.70 -4.06 -12.13
C SER C 112 7.86 -5.16 -12.71
N LEU C 113 7.37 -5.00 -13.92
CA LEU C 113 6.54 -6.03 -14.48
C LEU C 113 7.27 -7.34 -14.60
N TRP C 114 8.51 -7.33 -15.08
CA TRP C 114 9.22 -8.60 -15.14
C TRP C 114 9.42 -9.21 -13.77
N ASP C 115 9.77 -8.40 -12.78
CA ASP C 115 10.00 -8.97 -11.46
C ASP C 115 8.74 -9.52 -10.84
N GLN C 116 7.60 -8.88 -11.07
CA GLN C 116 6.39 -9.43 -10.50
C GLN C 116 5.98 -10.68 -11.23
N SER C 117 6.18 -10.72 -12.55
CA SER C 117 5.77 -11.86 -13.33
C SER C 117 6.55 -13.10 -12.97
N LEU C 118 7.81 -12.92 -12.65
CA LEU C 118 8.67 -14.05 -12.29
C LEU C 118 8.62 -14.38 -10.83
N LYS C 119 7.87 -13.62 -10.03
CA LYS C 119 7.87 -13.90 -8.63
C LYS C 119 7.17 -15.20 -8.28
N PRO C 120 5.92 -15.46 -8.66
CA PRO C 120 5.21 -16.68 -8.31
C PRO C 120 5.59 -17.84 -9.23
N CYS C 121 6.88 -18.23 -9.25
CA CYS C 121 7.43 -19.27 -10.11
C CYS C 121 8.41 -20.13 -9.34
N VAL C 122 8.78 -21.25 -9.94
CA VAL C 122 9.66 -22.21 -9.33
C VAL C 122 11.09 -21.78 -9.31
N LYS C 123 11.73 -21.86 -8.14
CA LYS C 123 13.13 -21.52 -8.05
C LYS C 123 13.90 -22.74 -8.47
N LEU C 124 15.04 -22.54 -9.11
CA LEU C 124 15.83 -23.65 -9.52
C LEU C 124 17.09 -23.75 -8.72
N THR C 125 17.06 -23.21 -7.52
CA THR C 125 18.23 -23.29 -6.68
C THR C 125 18.59 -24.74 -6.34
N PRO C 126 17.64 -25.72 -6.23
CA PRO C 126 17.96 -27.10 -6.00
C PRO C 126 18.77 -27.69 -7.14
N LEU C 127 18.89 -26.95 -8.25
CA LEU C 127 19.63 -27.49 -9.43
C LEU C 127 20.96 -26.73 -9.62
N CYS C 128 21.48 -26.13 -8.54
CA CYS C 128 22.83 -25.60 -8.52
C CYS C 128 23.72 -26.63 -7.80
N VAL C 129 23.96 -27.69 -8.56
CA VAL C 129 24.64 -28.88 -8.13
C VAL C 129 25.78 -29.17 -9.06
N THR C 130 26.66 -30.07 -8.66
CA THR C 130 27.75 -30.38 -9.53
C THR C 130 27.23 -31.21 -10.68
N LEU C 131 27.52 -30.78 -11.89
CA LEU C 131 27.07 -31.48 -13.07
C LEU C 131 28.17 -32.35 -13.60
N GLN C 132 27.82 -33.51 -14.13
CA GLN C 132 28.79 -34.38 -14.78
C GLN C 132 28.54 -34.22 -16.27
N CYS C 133 29.46 -33.57 -17.05
CA CYS C 133 29.17 -33.26 -18.46
C CYS C 133 30.17 -33.87 -19.43
N THR C 134 29.61 -34.28 -20.56
CA THR C 134 30.31 -34.78 -21.74
C THR C 134 29.82 -33.96 -22.92
N ASN C 135 30.52 -34.01 -24.08
CA ASN C 135 30.11 -33.30 -25.31
C ASN C 135 28.96 -34.03 -26.00
N VAL C 136 28.11 -33.26 -26.71
CA VAL C 136 27.08 -33.81 -27.59
C VAL C 136 27.78 -34.06 -28.92
N THR C 137 27.81 -35.32 -29.34
CA THR C 137 28.52 -35.73 -30.54
C THR C 137 27.58 -36.34 -31.59
N ASN C 138 26.29 -36.19 -31.38
CA ASN C 138 25.31 -36.79 -32.25
C ASN C 138 24.96 -35.93 -33.46
N ASN C 139 25.47 -36.29 -34.64
CA ASN C 139 25.19 -35.52 -35.85
C ASN C 139 25.48 -34.03 -35.73
N ILE C 140 26.73 -33.69 -35.45
CA ILE C 140 27.04 -32.30 -35.21
C ILE C 140 27.64 -31.66 -36.44
N THR C 141 27.08 -30.54 -36.88
CA THR C 141 27.63 -29.84 -38.03
C THR C 141 28.83 -29.06 -37.53
N ASP C 142 29.58 -28.43 -38.41
CA ASP C 142 30.70 -27.71 -37.84
C ASP C 142 30.09 -26.48 -37.18
N ASP C 143 30.91 -25.65 -36.54
CA ASP C 143 30.51 -24.45 -35.78
C ASP C 143 29.93 -24.82 -34.42
N MET C 144 29.08 -25.84 -34.40
CA MET C 144 28.38 -26.36 -33.24
C MET C 144 29.17 -27.36 -32.45
N ARG C 145 30.39 -27.66 -32.87
CA ARG C 145 31.13 -28.65 -32.13
C ARG C 145 31.60 -28.02 -30.86
N GLY C 146 31.18 -28.63 -29.76
CA GLY C 146 31.48 -28.15 -28.43
C GLY C 146 30.45 -27.13 -27.93
N GLU C 147 29.45 -26.80 -28.75
CA GLU C 147 28.45 -25.81 -28.36
C GLU C 147 27.46 -26.39 -27.35
N LEU C 148 27.13 -27.67 -27.50
CA LEU C 148 26.19 -28.25 -26.57
C LEU C 148 26.86 -29.31 -25.75
N LYS C 149 26.48 -29.36 -24.49
CA LYS C 149 26.99 -30.38 -23.59
C LYS C 149 25.85 -31.18 -22.98
N ASN C 150 26.08 -32.49 -22.81
CA ASN C 150 25.17 -33.45 -22.21
C ASN C 150 25.54 -33.63 -20.75
N CYS C 151 24.75 -33.01 -19.84
CA CYS C 151 25.05 -32.96 -18.43
C CYS C 151 24.07 -33.79 -17.66
N SER C 152 24.57 -34.46 -16.64
CA SER C 152 23.68 -35.19 -15.78
C SER C 152 23.89 -34.77 -14.35
N PHE C 153 22.82 -34.86 -13.61
CA PHE C 153 22.83 -34.46 -12.21
C PHE C 153 21.75 -35.14 -11.39
N ASN C 154 21.90 -35.11 -10.04
CA ASN C 154 20.93 -35.60 -9.07
C ASN C 154 20.10 -34.44 -8.50
N MET C 155 18.83 -34.29 -8.94
CA MET C 155 17.93 -33.18 -8.51
C MET C 155 16.94 -33.69 -7.50
N THR C 156 16.34 -32.79 -6.75
CA THR C 156 15.37 -33.19 -5.76
C THR C 156 14.08 -33.60 -6.41
N THR C 157 13.25 -34.28 -5.64
CA THR C 157 11.97 -34.79 -6.11
C THR C 157 10.87 -34.42 -5.13
N GLU C 158 9.70 -35.05 -5.28
CA GLU C 158 8.57 -34.69 -4.44
C GLU C 158 8.91 -34.91 -2.99
N LEU C 159 9.67 -35.94 -2.71
CA LEU C 159 10.03 -36.24 -1.33
C LEU C 159 11.45 -35.80 -1.08
N ARG C 160 11.71 -35.39 0.14
CA ARG C 160 13.04 -34.93 0.51
C ARG C 160 14.06 -36.05 0.64
N ASP C 161 13.57 -37.27 0.67
CA ASP C 161 14.42 -38.43 0.79
C ASP C 161 14.84 -39.02 -0.54
N LYS C 162 14.38 -38.45 -1.65
CA LYS C 162 14.73 -39.04 -2.93
C LYS C 162 15.25 -38.04 -3.93
N LYS C 163 16.20 -38.49 -4.71
CA LYS C 163 16.74 -37.70 -5.80
C LYS C 163 16.56 -38.43 -7.10
N GLN C 164 16.51 -37.67 -8.17
CA GLN C 164 16.35 -38.21 -9.49
C GLN C 164 17.49 -37.88 -10.41
N LYS C 165 18.02 -38.90 -11.07
CA LYS C 165 19.08 -38.64 -12.02
C LYS C 165 18.45 -38.11 -13.27
N VAL C 166 18.97 -37.00 -13.75
CA VAL C 166 18.47 -36.32 -14.92
C VAL C 166 19.52 -36.08 -15.94
N TYR C 167 19.15 -36.25 -17.20
CA TYR C 167 20.05 -35.97 -18.29
C TYR C 167 19.44 -34.85 -19.08
N SER C 168 20.21 -33.81 -19.38
CA SER C 168 19.66 -32.70 -20.16
C SER C 168 20.71 -32.01 -20.96
N LEU C 169 20.37 -31.56 -22.16
CA LEU C 169 21.39 -30.82 -22.87
C LEU C 169 21.36 -29.36 -22.49
N PHE C 170 22.55 -28.77 -22.40
CA PHE C 170 22.73 -27.36 -22.13
C PHE C 170 23.59 -26.69 -23.15
N TYR C 171 23.36 -25.40 -23.33
CA TYR C 171 24.18 -24.62 -24.21
C TYR C 171 25.42 -24.26 -23.43
N ARG C 172 26.56 -24.22 -24.09
CA ARG C 172 27.84 -23.94 -23.45
C ARG C 172 27.83 -22.67 -22.63
N LEU C 173 27.14 -21.64 -23.08
CA LEU C 173 27.15 -20.36 -22.39
C LEU C 173 26.59 -20.40 -20.98
N ASP C 174 25.78 -21.41 -20.67
CA ASP C 174 25.16 -21.51 -19.36
C ASP C 174 25.94 -22.36 -18.38
N VAL C 175 26.97 -23.06 -18.85
CA VAL C 175 27.69 -24.00 -18.00
C VAL C 175 29.18 -23.73 -17.94
N VAL C 176 29.74 -23.63 -16.74
CA VAL C 176 31.17 -23.37 -16.61
C VAL C 176 31.89 -24.45 -15.82
N GLN C 177 33.12 -24.73 -16.21
CA GLN C 177 33.90 -25.78 -15.58
C GLN C 177 34.35 -25.41 -14.19
N ILE C 178 34.31 -26.37 -13.28
CA ILE C 178 34.72 -26.12 -11.90
C ILE C 178 36.23 -26.21 -11.62
N ASN C 179 36.91 -27.31 -12.03
CA ASN C 179 38.35 -27.58 -11.80
C ASN C 179 38.74 -27.38 -10.32
N ASN C 190 32.52 -36.37 -18.13
CA ASN C 190 33.96 -36.22 -18.30
C ASN C 190 34.53 -35.34 -17.17
N LYS C 191 34.06 -34.07 -17.09
CA LYS C 191 34.51 -33.06 -16.14
C LYS C 191 33.35 -32.51 -15.35
N GLU C 192 33.65 -31.98 -14.18
CA GLU C 192 32.64 -31.36 -13.34
C GLU C 192 32.44 -29.90 -13.68
N TYR C 193 31.16 -29.52 -13.78
CA TYR C 193 30.66 -28.20 -14.14
C TYR C 193 29.57 -27.65 -13.21
N ARG C 194 29.38 -26.34 -13.23
CA ARG C 194 28.31 -25.70 -12.49
C ARG C 194 27.58 -24.74 -13.40
N LEU C 195 26.39 -24.33 -13.03
CA LEU C 195 25.72 -23.35 -13.87
C LEU C 195 26.40 -22.01 -13.67
N ILE C 196 26.42 -21.19 -14.70
CA ILE C 196 27.05 -19.88 -14.66
C ILE C 196 26.59 -18.98 -13.51
N ASN C 197 25.33 -19.05 -13.12
CA ASN C 197 24.86 -18.19 -12.03
C ASN C 197 25.16 -18.66 -10.60
N CYS C 198 25.70 -19.88 -10.39
CA CYS C 198 25.87 -20.48 -9.06
C CYS C 198 26.73 -19.70 -8.09
N ASN C 199 27.70 -18.95 -8.55
CA ASN C 199 28.49 -18.21 -7.57
C ASN C 199 28.05 -16.74 -7.41
N THR C 200 26.98 -16.25 -8.11
CA THR C 200 26.52 -14.84 -8.00
C THR C 200 25.05 -14.63 -7.69
N SER C 201 24.16 -15.53 -8.09
CA SER C 201 22.75 -15.23 -7.86
C SER C 201 21.81 -16.42 -7.85
N ALA C 202 20.66 -16.25 -7.22
CA ALA C 202 19.65 -17.27 -7.28
C ALA C 202 19.02 -17.27 -8.66
N ILE C 203 18.78 -18.46 -9.16
CA ILE C 203 18.14 -18.66 -10.43
C ILE C 203 16.68 -19.02 -10.30
N THR C 204 15.82 -18.31 -11.03
CA THR C 204 14.38 -18.58 -11.01
C THR C 204 13.88 -18.96 -12.39
N GLN C 205 13.07 -20.01 -12.48
CA GLN C 205 12.53 -20.41 -13.76
C GLN C 205 11.37 -19.55 -14.14
N ALA C 206 11.37 -19.04 -15.34
CA ALA C 206 10.22 -18.27 -15.75
C ALA C 206 9.08 -19.25 -15.92
N CYS C 207 7.84 -18.86 -15.56
CA CYS C 207 6.65 -19.69 -15.70
C CYS C 207 6.38 -19.95 -17.21
N PRO C 208 6.24 -21.22 -17.61
CA PRO C 208 6.14 -21.68 -18.99
C PRO C 208 4.93 -21.23 -19.76
N LYS C 209 3.89 -20.81 -19.06
CA LYS C 209 2.68 -20.40 -19.75
C LYS C 209 2.53 -18.90 -19.78
N VAL C 210 3.50 -18.18 -19.24
CA VAL C 210 3.39 -16.74 -19.20
C VAL C 210 4.00 -16.13 -20.43
N SER C 211 3.23 -15.30 -21.10
CA SER C 211 3.70 -14.69 -22.32
C SER C 211 4.25 -13.30 -22.10
N PHE C 212 5.48 -13.10 -22.54
CA PHE C 212 6.14 -11.82 -22.39
C PHE C 212 6.18 -11.07 -23.70
N GLU C 213 5.51 -11.64 -24.68
CA GLU C 213 5.43 -11.08 -26.00
C GLU C 213 4.96 -9.66 -25.89
N PRO C 214 5.59 -8.69 -26.52
CA PRO C 214 5.21 -7.32 -26.45
C PRO C 214 3.88 -7.14 -27.14
N ILE C 215 3.03 -6.29 -26.62
CA ILE C 215 1.77 -5.95 -27.22
C ILE C 215 1.80 -4.46 -27.21
N PRO C 216 1.02 -3.73 -27.97
CA PRO C 216 0.99 -2.29 -27.88
C PRO C 216 0.59 -1.84 -26.48
N ILE C 217 1.35 -0.88 -25.98
CA ILE C 217 1.19 -0.22 -24.70
C ILE C 217 0.89 1.25 -24.87
N HIS C 218 -0.12 1.76 -24.22
CA HIS C 218 -0.39 3.16 -24.34
C HIS C 218 -0.18 3.84 -23.00
N TYR C 219 0.61 4.91 -22.97
CA TYR C 219 0.77 5.62 -21.72
C TYR C 219 -0.23 6.75 -21.70
N CYS C 220 -0.92 6.94 -20.57
CA CYS C 220 -1.99 7.93 -20.42
C CYS C 220 -1.74 8.87 -19.25
N ALA C 221 -2.03 10.14 -19.48
CA ALA C 221 -1.87 11.10 -18.42
C ALA C 221 -2.96 10.92 -17.39
N PRO C 222 -2.67 11.06 -16.11
CA PRO C 222 -3.62 11.09 -15.05
C PRO C 222 -4.30 12.41 -15.15
N ALA C 223 -5.49 12.51 -14.63
CA ALA C 223 -6.17 13.79 -14.64
C ALA C 223 -5.33 14.88 -14.01
N GLY C 224 -5.36 16.05 -14.66
CA GLY C 224 -4.60 17.22 -14.25
C GLY C 224 -3.38 17.41 -15.13
N PHE C 225 -3.08 16.40 -15.91
CA PHE C 225 -1.97 16.38 -16.82
C PHE C 225 -2.43 16.14 -18.24
N ALA C 226 -1.59 16.50 -19.17
CA ALA C 226 -1.89 16.28 -20.56
C ALA C 226 -0.63 15.90 -21.29
N ILE C 227 -0.76 15.23 -22.41
CA ILE C 227 0.43 14.90 -23.18
C ILE C 227 0.44 15.64 -24.50
N LEU C 228 1.54 16.31 -24.75
CA LEU C 228 1.67 17.05 -25.98
C LEU C 228 2.43 16.22 -26.99
N LYS C 229 1.84 16.04 -28.15
CA LYS C 229 2.43 15.25 -29.21
C LYS C 229 2.96 16.12 -30.35
N CYS C 230 4.23 15.92 -30.76
CA CYS C 230 4.87 16.63 -31.86
C CYS C 230 4.62 15.90 -33.18
N LYS C 231 4.05 16.60 -34.13
CA LYS C 231 3.70 16.08 -35.44
C LYS C 231 4.71 16.49 -36.52
N ASP C 232 5.78 17.13 -36.12
CA ASP C 232 6.73 17.59 -37.12
C ASP C 232 7.59 16.43 -37.61
N LYS C 233 7.42 16.10 -38.87
CA LYS C 233 8.06 14.96 -39.54
C LYS C 233 9.57 15.09 -39.62
N LYS C 234 10.06 16.31 -39.48
CA LYS C 234 11.49 16.59 -39.55
C LYS C 234 12.10 16.71 -38.17
N PHE C 235 11.31 16.49 -37.12
CA PHE C 235 11.83 16.70 -35.80
C PHE C 235 12.94 15.71 -35.46
N ASN C 236 14.09 16.28 -35.00
CA ASN C 236 15.33 15.57 -34.68
C ASN C 236 15.48 15.20 -33.19
N GLY C 237 14.43 15.37 -32.38
CA GLY C 237 14.37 15.04 -30.96
C GLY C 237 14.63 16.23 -30.05
N THR C 238 15.20 17.32 -30.53
CA THR C 238 15.43 18.43 -29.62
C THR C 238 15.02 19.78 -30.19
N GLY C 239 14.33 20.58 -29.38
CA GLY C 239 14.00 21.95 -29.76
C GLY C 239 12.53 22.14 -30.06
N PRO C 240 12.16 23.35 -30.50
CA PRO C 240 10.81 23.80 -30.79
C PRO C 240 10.14 22.96 -31.85
N CYS C 241 8.83 22.71 -31.69
CA CYS C 241 7.95 21.98 -32.58
C CYS C 241 6.70 22.85 -32.70
N THR C 242 6.32 23.13 -33.94
CA THR C 242 5.19 24.02 -34.25
C THR C 242 3.87 23.37 -34.71
N ASN C 243 3.82 22.03 -34.68
CA ASN C 243 2.59 21.31 -35.09
C ASN C 243 2.22 20.30 -34.00
N VAL C 244 1.63 20.80 -32.93
CA VAL C 244 1.41 20.11 -31.64
C VAL C 244 -0.04 19.90 -31.34
N SER C 245 -0.37 18.67 -30.94
CA SER C 245 -1.72 18.35 -30.51
C SER C 245 -1.72 17.82 -29.10
N THR C 246 -2.86 17.91 -28.45
CA THR C 246 -2.97 17.35 -27.12
C THR C 246 -3.71 16.05 -27.14
N VAL C 247 -3.14 15.07 -26.47
CA VAL C 247 -3.76 13.77 -26.39
C VAL C 247 -3.85 13.32 -24.95
N GLN C 248 -4.74 12.37 -24.69
CA GLN C 248 -4.79 11.80 -23.35
C GLN C 248 -3.82 10.62 -23.21
N CYS C 249 -3.69 9.79 -24.29
CA CYS C 249 -2.88 8.58 -24.36
C CYS C 249 -1.98 8.67 -25.58
N THR C 250 -0.81 8.07 -25.47
CA THR C 250 0.17 8.02 -26.54
C THR C 250 -0.18 6.98 -27.55
N HIS C 251 0.56 7.02 -28.65
CA HIS C 251 0.51 6.04 -29.70
C HIS C 251 0.97 4.78 -29.03
N GLY C 252 0.45 3.65 -29.42
CA GLY C 252 0.93 2.47 -28.73
C GLY C 252 2.40 2.26 -29.03
N ILE C 253 3.12 1.82 -28.03
CA ILE C 253 4.53 1.53 -28.13
C ILE C 253 4.73 0.08 -27.84
N LYS C 254 5.53 -0.62 -28.61
CA LYS C 254 5.76 -2.00 -28.26
C LYS C 254 7.01 -2.07 -27.42
N PRO C 255 6.99 -2.64 -26.22
CA PRO C 255 8.09 -2.74 -25.30
C PRO C 255 9.05 -3.83 -25.68
N VAL C 256 9.68 -3.64 -26.81
CA VAL C 256 10.63 -4.57 -27.38
C VAL C 256 11.97 -4.29 -26.77
N VAL C 257 12.67 -5.35 -26.39
CA VAL C 257 13.99 -5.19 -25.81
C VAL C 257 15.03 -5.81 -26.71
N SER C 258 16.01 -5.02 -27.11
CA SER C 258 17.09 -5.44 -27.97
C SER C 258 18.34 -4.61 -27.75
N THR C 259 19.49 -5.07 -28.24
CA THR C 259 20.69 -4.24 -28.03
C THR C 259 21.40 -3.53 -29.19
N GLN C 260 21.29 -3.96 -30.46
CA GLN C 260 22.05 -3.20 -31.46
C GLN C 260 21.14 -2.64 -32.50
N LEU C 261 20.19 -3.46 -32.91
CA LEU C 261 19.23 -3.01 -33.87
C LEU C 261 17.97 -2.78 -33.11
N LEU C 262 17.18 -1.83 -33.52
CA LEU C 262 15.91 -1.59 -32.87
C LEU C 262 14.89 -2.29 -33.69
N LEU C 263 14.17 -3.19 -33.06
CA LEU C 263 13.20 -3.97 -33.80
C LEU C 263 11.75 -3.55 -33.48
N ASN C 264 10.88 -3.78 -34.47
CA ASN C 264 9.42 -3.51 -34.39
C ASN C 264 9.15 -2.17 -33.72
N GLY C 265 9.66 -1.07 -34.28
CA GLY C 265 9.33 0.30 -33.88
C GLY C 265 8.59 1.02 -34.98
N SER C 266 8.51 2.31 -34.82
CA SER C 266 7.84 3.17 -35.76
C SER C 266 8.80 3.53 -36.85
N LEU C 267 8.30 3.89 -38.00
CA LEU C 267 9.15 4.33 -39.08
C LEU C 267 9.10 5.81 -39.24
N ALA C 268 10.18 6.39 -39.74
CA ALA C 268 10.22 7.81 -40.02
C ALA C 268 9.27 8.10 -41.17
N GLU C 269 8.57 9.21 -41.13
CA GLU C 269 7.63 9.51 -42.19
C GLU C 269 8.19 9.80 -43.58
N GLU C 270 9.30 10.54 -43.67
CA GLU C 270 9.82 10.91 -44.98
C GLU C 270 11.25 10.49 -45.30
N GLU C 271 12.12 10.49 -44.31
CA GLU C 271 13.54 10.22 -44.56
C GLU C 271 14.16 9.60 -43.34
N VAL C 272 15.33 9.02 -43.51
CA VAL C 272 16.05 8.46 -42.38
C VAL C 272 16.49 9.60 -41.46
N ILE C 273 16.24 9.48 -40.17
CA ILE C 273 16.59 10.55 -39.26
C ILE C 273 17.65 10.17 -38.26
N ILE C 274 18.69 10.98 -38.20
CA ILE C 274 19.77 10.74 -37.27
C ILE C 274 19.54 11.57 -36.03
N ARG C 275 19.27 10.94 -34.89
CA ARG C 275 18.98 11.70 -33.68
C ARG C 275 20.01 11.44 -32.61
N SER C 276 20.53 12.47 -32.02
CA SER C 276 21.52 12.28 -30.98
C SER C 276 21.48 13.39 -29.97
N GLU C 277 22.05 13.14 -28.79
CA GLU C 277 22.17 14.21 -27.80
C GLU C 277 23.16 15.31 -28.25
N ASN C 278 24.27 14.89 -28.92
CA ASN C 278 25.35 15.71 -29.46
C ASN C 278 25.88 14.98 -30.70
N ILE C 279 26.63 15.68 -31.55
CA ILE C 279 27.30 15.13 -32.73
C ILE C 279 28.76 14.86 -32.41
N THR C 280 29.36 15.82 -31.72
CA THR C 280 30.76 15.78 -31.38
C THR C 280 31.13 14.74 -30.34
N ASN C 281 30.30 14.58 -29.35
CA ASN C 281 30.65 13.73 -28.23
C ASN C 281 30.55 12.25 -28.62
N ASN C 282 31.68 11.53 -28.60
CA ASN C 282 31.67 10.15 -29.05
C ASN C 282 31.27 9.21 -27.92
N ALA C 283 30.92 9.78 -26.79
CA ALA C 283 30.44 9.02 -25.65
C ALA C 283 28.93 8.90 -25.72
N LYS C 284 28.32 9.52 -26.73
CA LYS C 284 26.87 9.48 -26.87
C LYS C 284 26.45 8.58 -27.99
N ASN C 285 25.28 7.98 -27.87
CA ASN C 285 24.77 7.12 -28.92
C ASN C 285 24.00 7.90 -29.95
N ILE C 286 23.94 7.35 -31.14
CA ILE C 286 23.15 7.89 -32.21
C ILE C 286 21.99 6.96 -32.48
N LEU C 287 20.79 7.48 -32.42
CA LEU C 287 19.64 6.64 -32.67
C LEU C 287 19.21 6.90 -34.09
N VAL C 288 19.27 5.89 -34.92
CA VAL C 288 18.93 6.07 -36.31
C VAL C 288 17.59 5.47 -36.61
N GLN C 289 16.65 6.30 -37.06
CA GLN C 289 15.34 5.81 -37.40
C GLN C 289 15.22 5.69 -38.89
N LEU C 290 14.79 4.53 -39.36
CA LEU C 290 14.68 4.32 -40.79
C LEU C 290 13.28 4.70 -41.24
N ASN C 291 13.11 5.16 -42.52
CA ASN C 291 11.79 5.45 -43.11
C ASN C 291 11.14 4.18 -43.70
N GLU C 292 11.96 3.38 -44.40
CA GLU C 292 11.59 2.02 -44.90
C GLU C 292 12.00 1.00 -43.84
N SER C 293 11.87 -0.30 -44.13
CA SER C 293 12.20 -1.27 -43.08
C SER C 293 12.96 -2.43 -43.64
N VAL C 294 13.76 -3.07 -42.78
CA VAL C 294 14.51 -4.23 -43.25
C VAL C 294 14.01 -5.47 -42.55
N GLN C 295 13.59 -6.45 -43.32
CA GLN C 295 13.08 -7.64 -42.70
C GLN C 295 14.21 -8.58 -42.32
N ILE C 296 14.15 -9.09 -41.10
CA ILE C 296 15.12 -10.06 -40.61
C ILE C 296 14.40 -11.36 -40.16
N ASN C 297 14.84 -12.52 -40.69
CA ASN C 297 14.28 -13.85 -40.40
C ASN C 297 15.20 -14.64 -39.46
N CYS C 298 14.76 -14.86 -38.20
CA CYS C 298 15.55 -15.50 -37.14
C CYS C 298 15.05 -16.90 -36.85
N THR C 299 15.92 -17.88 -36.98
CA THR C 299 15.52 -19.26 -36.78
C THR C 299 16.46 -20.10 -35.94
N ARG C 300 15.87 -20.87 -35.04
CA ARG C 300 16.63 -21.92 -34.34
C ARG C 300 16.20 -23.27 -34.88
N PRO C 301 17.00 -23.85 -35.82
CA PRO C 301 16.70 -25.01 -36.65
C PRO C 301 16.62 -26.34 -35.95
N ASN C 302 17.05 -26.40 -34.70
CA ASN C 302 17.09 -27.65 -33.99
C ASN C 302 15.69 -27.98 -33.52
N ASN C 303 15.28 -29.28 -33.55
CA ASN C 303 14.00 -29.69 -32.99
C ASN C 303 14.26 -30.10 -31.54
N ASN C 304 13.27 -29.98 -30.65
CA ASN C 304 13.44 -30.23 -29.21
C ASN C 304 12.37 -31.05 -28.61
N THR C 305 12.75 -31.91 -27.69
CA THR C 305 11.80 -32.71 -26.94
C THR C 305 11.88 -32.32 -25.50
N VAL C 306 11.09 -31.33 -25.13
CA VAL C 306 11.13 -30.76 -23.81
C VAL C 306 10.42 -31.64 -22.83
N LYS C 307 11.08 -31.91 -21.73
CA LYS C 307 10.56 -32.77 -20.69
C LYS C 307 10.48 -32.07 -19.36
N SER C 308 9.67 -32.60 -18.45
CA SER C 308 9.58 -31.97 -17.14
C SER C 308 9.66 -32.95 -15.99
N ILE C 309 10.18 -32.46 -14.87
CA ILE C 309 10.37 -33.19 -13.62
C ILE C 309 9.82 -32.43 -12.43
N ARG C 310 9.19 -33.09 -11.48
CA ARG C 310 8.84 -32.29 -10.33
C ARG C 310 10.11 -32.08 -9.51
N ILE C 311 10.41 -30.83 -9.24
CA ILE C 311 11.55 -30.46 -8.43
C ILE C 311 11.14 -30.49 -6.99
N GLY C 312 9.86 -30.21 -6.76
CA GLY C 312 9.34 -30.15 -5.42
C GLY C 312 7.81 -30.28 -5.39
N PRO C 313 7.16 -29.89 -4.31
CA PRO C 313 5.75 -30.09 -4.05
C PRO C 313 4.85 -29.24 -4.91
N GLY C 314 4.64 -29.70 -6.13
CA GLY C 314 3.84 -28.98 -7.12
C GLY C 314 4.69 -28.03 -7.93
N GLN C 315 5.98 -28.19 -7.80
CA GLN C 315 6.92 -27.34 -8.49
C GLN C 315 7.57 -28.06 -9.64
N TRP C 316 7.27 -27.63 -10.86
CA TRP C 316 7.82 -28.30 -12.02
C TRP C 316 8.99 -27.58 -12.64
N PHE C 317 9.98 -28.34 -13.05
CA PHE C 317 11.15 -27.90 -13.78
C PHE C 317 11.15 -28.40 -15.20
N TYR C 318 11.46 -27.51 -16.14
CA TYR C 318 11.50 -27.90 -17.54
C TYR C 318 12.91 -27.92 -18.04
N TYR C 319 13.24 -28.94 -18.82
CA TYR C 319 14.59 -29.03 -19.33
C TYR C 319 14.61 -29.44 -20.77
N THR C 320 15.70 -29.08 -21.44
CA THR C 320 15.83 -29.31 -22.85
C THR C 320 15.62 -30.75 -23.21
N GLY C 321 16.21 -31.65 -22.46
CA GLY C 321 16.04 -33.03 -22.83
C GLY C 321 16.84 -33.21 -24.09
N ASP C 322 16.37 -34.05 -25.02
CA ASP C 322 17.17 -34.29 -26.21
C ASP C 322 16.83 -33.38 -27.41
N ILE C 323 17.58 -33.57 -28.49
CA ILE C 323 17.43 -32.86 -29.76
C ILE C 323 17.24 -33.78 -30.94
N ILE C 324 16.26 -33.43 -31.72
CA ILE C 324 15.88 -34.18 -32.91
C ILE C 324 16.43 -33.56 -34.18
N GLY C 325 17.03 -34.42 -34.98
CA GLY C 325 17.63 -34.01 -36.23
C GLY C 325 19.08 -33.67 -35.96
N ASP C 326 19.69 -32.96 -36.88
CA ASP C 326 21.10 -32.60 -36.78
C ASP C 326 21.21 -31.47 -35.78
N ILE C 327 22.37 -31.32 -35.19
CA ILE C 327 22.61 -30.18 -34.33
C ILE C 327 23.17 -29.10 -35.22
N ARG C 328 22.42 -28.01 -35.32
CA ARG C 328 22.74 -26.92 -36.21
C ARG C 328 22.77 -25.57 -35.51
N GLN C 329 23.47 -24.63 -36.11
CA GLN C 329 23.60 -23.29 -35.60
C GLN C 329 22.38 -22.42 -35.88
N ALA C 330 21.98 -21.62 -34.89
CA ALA C 330 20.88 -20.69 -35.10
C ALA C 330 21.36 -19.57 -36.00
N HIS C 331 20.48 -19.06 -36.85
CA HIS C 331 20.88 -17.98 -37.74
C HIS C 331 19.85 -16.87 -37.89
N CYS C 332 20.33 -15.69 -38.21
CA CYS C 332 19.46 -14.57 -38.56
C CYS C 332 19.80 -14.14 -40.01
N ASN C 333 18.78 -14.08 -40.89
CA ASN C 333 18.86 -13.78 -42.32
C ASN C 333 18.35 -12.37 -42.67
N VAL C 334 19.24 -11.54 -43.24
CA VAL C 334 18.97 -10.16 -43.69
C VAL C 334 19.26 -10.07 -45.19
N SER C 335 18.32 -9.60 -46.01
CA SER C 335 18.62 -9.55 -47.45
C SER C 335 19.78 -8.61 -47.72
N LYS C 336 20.78 -9.03 -48.52
CA LYS C 336 21.92 -8.16 -48.71
C LYS C 336 21.59 -6.88 -49.45
N ALA C 337 20.77 -6.96 -50.48
CA ALA C 337 20.50 -5.75 -51.23
C ALA C 337 19.75 -4.74 -50.40
N THR C 338 18.79 -5.23 -49.60
CA THR C 338 17.99 -4.35 -48.80
C THR C 338 18.88 -3.70 -47.78
N TRP C 339 19.72 -4.50 -47.14
CA TRP C 339 20.61 -3.97 -46.14
C TRP C 339 21.54 -2.90 -46.71
N ASN C 340 22.18 -3.14 -47.91
CA ASN C 340 23.11 -2.18 -48.52
C ASN C 340 22.41 -0.86 -48.85
N GLU C 341 21.13 -0.88 -49.33
CA GLU C 341 20.36 0.33 -49.62
C GLU C 341 20.04 1.08 -48.34
N THR C 342 19.69 0.33 -47.31
CA THR C 342 19.35 0.92 -46.03
C THR C 342 20.54 1.59 -45.43
N LEU C 343 21.67 0.92 -45.50
CA LEU C 343 22.84 1.48 -44.92
C LEU C 343 23.26 2.69 -45.71
N GLY C 344 23.11 2.65 -47.05
CA GLY C 344 23.48 3.80 -47.86
C GLY C 344 22.67 5.03 -47.50
N LYS C 345 21.38 4.84 -47.17
CA LYS C 345 20.52 5.95 -46.77
C LYS C 345 21.02 6.54 -45.45
N VAL C 346 21.45 5.67 -44.54
CA VAL C 346 21.97 6.13 -43.26
C VAL C 346 23.24 6.91 -43.49
N VAL C 347 24.08 6.44 -44.38
CA VAL C 347 25.33 7.11 -44.66
C VAL C 347 25.10 8.51 -45.20
N LYS C 348 24.16 8.69 -46.13
CA LYS C 348 23.92 10.03 -46.64
C LYS C 348 23.44 10.97 -45.55
N GLN C 349 22.62 10.48 -44.64
CA GLN C 349 22.13 11.34 -43.59
C GLN C 349 23.23 11.63 -42.59
N LEU C 350 24.16 10.71 -42.39
CA LEU C 350 25.29 10.99 -41.51
C LEU C 350 26.16 12.07 -42.16
N ARG C 351 26.31 12.04 -43.48
CA ARG C 351 27.14 13.04 -44.17
C ARG C 351 26.65 14.46 -43.84
N LYS C 352 25.34 14.62 -43.69
CA LYS C 352 24.81 15.94 -43.35
C LYS C 352 25.38 16.52 -42.05
N HIS C 353 25.87 15.67 -41.15
CA HIS C 353 26.40 16.12 -39.87
C HIS C 353 27.93 16.08 -39.83
N PHE C 354 28.55 15.27 -40.69
CA PHE C 354 30.01 15.13 -40.65
C PHE C 354 30.78 15.70 -41.85
N GLY C 355 30.09 15.99 -42.94
CA GLY C 355 30.67 16.48 -44.18
C GLY C 355 30.33 15.52 -45.30
N ASN C 356 30.31 16.01 -46.55
CA ASN C 356 29.90 15.16 -47.71
C ASN C 356 31.08 14.94 -48.66
N ASN C 357 32.30 15.10 -48.15
CA ASN C 357 33.57 14.76 -48.80
C ASN C 357 34.33 13.76 -47.94
N THR C 358 33.59 13.14 -47.04
CA THR C 358 34.08 12.20 -46.06
C THR C 358 34.00 10.76 -46.46
N ILE C 359 34.61 9.93 -45.64
CA ILE C 359 34.58 8.50 -45.75
C ILE C 359 33.87 7.96 -44.54
N ILE C 360 32.85 7.16 -44.76
CA ILE C 360 32.09 6.62 -43.65
C ILE C 360 32.27 5.14 -43.57
N ARG C 361 32.88 4.70 -42.49
CA ARG C 361 33.16 3.31 -42.30
C ARG C 361 32.36 2.73 -41.19
N PHE C 362 31.99 1.50 -41.37
CA PHE C 362 31.31 0.76 -40.35
C PHE C 362 32.20 -0.35 -39.91
N ALA C 363 32.11 -0.66 -38.65
CA ALA C 363 32.88 -1.72 -38.06
C ALA C 363 32.02 -2.37 -36.99
N ASN C 364 32.40 -3.58 -36.53
CA ASN C 364 31.70 -4.32 -35.48
C ASN C 364 32.11 -3.78 -34.09
N SER C 365 31.50 -4.33 -33.00
CA SER C 365 31.77 -3.91 -31.62
C SER C 365 33.21 -4.12 -31.21
N SER C 366 33.70 -3.21 -30.36
CA SER C 366 35.07 -3.23 -29.91
C SER C 366 35.38 -4.32 -28.90
N GLY C 367 34.35 -4.89 -28.30
CA GLY C 367 34.58 -5.93 -27.29
C GLY C 367 33.70 -5.74 -26.07
N GLY C 368 33.87 -6.62 -25.10
CA GLY C 368 33.04 -6.59 -23.90
C GLY C 368 32.14 -7.83 -23.83
N ASP C 369 31.20 -7.79 -22.90
CA ASP C 369 30.30 -8.89 -22.61
C ASP C 369 29.36 -9.20 -23.78
N LEU C 370 28.92 -10.45 -23.87
CA LEU C 370 28.04 -10.92 -24.93
C LEU C 370 26.81 -10.04 -25.08
N GLU C 371 26.25 -9.60 -23.97
CA GLU C 371 25.05 -8.80 -23.95
C GLU C 371 25.20 -7.44 -24.65
N VAL C 372 26.41 -6.99 -24.88
CA VAL C 372 26.66 -5.73 -25.54
C VAL C 372 27.25 -5.94 -26.94
N THR C 373 28.17 -6.90 -27.07
CA THR C 373 28.86 -7.09 -28.34
C THR C 373 27.96 -7.72 -29.39
N THR C 374 26.93 -8.41 -28.95
CA THR C 374 25.99 -8.99 -29.88
C THR C 374 24.65 -8.33 -29.76
N HIS C 375 23.81 -8.64 -30.72
CA HIS C 375 22.46 -8.17 -30.79
C HIS C 375 21.50 -9.10 -30.08
N SER C 376 21.05 -8.69 -28.92
CA SER C 376 20.16 -9.49 -28.11
C SER C 376 18.77 -9.35 -28.63
N PHE C 377 18.09 -10.46 -28.68
CA PHE C 377 16.74 -10.57 -29.17
C PHE C 377 15.91 -11.70 -28.56
N ASN C 378 14.65 -11.40 -28.20
CA ASN C 378 13.74 -12.40 -27.63
C ASN C 378 12.80 -12.97 -28.72
N CYS C 379 12.97 -14.26 -29.09
CA CYS C 379 12.26 -14.92 -30.19
C CYS C 379 11.36 -16.05 -29.69
N GLY C 380 10.09 -15.78 -29.47
CA GLY C 380 9.20 -16.83 -29.02
C GLY C 380 9.38 -17.19 -27.56
N GLY C 381 10.20 -16.44 -26.87
CA GLY C 381 10.55 -16.70 -25.50
C GLY C 381 11.98 -17.23 -25.40
N GLU C 382 12.62 -17.52 -26.53
CA GLU C 382 13.99 -17.96 -26.51
C GLU C 382 14.92 -16.74 -26.56
N PHE C 383 16.10 -16.84 -25.99
CA PHE C 383 17.02 -15.70 -26.01
C PHE C 383 18.23 -15.86 -26.91
N PHE C 384 18.22 -15.02 -27.96
CA PHE C 384 19.21 -14.98 -29.03
C PHE C 384 20.26 -13.91 -28.83
N TYR C 385 21.49 -14.24 -29.19
CA TYR C 385 22.64 -13.34 -29.18
C TYR C 385 23.34 -13.36 -30.54
N CYS C 386 22.87 -12.53 -31.45
CA CYS C 386 23.29 -12.54 -32.83
C CYS C 386 24.56 -11.72 -33.14
N ASN C 387 25.44 -12.35 -33.93
CA ASN C 387 26.73 -11.75 -34.39
C ASN C 387 26.47 -10.92 -35.65
N THR C 388 26.58 -9.59 -35.51
CA THR C 388 26.27 -8.59 -36.52
C THR C 388 27.47 -8.12 -37.29
N SER C 389 28.60 -8.78 -37.14
CA SER C 389 29.76 -8.33 -37.88
C SER C 389 29.55 -8.39 -39.38
N GLY C 390 28.66 -9.27 -39.84
CA GLY C 390 28.35 -9.39 -41.25
C GLY C 390 27.53 -8.22 -41.79
N LEU C 391 26.96 -7.42 -40.91
CA LEU C 391 26.16 -6.28 -41.34
C LEU C 391 26.94 -4.98 -41.35
N PHE C 392 27.93 -4.89 -40.46
CA PHE C 392 28.67 -3.65 -40.29
C PHE C 392 30.08 -3.66 -40.81
N ASN C 393 30.43 -4.63 -41.62
CA ASN C 393 31.76 -4.68 -42.21
C ASN C 393 31.83 -3.98 -43.56
N SER C 394 31.91 -2.65 -43.59
CA SER C 394 31.89 -1.98 -44.90
C SER C 394 32.46 -0.55 -44.89
N THR C 395 32.86 -0.07 -46.06
CA THR C 395 33.30 1.32 -46.18
C THR C 395 32.60 2.03 -47.32
N TRP C 396 32.07 3.21 -47.06
CA TRP C 396 31.42 4.03 -48.05
C TRP C 396 32.28 5.25 -48.35
N ILE C 397 32.38 5.64 -49.60
CA ILE C 397 33.19 6.80 -49.96
C ILE C 397 32.38 7.78 -50.79
N SER C 398 32.85 9.06 -50.90
CA SER C 398 32.23 10.10 -51.73
C SER C 398 32.47 9.80 -53.23
N SER C 410 20.55 -16.44 -56.00
CA SER C 410 19.21 -15.90 -56.21
C SER C 410 19.01 -14.63 -55.35
N ASN C 411 18.58 -14.79 -54.08
CA ASN C 411 18.30 -13.70 -53.12
C ASN C 411 19.56 -13.07 -52.54
N ASP C 412 20.62 -13.86 -52.40
CA ASP C 412 21.89 -13.39 -51.84
C ASP C 412 21.73 -12.73 -50.46
N SER C 413 21.27 -13.50 -49.50
CA SER C 413 21.11 -12.96 -48.16
C SER C 413 22.42 -12.94 -47.38
N ILE C 414 22.42 -12.19 -46.30
CA ILE C 414 23.50 -12.13 -45.35
C ILE C 414 23.15 -13.03 -44.20
N THR C 415 23.99 -13.99 -43.89
CA THR C 415 23.66 -14.88 -42.80
C THR C 415 24.50 -14.55 -41.60
N LEU C 416 23.82 -14.27 -40.51
CA LEU C 416 24.44 -13.93 -39.26
C LEU C 416 24.31 -15.09 -38.28
N PRO C 417 25.39 -15.65 -37.74
CA PRO C 417 25.31 -16.75 -36.81
C PRO C 417 24.77 -16.20 -35.52
N CYS C 418 24.08 -17.04 -34.77
CA CYS C 418 23.55 -16.63 -33.49
C CYS C 418 23.63 -17.65 -32.38
N ARG C 419 24.03 -17.20 -31.19
CA ARG C 419 24.10 -18.08 -30.03
C ARG C 419 22.82 -18.03 -29.23
N ILE C 420 22.56 -19.10 -28.50
CA ILE C 420 21.40 -19.21 -27.63
C ILE C 420 21.83 -19.34 -26.19
N LYS C 421 21.20 -18.61 -25.29
CA LYS C 421 21.57 -18.69 -23.87
C LYS C 421 20.33 -18.83 -22.99
N GLN C 422 20.29 -19.83 -22.10
CA GLN C 422 19.11 -20.02 -21.25
C GLN C 422 19.16 -19.29 -19.92
N ILE C 423 20.34 -18.94 -19.42
CA ILE C 423 20.37 -18.22 -18.15
C ILE C 423 20.70 -16.78 -18.42
N ILE C 424 19.72 -15.92 -18.16
CA ILE C 424 19.86 -14.54 -18.53
C ILE C 424 19.92 -13.57 -17.37
N ASN C 425 20.94 -12.73 -17.35
CA ASN C 425 21.08 -11.70 -16.32
C ASN C 425 20.31 -10.48 -16.81
N MET C 426 19.02 -10.67 -16.86
CA MET C 426 18.10 -9.76 -17.47
C MET C 426 18.02 -8.45 -16.72
N TRP C 427 18.03 -7.38 -17.50
CA TRP C 427 18.02 -6.00 -17.05
C TRP C 427 19.26 -5.59 -16.29
N GLN C 428 20.34 -6.37 -16.42
CA GLN C 428 21.64 -6.09 -15.85
C GLN C 428 21.69 -5.96 -14.33
N ARG C 429 20.93 -6.77 -13.60
CA ARG C 429 21.00 -6.77 -12.16
C ARG C 429 21.86 -7.93 -11.73
N ILE C 430 22.96 -7.63 -11.10
CA ILE C 430 23.89 -8.70 -10.75
C ILE C 430 23.32 -9.75 -9.80
N GLY C 431 22.39 -9.38 -8.93
CA GLY C 431 21.83 -10.30 -7.96
C GLY C 431 20.71 -11.23 -8.43
N GLN C 432 20.27 -11.16 -9.67
CA GLN C 432 19.19 -12.06 -10.09
C GLN C 432 19.44 -12.68 -11.45
N ALA C 433 18.92 -13.87 -11.67
CA ALA C 433 18.97 -14.41 -13.02
C ALA C 433 17.74 -15.24 -13.29
N MET C 434 17.32 -15.24 -14.54
CA MET C 434 16.19 -16.08 -14.88
C MET C 434 16.57 -17.19 -15.81
N TYR C 435 15.88 -18.31 -15.67
CA TYR C 435 16.05 -19.41 -16.55
C TYR C 435 14.94 -19.42 -17.56
N ALA C 436 15.31 -19.39 -18.81
CA ALA C 436 14.33 -19.43 -19.85
C ALA C 436 14.08 -20.88 -20.17
N PRO C 437 12.89 -21.42 -19.99
CA PRO C 437 12.65 -22.79 -20.23
C PRO C 437 12.77 -22.93 -21.72
N PRO C 438 13.12 -24.09 -22.23
CA PRO C 438 13.22 -24.40 -23.63
C PRO C 438 11.85 -24.51 -24.23
N ILE C 439 11.79 -24.32 -25.53
CA ILE C 439 10.56 -24.42 -26.28
C ILE C 439 10.59 -25.65 -27.15
N GLN C 440 9.54 -26.43 -27.09
CA GLN C 440 9.42 -27.64 -27.88
C GLN C 440 9.34 -27.30 -29.35
N GLY C 441 10.02 -28.07 -30.19
CA GLY C 441 9.97 -27.81 -31.63
C GLY C 441 10.98 -26.79 -32.15
N VAL C 442 10.77 -26.38 -33.39
CA VAL C 442 11.65 -25.48 -34.14
C VAL C 442 11.11 -24.07 -34.04
N ILE C 443 11.98 -23.09 -33.79
CA ILE C 443 11.52 -21.72 -33.59
C ILE C 443 11.83 -20.77 -34.72
N ARG C 444 10.83 -20.10 -35.25
CA ARG C 444 11.09 -19.09 -36.28
C ARG C 444 10.32 -17.80 -35.97
N CYS C 445 11.02 -16.64 -36.08
CA CYS C 445 10.48 -15.29 -35.90
C CYS C 445 10.81 -14.46 -37.12
N VAL C 446 9.86 -13.64 -37.52
CA VAL C 446 10.12 -12.68 -38.57
C VAL C 446 9.86 -11.32 -37.97
N SER C 447 10.85 -10.45 -38.01
CA SER C 447 10.68 -9.15 -37.40
C SER C 447 11.28 -8.05 -38.27
N ASN C 448 10.93 -6.78 -37.96
CA ASN C 448 11.39 -5.60 -38.71
C ASN C 448 12.48 -4.84 -37.97
N ILE C 449 13.54 -4.47 -38.70
CA ILE C 449 14.59 -3.57 -38.25
C ILE C 449 14.09 -2.20 -38.61
N THR C 450 13.83 -1.41 -37.60
CA THR C 450 13.26 -0.10 -37.77
C THR C 450 14.29 0.93 -37.43
N GLY C 451 15.37 0.50 -36.79
CA GLY C 451 16.43 1.43 -36.45
C GLY C 451 17.71 0.78 -36.02
N LEU C 452 18.71 1.61 -35.80
CA LEU C 452 20.04 1.19 -35.40
C LEU C 452 20.55 1.99 -34.23
N ILE C 453 21.39 1.42 -33.37
CA ILE C 453 22.07 2.28 -32.42
C ILE C 453 23.53 2.30 -32.80
N LEU C 454 24.01 3.46 -33.19
CA LEU C 454 25.40 3.56 -33.60
C LEU C 454 26.22 4.35 -32.62
N THR C 455 27.48 4.01 -32.51
CA THR C 455 28.39 4.77 -31.69
C THR C 455 29.45 5.33 -32.60
N ARG C 456 29.70 6.63 -32.54
CA ARG C 456 30.75 7.16 -33.38
C ARG C 456 31.99 6.75 -32.62
N ASP C 457 32.97 6.21 -33.31
CA ASP C 457 34.16 5.73 -32.63
C ASP C 457 34.97 6.92 -32.10
N GLY C 458 34.97 8.01 -32.86
CA GLY C 458 35.70 9.21 -32.50
C GLY C 458 37.17 9.14 -32.87
N GLY C 459 37.94 10.06 -32.31
CA GLY C 459 39.36 10.22 -32.58
C GLY C 459 39.62 11.46 -33.43
N SER C 460 40.46 12.37 -32.92
CA SER C 460 40.75 13.62 -33.61
C SER C 460 41.83 13.44 -34.65
N THR C 461 41.52 12.67 -35.68
CA THR C 461 42.49 12.36 -36.72
C THR C 461 42.44 13.32 -37.88
N ASN C 462 41.28 13.90 -38.10
CA ASN C 462 40.98 14.83 -39.18
C ASN C 462 41.24 14.20 -40.54
N SER C 463 41.12 12.87 -40.61
CA SER C 463 41.33 12.07 -41.82
C SER C 463 40.08 11.97 -42.66
N THR C 464 38.97 12.38 -42.05
CA THR C 464 37.58 12.33 -42.52
C THR C 464 36.97 10.92 -42.46
N THR C 465 37.75 9.91 -42.05
CA THR C 465 37.26 8.54 -42.01
C THR C 465 36.48 8.26 -40.74
N GLU C 466 35.29 8.82 -40.66
CA GLU C 466 34.47 8.64 -39.49
C GLU C 466 34.13 7.17 -39.44
N THR C 467 34.17 6.58 -38.27
CA THR C 467 33.85 5.17 -38.12
C THR C 467 32.73 5.01 -37.12
N PHE C 468 31.75 4.17 -37.44
CA PHE C 468 30.63 3.90 -36.57
C PHE C 468 30.54 2.43 -36.23
N ARG C 469 30.10 2.13 -35.02
CA ARG C 469 29.95 0.74 -34.62
C ARG C 469 28.57 0.49 -34.04
N PRO C 470 28.03 -0.72 -34.12
CA PRO C 470 26.77 -1.14 -33.55
C PRO C 470 26.98 -1.39 -32.10
N GLY C 471 27.16 -0.34 -31.35
CA GLY C 471 27.46 -0.45 -29.94
C GLY C 471 26.17 -0.56 -29.16
N GLY C 472 25.57 0.56 -28.85
CA GLY C 472 24.32 0.51 -28.13
C GLY C 472 24.51 -0.18 -26.81
N GLY C 473 23.65 -1.15 -26.53
CA GLY C 473 23.73 -1.90 -25.28
C GLY C 473 22.89 -1.31 -24.17
N ASP C 474 22.38 -0.10 -24.36
CA ASP C 474 21.55 0.55 -23.35
C ASP C 474 20.16 0.01 -23.54
N MET C 475 19.34 0.10 -22.53
CA MET C 475 17.99 -0.40 -22.63
C MET C 475 16.97 0.71 -22.77
N ARG C 476 17.36 1.94 -22.44
CA ARG C 476 16.43 3.05 -22.51
C ARG C 476 16.26 3.58 -23.93
N ASP C 477 17.31 3.44 -24.74
CA ASP C 477 17.37 3.95 -26.10
C ASP C 477 16.27 3.39 -26.98
N ASN C 478 15.86 2.19 -26.68
CA ASN C 478 14.86 1.51 -27.45
C ASN C 478 13.51 2.17 -27.35
N TRP C 479 13.25 2.88 -26.28
CA TRP C 479 11.96 3.50 -26.10
C TRP C 479 12.10 4.98 -26.31
N ARG C 480 13.30 5.49 -26.08
CA ARG C 480 13.54 6.88 -26.28
C ARG C 480 13.25 7.25 -27.72
N SER C 481 13.59 6.35 -28.64
CA SER C 481 13.38 6.52 -30.05
C SER C 481 11.91 6.48 -30.48
N GLU C 482 11.02 6.02 -29.60
CA GLU C 482 9.59 5.91 -29.87
C GLU C 482 8.78 6.99 -29.16
N LEU C 483 9.21 7.38 -27.98
CA LEU C 483 8.51 8.34 -27.15
C LEU C 483 8.95 9.76 -27.39
N TYR C 484 9.81 9.97 -28.37
CA TYR C 484 10.38 11.27 -28.69
C TYR C 484 9.35 12.31 -29.07
N LYS C 485 8.19 11.86 -29.50
CA LYS C 485 7.17 12.79 -29.90
C LYS C 485 6.36 13.27 -28.74
N TYR C 486 6.57 12.74 -27.54
CA TYR C 486 5.69 13.13 -26.46
C TYR C 486 6.35 13.87 -25.33
N LYS C 487 5.59 14.79 -24.76
CA LYS C 487 5.99 15.51 -23.56
C LYS C 487 4.87 15.58 -22.54
N VAL C 488 5.19 15.44 -21.26
CA VAL C 488 4.17 15.55 -20.22
C VAL C 488 4.12 16.95 -19.64
N VAL C 489 2.93 17.53 -19.66
CA VAL C 489 2.72 18.87 -19.19
C VAL C 489 1.64 18.92 -18.11
N LYS C 490 1.89 19.69 -17.07
CA LYS C 490 0.95 19.88 -15.98
C LYS C 490 0.12 21.09 -16.30
N ILE C 491 -1.18 21.02 -16.03
CA ILE C 491 -2.00 22.16 -16.32
C ILE C 491 -2.21 22.94 -15.04
N GLU C 492 -1.97 24.24 -15.07
CA GLU C 492 -2.13 25.10 -13.89
C GLU C 492 -3.05 26.25 -14.19
N PRO C 493 -4.37 26.04 -14.21
CA PRO C 493 -5.36 26.96 -14.69
C PRO C 493 -5.75 28.05 -13.74
N LEU C 494 -4.79 28.83 -13.29
CA LEU C 494 -5.10 29.95 -12.42
C LEU C 494 -4.12 31.05 -12.69
N GLY C 495 -4.60 32.24 -12.96
CA GLY C 495 -3.68 33.33 -13.20
C GLY C 495 -4.37 34.66 -13.22
N VAL C 496 -3.60 35.71 -13.42
CA VAL C 496 -4.14 37.05 -13.40
C VAL C 496 -3.74 37.85 -14.60
N ALA C 497 -4.47 38.93 -14.85
CA ALA C 497 -4.19 39.89 -15.90
C ALA C 497 -4.90 41.20 -15.54
N PRO C 498 -4.46 42.38 -16.01
CA PRO C 498 -5.13 43.64 -15.83
C PRO C 498 -6.38 43.78 -16.69
N THR C 499 -7.40 44.48 -16.17
CA THR C 499 -8.62 44.85 -16.88
C THR C 499 -9.07 46.24 -16.44
N ARG C 500 -10.21 46.67 -16.94
CA ARG C 500 -10.79 47.96 -16.54
C ARG C 500 -11.87 47.80 -15.48
N CYS C 501 -11.99 46.62 -14.92
CA CYS C 501 -13.05 46.36 -13.97
C CYS C 501 -12.60 46.28 -12.54
N LYS C 502 -13.23 47.06 -11.67
CA LYS C 502 -12.92 47.01 -10.24
C LYS C 502 -14.12 46.40 -9.57
N ARG C 503 -13.91 45.54 -8.59
CA ARG C 503 -15.04 44.95 -7.88
C ARG C 503 -15.68 46.00 -7.00
N ARG C 504 -16.99 45.90 -6.83
CA ARG C 504 -17.69 46.81 -5.93
C ARG C 504 -17.25 46.52 -4.48
N VAL C 505 -17.01 47.58 -3.68
CA VAL C 505 -16.61 47.51 -2.28
C VAL C 505 -17.35 48.66 -1.58
N LEU D 1 -13.68 24.70 -29.20
CA LEU D 1 -12.28 24.36 -29.51
C LEU D 1 -11.80 23.06 -28.82
N GLY D 2 -12.39 22.70 -27.66
CA GLY D 2 -12.06 21.51 -26.84
C GLY D 2 -11.00 21.85 -25.79
N PHE D 3 -10.64 20.86 -24.97
CA PHE D 3 -9.69 21.11 -23.89
C PHE D 3 -8.37 21.59 -24.41
N LEU D 4 -7.97 22.76 -23.93
CA LEU D 4 -6.75 23.46 -24.31
C LEU D 4 -6.72 23.85 -25.76
N GLY D 5 -7.85 23.81 -26.46
CA GLY D 5 -7.88 24.17 -27.87
C GLY D 5 -7.63 25.65 -28.04
N ALA D 6 -7.78 26.38 -26.95
CA ALA D 6 -7.58 27.79 -26.85
C ALA D 6 -6.16 28.13 -26.46
N ALA D 7 -5.29 27.17 -26.28
CA ALA D 7 -3.95 27.47 -25.78
C ALA D 7 -3.21 28.47 -26.64
N GLY D 8 -3.37 28.44 -27.95
CA GLY D 8 -2.67 29.40 -28.79
C GLY D 8 -3.51 30.61 -29.15
N SER D 9 -4.72 30.69 -28.61
CA SER D 9 -5.61 31.78 -28.95
C SER D 9 -5.26 32.95 -28.08
N THR D 10 -5.81 34.10 -28.37
CA THR D 10 -5.47 35.24 -27.56
C THR D 10 -6.12 35.14 -26.21
N MET D 11 -5.62 35.93 -25.29
CA MET D 11 -6.14 35.91 -23.95
C MET D 11 -7.59 36.23 -23.90
N GLY D 12 -8.03 37.14 -24.75
CA GLY D 12 -9.41 37.54 -24.84
C GLY D 12 -10.25 36.37 -25.31
N ALA D 13 -9.86 35.76 -26.42
CA ALA D 13 -10.63 34.67 -27.00
C ALA D 13 -10.79 33.51 -26.05
N ALA D 14 -9.73 33.25 -25.29
CA ALA D 14 -9.63 32.15 -24.36
C ALA D 14 -10.59 32.26 -23.21
N SER D 15 -11.16 33.42 -22.97
CA SER D 15 -12.05 33.54 -21.84
C SER D 15 -13.30 32.69 -22.05
N MET D 16 -13.60 32.34 -23.29
CA MET D 16 -14.82 31.60 -23.51
C MET D 16 -14.66 30.10 -23.32
N THR D 17 -13.47 29.63 -22.99
CA THR D 17 -13.27 28.22 -22.77
C THR D 17 -12.90 27.98 -21.31
N LEU D 18 -13.08 28.98 -20.44
CA LEU D 18 -12.66 28.78 -19.07
C LEU D 18 -13.41 27.62 -18.42
N THR D 19 -14.66 27.36 -18.81
CA THR D 19 -15.39 26.25 -18.23
C THR D 19 -14.86 24.92 -18.69
N VAL D 20 -14.19 24.88 -19.85
CA VAL D 20 -13.70 23.66 -20.43
C VAL D 20 -12.50 23.18 -19.66
N GLN D 21 -11.59 24.09 -19.37
CA GLN D 21 -10.43 23.66 -18.62
C GLN D 21 -10.75 23.54 -17.15
N ALA D 22 -11.55 24.46 -16.61
CA ALA D 22 -11.80 24.44 -15.19
C ALA D 22 -12.45 23.16 -14.72
N ARG D 23 -13.36 22.61 -15.51
CA ARG D 23 -14.06 21.40 -15.11
C ARG D 23 -13.26 20.14 -15.36
N ASN D 24 -12.16 20.25 -16.09
CA ASN D 24 -11.47 19.07 -16.54
C ASN D 24 -10.76 18.30 -15.46
N LEU D 25 -10.30 18.95 -14.40
CA LEU D 25 -9.58 18.15 -13.45
C LEU D 25 -10.46 17.14 -12.74
N LEU D 26 -11.60 17.54 -12.20
CA LEU D 26 -12.38 16.52 -11.53
C LEU D 26 -13.14 15.63 -12.47
N SER D 27 -13.61 16.12 -13.64
CA SER D 27 -14.34 15.18 -14.48
C SER D 27 -13.36 14.16 -15.02
N GLY D 28 -12.10 14.59 -15.17
CA GLY D 28 -11.00 13.76 -15.61
C GLY D 28 -10.74 12.68 -14.58
N ILE D 29 -10.65 13.08 -13.31
CA ILE D 29 -10.35 12.13 -12.26
C ILE D 29 -11.43 11.09 -12.18
N VAL D 30 -12.67 11.55 -12.22
CA VAL D 30 -13.78 10.64 -12.10
C VAL D 30 -13.92 9.73 -13.32
N GLN D 31 -13.79 10.23 -14.54
CA GLN D 31 -13.96 9.34 -15.67
C GLN D 31 -12.87 8.26 -15.71
N GLN D 32 -11.63 8.63 -15.33
CA GLN D 32 -10.59 7.63 -15.37
C GLN D 32 -10.87 6.55 -14.35
N GLN D 33 -11.36 6.95 -13.17
CA GLN D 33 -11.67 5.97 -12.18
C GLN D 33 -12.86 5.12 -12.59
N SER D 34 -13.85 5.70 -13.27
CA SER D 34 -15.00 4.91 -13.69
C SER D 34 -14.57 3.80 -14.63
N ASN D 35 -13.56 4.07 -15.48
CA ASN D 35 -13.07 3.01 -16.37
C ASN D 35 -12.25 1.98 -15.59
N LEU D 36 -11.48 2.41 -14.59
CA LEU D 36 -10.67 1.48 -13.80
C LEU D 36 -11.59 0.52 -13.03
N LEU D 37 -12.72 1.04 -12.57
CA LEU D 37 -13.70 0.31 -11.78
C LEU D 37 -14.54 -0.67 -12.57
N ARG D 38 -14.31 -0.75 -13.89
CA ARG D 38 -15.01 -1.73 -14.71
C ARG D 38 -14.45 -3.10 -14.34
N ALA D 39 -13.27 -3.06 -13.71
CA ALA D 39 -12.55 -4.19 -13.22
C ALA D 39 -12.36 -5.34 -14.19
N PRO D 40 -11.76 -5.13 -15.38
CA PRO D 40 -11.37 -6.18 -16.30
C PRO D 40 -10.06 -6.73 -15.74
N GLU D 41 -10.19 -7.33 -14.56
CA GLU D 41 -9.10 -7.76 -13.69
C GLU D 41 -8.26 -6.59 -13.08
N CYS D 42 -8.76 -5.31 -13.19
CA CYS D 42 -8.11 -4.12 -12.63
C CYS D 42 -8.32 -4.00 -11.15
N GLN D 43 -9.46 -4.39 -10.63
CA GLN D 43 -9.62 -4.20 -9.21
C GLN D 43 -8.67 -5.16 -8.52
N GLN D 44 -8.48 -6.31 -9.16
CA GLN D 44 -7.63 -7.34 -8.64
C GLN D 44 -6.17 -6.94 -8.76
N HIS D 45 -5.79 -6.33 -9.89
CA HIS D 45 -4.42 -5.87 -10.07
C HIS D 45 -4.11 -4.72 -9.13
N LEU D 46 -5.03 -3.77 -9.05
CA LEU D 46 -4.92 -2.57 -8.24
C LEU D 46 -4.70 -2.90 -6.78
N LEU D 47 -5.42 -3.89 -6.27
CA LEU D 47 -5.25 -4.24 -4.89
C LEU D 47 -4.18 -5.30 -4.61
N LYS D 48 -3.92 -6.21 -5.56
CA LYS D 48 -2.91 -7.24 -5.35
C LYS D 48 -1.50 -6.68 -5.52
N ASP D 49 -1.28 -5.90 -6.57
CA ASP D 49 0.02 -5.34 -6.80
C ASP D 49 0.04 -4.07 -6.00
N THR D 50 0.47 -4.19 -4.75
CA THR D 50 0.41 -3.08 -3.83
C THR D 50 1.33 -1.97 -4.23
N HIS D 51 2.41 -2.29 -4.91
CA HIS D 51 3.31 -1.24 -5.37
C HIS D 51 2.58 -0.40 -6.40
N TRP D 52 1.98 -1.06 -7.38
CA TRP D 52 1.26 -0.31 -8.41
C TRP D 52 0.08 0.43 -7.80
N GLY D 53 -0.63 -0.22 -6.89
CA GLY D 53 -1.79 0.37 -6.28
C GLY D 53 -1.45 1.66 -5.54
N ILE D 54 -0.33 1.71 -4.82
CA ILE D 54 -0.03 2.96 -4.16
C ILE D 54 0.43 3.99 -5.17
N LYS D 55 1.07 3.61 -6.28
CA LYS D 55 1.38 4.65 -7.26
C LYS D 55 0.09 5.32 -7.73
N GLN D 56 -0.98 4.55 -7.92
CA GLN D 56 -2.23 5.15 -8.35
C GLN D 56 -2.87 6.00 -7.27
N LEU D 57 -2.80 5.58 -6.01
CA LEU D 57 -3.37 6.40 -4.97
C LEU D 57 -2.58 7.68 -4.84
N GLN D 58 -1.28 7.61 -5.05
CA GLN D 58 -0.44 8.76 -4.93
C GLN D 58 -0.82 9.77 -6.00
N ALA D 59 -1.08 9.30 -7.21
CA ALA D 59 -1.45 10.21 -8.27
C ALA D 59 -2.79 10.88 -8.03
N ARG D 60 -3.74 10.14 -7.48
CA ARG D 60 -5.06 10.70 -7.25
C ARG D 60 -5.09 11.63 -6.08
N VAL D 61 -4.36 11.33 -5.02
CA VAL D 61 -4.35 12.22 -3.89
C VAL D 61 -3.73 13.52 -4.32
N LEU D 62 -2.64 13.45 -5.08
CA LEU D 62 -1.99 14.66 -5.52
C LEU D 62 -2.90 15.49 -6.41
N ALA D 63 -3.63 14.87 -7.34
CA ALA D 63 -4.52 15.63 -8.20
C ALA D 63 -5.58 16.36 -7.39
N VAL D 64 -6.10 15.71 -6.35
CA VAL D 64 -7.07 16.34 -5.50
C VAL D 64 -6.47 17.49 -4.72
N GLU D 65 -5.27 17.32 -4.20
CA GLU D 65 -4.65 18.39 -3.45
C GLU D 65 -4.44 19.61 -4.33
N HIS D 66 -4.07 19.44 -5.59
CA HIS D 66 -3.92 20.61 -6.43
C HIS D 66 -5.25 21.28 -6.69
N TYR D 67 -6.30 20.50 -6.88
CA TYR D 67 -7.60 21.13 -7.07
C TYR D 67 -7.94 21.99 -5.88
N LEU D 68 -7.78 21.43 -4.70
CA LEU D 68 -8.15 22.16 -3.52
C LEU D 68 -7.26 23.34 -3.28
N ARG D 69 -5.99 23.25 -3.60
CA ARG D 69 -5.13 24.40 -3.42
C ARG D 69 -5.66 25.60 -4.15
N ASP D 70 -6.04 25.40 -5.39
CA ASP D 70 -6.49 26.53 -6.16
C ASP D 70 -7.83 27.01 -5.69
N GLN D 71 -8.70 26.09 -5.28
CA GLN D 71 -9.98 26.55 -4.80
C GLN D 71 -9.84 27.32 -3.52
N GLN D 72 -8.90 26.93 -2.66
CA GLN D 72 -8.75 27.68 -1.45
C GLN D 72 -8.20 29.05 -1.75
N LEU D 73 -7.29 29.19 -2.71
CA LEU D 73 -6.82 30.53 -3.00
C LEU D 73 -7.95 31.40 -3.47
N LEU D 74 -8.82 30.86 -4.29
CA LEU D 74 -9.92 31.65 -4.75
C LEU D 74 -10.81 32.01 -3.56
N GLY D 75 -10.98 31.10 -2.62
CA GLY D 75 -11.79 31.37 -1.44
C GLY D 75 -11.23 32.54 -0.64
N ILE D 76 -9.94 32.51 -0.39
CA ILE D 76 -9.28 33.54 0.40
C ILE D 76 -9.43 34.90 -0.27
N TRP D 77 -9.37 34.93 -1.60
CA TRP D 77 -9.48 36.19 -2.36
C TRP D 77 -10.93 36.65 -2.60
N GLY D 78 -11.92 35.86 -2.17
CA GLY D 78 -13.32 36.19 -2.39
C GLY D 78 -13.78 35.91 -3.81
N CYS D 79 -13.08 34.99 -4.48
CA CYS D 79 -13.30 34.64 -5.85
C CYS D 79 -13.81 33.22 -6.09
N SER D 80 -14.15 32.48 -5.04
CA SER D 80 -14.48 31.05 -5.22
C SER D 80 -15.70 30.69 -6.02
N GLY D 81 -16.67 31.56 -6.16
CA GLY D 81 -17.84 31.17 -6.89
C GLY D 81 -17.80 31.49 -8.37
N LYS D 82 -16.70 32.02 -8.87
CA LYS D 82 -16.67 32.44 -10.27
C LYS D 82 -15.42 32.06 -11.03
N LEU D 83 -15.52 32.02 -12.35
CA LEU D 83 -14.36 31.77 -13.17
C LEU D 83 -13.66 33.09 -13.48
N ILE D 84 -14.42 34.17 -13.48
CA ILE D 84 -13.85 35.50 -13.72
C ILE D 84 -14.11 36.37 -12.50
N CYS D 85 -13.07 36.90 -11.88
CA CYS D 85 -13.29 37.78 -10.73
C CYS D 85 -12.49 39.04 -10.71
N CYS D 86 -13.15 40.12 -10.38
CA CYS D 86 -12.47 41.38 -10.26
C CYS D 86 -12.08 41.52 -8.82
N THR D 87 -11.03 42.27 -8.53
CA THR D 87 -10.68 42.52 -7.14
C THR D 87 -10.54 44.02 -6.85
N ASN D 88 -9.91 44.35 -5.73
CA ASN D 88 -9.73 45.72 -5.29
C ASN D 88 -8.25 46.08 -5.20
N VAL D 89 -7.44 45.43 -6.03
CA VAL D 89 -6.02 45.63 -6.10
C VAL D 89 -5.69 46.19 -7.48
N PRO D 90 -5.04 47.35 -7.59
CA PRO D 90 -4.67 48.00 -8.84
C PRO D 90 -3.53 47.26 -9.48
N TRP D 91 -3.44 47.34 -10.78
CA TRP D 91 -2.35 46.74 -11.51
C TRP D 91 -1.11 47.61 -11.44
N ASN D 92 0.07 47.00 -11.18
CA ASN D 92 1.37 47.65 -11.13
C ASN D 92 2.07 47.61 -12.50
N SER D 93 2.54 48.80 -12.98
CA SER D 93 3.28 48.93 -14.23
C SER D 93 4.65 48.26 -14.11
N SER D 94 5.08 48.00 -12.86
CA SER D 94 6.34 47.31 -12.64
C SER D 94 6.20 45.81 -12.91
N TRP D 95 4.96 45.28 -12.92
CA TRP D 95 4.76 43.86 -13.19
C TRP D 95 4.77 43.72 -14.69
N SER D 96 4.04 44.63 -15.32
CA SER D 96 3.95 44.71 -16.77
C SER D 96 3.50 46.09 -17.18
N ASN D 97 4.21 46.68 -18.11
CA ASN D 97 3.88 47.99 -18.63
C ASN D 97 3.32 47.91 -20.04
N ARG D 98 2.86 46.73 -20.41
CA ARG D 98 2.27 46.48 -21.71
C ARG D 98 0.88 47.12 -21.77
N ASN D 99 0.43 47.59 -22.98
CA ASN D 99 -0.89 48.18 -23.20
C ASN D 99 -1.98 47.12 -23.04
N LEU D 100 -3.16 47.51 -22.48
CA LEU D 100 -4.29 46.60 -22.25
C LEU D 100 -4.80 45.98 -23.55
N SER D 101 -4.73 46.77 -24.62
CA SER D 101 -5.16 46.32 -25.94
C SER D 101 -4.21 45.29 -26.53
N GLU D 102 -2.99 45.21 -26.00
CA GLU D 102 -2.06 44.21 -26.49
C GLU D 102 -2.33 42.94 -25.71
N ILE D 103 -2.55 43.10 -24.42
CA ILE D 103 -2.73 41.96 -23.52
C ILE D 103 -3.92 41.14 -23.91
N TRP D 104 -5.02 41.78 -24.25
CA TRP D 104 -6.20 41.01 -24.58
C TRP D 104 -6.43 40.78 -26.07
N ASP D 105 -5.44 41.09 -26.93
CA ASP D 105 -5.65 40.94 -28.38
C ASP D 105 -4.46 40.32 -29.14
N ASN D 106 -3.22 40.69 -28.80
CA ASN D 106 -2.05 40.27 -29.56
C ASN D 106 -1.19 39.24 -28.84
N MET D 107 -1.70 38.69 -27.75
CA MET D 107 -0.94 37.76 -26.93
C MET D 107 -1.81 36.65 -26.35
N THR D 108 -1.20 35.47 -26.16
CA THR D 108 -1.85 34.28 -25.60
C THR D 108 -1.57 34.17 -24.09
N TRP D 109 -2.30 33.29 -23.40
CA TRP D 109 -2.09 33.09 -21.97
C TRP D 109 -0.76 32.47 -21.64
N LEU D 110 -0.23 31.64 -22.53
CA LEU D 110 1.06 31.03 -22.24
C LEU D 110 2.12 32.10 -22.24
N GLN D 111 2.03 33.01 -23.21
CA GLN D 111 3.02 34.06 -23.32
C GLN D 111 2.95 35.00 -22.15
N TRP D 112 1.73 35.35 -21.76
CA TRP D 112 1.50 36.24 -20.65
C TRP D 112 2.01 35.65 -19.36
N ASP D 113 1.73 34.37 -19.12
CA ASP D 113 2.17 33.80 -17.88
C ASP D 113 3.68 33.89 -17.78
N LYS D 114 4.39 33.70 -18.90
CA LYS D 114 5.82 33.83 -18.80
C LYS D 114 6.19 35.28 -18.48
N GLU D 115 5.53 36.24 -19.13
CA GLU D 115 5.82 37.66 -18.95
C GLU D 115 5.72 38.14 -17.52
N ILE D 116 4.77 37.64 -16.77
CA ILE D 116 4.62 38.08 -15.39
C ILE D 116 4.87 36.98 -14.38
N SER D 117 5.59 35.95 -14.77
CA SER D 117 5.80 34.82 -13.87
C SER D 117 6.36 35.14 -12.47
N ASN D 118 7.34 36.07 -12.38
CA ASN D 118 8.05 36.41 -11.14
C ASN D 118 7.20 37.27 -10.16
N TYR D 119 5.98 37.70 -10.55
CA TYR D 119 5.12 38.55 -9.75
C TYR D 119 3.97 37.74 -9.21
N THR D 120 3.95 36.45 -9.48
CA THR D 120 2.81 35.68 -9.03
C THR D 120 2.68 35.71 -7.52
N GLN D 121 3.78 35.53 -6.82
CA GLN D 121 3.67 35.45 -5.38
C GLN D 121 3.24 36.78 -4.75
N ILE D 122 3.70 37.90 -5.30
CA ILE D 122 3.34 39.16 -4.69
C ILE D 122 1.89 39.49 -4.98
N ILE D 123 1.42 39.17 -6.17
CA ILE D 123 0.07 39.51 -6.48
C ILE D 123 -0.83 38.74 -5.58
N TYR D 124 -0.54 37.46 -5.38
CA TYR D 124 -1.39 36.69 -4.53
C TYR D 124 -1.40 37.21 -3.10
N GLY D 125 -0.24 37.63 -2.57
CA GLY D 125 -0.25 38.16 -1.21
C GLY D 125 -1.11 39.42 -1.08
N LEU D 126 -1.08 40.28 -2.11
CA LEU D 126 -1.87 41.50 -2.08
C LEU D 126 -3.34 41.18 -2.10
N LEU D 127 -3.73 40.16 -2.86
CA LEU D 127 -5.12 39.80 -2.95
C LEU D 127 -5.63 39.31 -1.61
N GLU D 128 -4.81 38.52 -0.90
CA GLU D 128 -5.25 37.97 0.38
C GLU D 128 -5.48 39.05 1.42
N GLU D 129 -4.59 40.05 1.44
CA GLU D 129 -4.73 41.11 2.43
C GLU D 129 -5.91 42.00 2.13
N SER D 130 -6.10 42.32 0.86
CA SER D 130 -7.20 43.18 0.49
C SER D 130 -8.52 42.55 0.86
N GLN D 131 -8.66 41.25 0.59
CA GLN D 131 -9.92 40.61 0.91
C GLN D 131 -10.19 40.58 2.38
N ASN D 132 -9.17 40.35 3.21
CA ASN D 132 -9.46 40.30 4.63
C ASN D 132 -9.94 41.65 5.13
N GLN D 133 -9.36 42.73 4.61
CA GLN D 133 -9.76 44.04 5.06
C GLN D 133 -11.19 44.32 4.67
N GLN D 134 -11.57 43.90 3.47
CA GLN D 134 -12.92 44.12 3.01
C GLN D 134 -13.94 43.37 3.85
N GLU D 135 -13.63 42.14 4.25
CA GLU D 135 -14.59 41.41 5.05
C GLU D 135 -14.77 42.05 6.41
N LYS D 136 -13.70 42.57 6.99
CA LYS D 136 -13.84 43.24 8.27
C LYS D 136 -14.71 44.47 8.10
N ASN D 137 -14.51 45.21 7.01
CA ASN D 137 -15.30 46.42 6.85
C ASN D 137 -16.78 46.08 6.77
N GLU D 138 -17.14 45.00 6.07
CA GLU D 138 -18.55 44.65 6.01
C GLU D 138 -19.11 44.27 7.37
N GLN D 139 -18.33 43.51 8.17
CA GLN D 139 -18.83 43.13 9.48
C GLN D 139 -19.10 44.37 10.32
N ASP D 140 -18.22 45.35 10.24
CA ASP D 140 -18.43 46.55 11.04
C ASP D 140 -19.64 47.32 10.54
N LEU D 141 -19.88 47.34 9.23
CA LEU D 141 -21.06 48.05 8.74
C LEU D 141 -22.33 47.42 9.27
N LEU D 142 -22.37 46.09 9.39
CA LEU D 142 -23.56 45.49 9.94
C LEU D 142 -23.73 45.87 11.42
N GLU D 143 -22.63 45.92 12.18
CA GLU D 143 -22.70 46.27 13.60
C GLU D 143 -23.31 47.65 13.80
N LEU D 144 -22.98 48.54 12.88
CA LEU D 144 -23.44 49.92 12.92
C LEU D 144 -24.89 50.17 12.45
N ASP D 145 -25.59 49.14 11.90
CA ASP D 145 -26.96 49.21 11.39
C ASP D 145 -27.93 49.15 12.57
N ASN E 35 -28.75 42.61 22.77
CA ASN E 35 -29.05 41.46 21.93
C ASN E 35 -27.81 41.17 21.03
N LEU E 36 -27.16 40.00 21.25
CA LEU E 36 -25.96 39.53 20.54
C LEU E 36 -26.33 38.45 19.56
N TRP E 37 -25.58 38.37 18.48
CA TRP E 37 -25.77 37.43 17.40
C TRP E 37 -24.58 36.51 17.18
N VAL E 38 -24.84 35.30 16.71
CA VAL E 38 -23.75 34.36 16.44
C VAL E 38 -22.96 34.77 15.20
N THR E 39 -21.63 34.78 15.32
CA THR E 39 -20.75 35.03 14.20
C THR E 39 -19.76 33.88 14.08
N VAL E 40 -19.60 33.39 12.87
CA VAL E 40 -18.74 32.28 12.55
C VAL E 40 -17.39 32.75 12.06
N TYR E 41 -16.31 32.20 12.59
CA TYR E 41 -14.99 32.58 12.13
C TYR E 41 -14.18 31.37 11.69
N TYR E 42 -13.49 31.52 10.57
CA TYR E 42 -12.63 30.46 10.05
C TYR E 42 -11.23 30.99 9.95
N GLY E 43 -10.26 30.22 10.45
CA GLY E 43 -8.89 30.70 10.50
C GLY E 43 -8.53 31.04 11.96
N VAL E 44 -9.37 30.60 12.85
CA VAL E 44 -9.24 30.80 14.27
C VAL E 44 -8.06 30.00 14.85
N PRO E 45 -7.13 30.58 15.62
CA PRO E 45 -5.97 29.91 16.18
C PRO E 45 -6.28 29.03 17.40
N VAL E 46 -7.01 27.95 17.20
CA VAL E 46 -7.41 27.04 18.28
C VAL E 46 -6.93 25.59 18.14
N TRP E 47 -6.39 25.11 19.25
CA TRP E 47 -5.76 23.80 19.42
C TRP E 47 -6.46 22.69 20.18
N LYS E 48 -6.22 21.46 19.72
CA LYS E 48 -6.61 20.25 20.45
C LYS E 48 -5.45 19.27 20.49
N ASP E 49 -5.30 18.54 21.58
CA ASP E 49 -4.22 17.56 21.65
C ASP E 49 -4.42 16.46 20.63
N ALA E 50 -3.35 15.96 20.02
CA ALA E 50 -3.54 14.91 19.03
C ALA E 50 -2.35 14.01 18.82
N GLU E 51 -2.60 12.85 18.23
CA GLU E 51 -1.53 11.95 17.83
C GLU E 51 -1.56 11.73 16.34
N THR E 52 -0.44 11.96 15.67
CA THR E 52 -0.44 11.72 14.25
C THR E 52 0.83 11.07 13.78
N THR E 53 0.82 10.65 12.55
CA THR E 53 1.94 9.98 11.95
C THR E 53 2.98 10.96 11.46
N LEU E 54 3.80 11.42 12.37
CA LEU E 54 4.79 12.43 12.06
C LEU E 54 5.74 11.87 11.05
N PHE E 55 6.28 12.71 10.19
CA PHE E 55 7.19 12.19 9.19
C PHE E 55 8.58 12.61 9.58
N CYS E 56 9.59 11.86 9.09
CA CYS E 56 10.99 12.11 9.37
C CYS E 56 11.65 12.90 8.25
N ALA E 57 12.59 13.74 8.64
CA ALA E 57 13.43 14.49 7.76
C ALA E 57 14.84 14.54 8.34
N SER E 58 15.85 14.65 7.48
CA SER E 58 17.23 14.74 7.99
C SER E 58 18.15 15.54 7.06
N ASP E 59 19.09 16.32 7.64
CA ASP E 59 20.10 17.17 6.97
C ASP E 59 20.80 16.45 5.81
N HIS E 68 26.06 4.54 2.97
CA HIS E 68 24.95 3.58 2.90
C HIS E 68 24.22 3.46 4.28
N ASN E 69 24.00 4.61 4.94
CA ASN E 69 23.32 4.76 6.23
C ASN E 69 21.80 4.57 6.12
N VAL E 70 21.25 3.82 7.04
CA VAL E 70 19.83 3.52 7.03
C VAL E 70 18.96 4.69 7.40
N TRP E 71 19.45 5.55 8.26
CA TRP E 71 18.66 6.66 8.69
C TRP E 71 18.58 7.65 7.59
N ALA E 72 19.70 7.80 6.89
CA ALA E 72 19.76 8.73 5.78
C ALA E 72 18.86 8.29 4.64
N THR E 73 18.79 6.98 4.43
CA THR E 73 17.94 6.41 3.40
C THR E 73 16.48 6.59 3.72
N HIS E 74 16.11 6.30 4.96
CA HIS E 74 14.72 6.40 5.37
C HIS E 74 14.19 7.85 5.43
N CYS E 75 14.96 8.75 6.09
CA CYS E 75 14.63 10.15 6.34
C CYS E 75 15.20 10.95 5.17
N CYS E 76 14.66 10.62 4.01
CA CYS E 76 15.08 11.15 2.72
C CYS E 76 14.67 12.61 2.55
N VAL E 77 13.64 12.99 3.28
CA VAL E 77 13.06 14.30 3.17
C VAL E 77 14.02 15.29 3.81
N PRO E 78 14.37 16.40 3.14
CA PRO E 78 15.26 17.40 3.63
C PRO E 78 14.63 18.21 4.74
N THR E 79 15.47 18.75 5.59
CA THR E 79 15.08 19.64 6.67
C THR E 79 15.04 21.06 6.21
N ASP E 80 14.42 21.92 7.00
CA ASP E 80 14.40 23.32 6.65
C ASP E 80 15.83 23.85 6.54
N PRO E 81 16.18 24.55 5.45
CA PRO E 81 17.50 25.14 5.23
C PRO E 81 17.69 26.32 6.17
N ASN E 82 16.58 26.78 6.70
CA ASN E 82 16.50 27.89 7.61
C ASN E 82 15.39 27.60 8.61
N PRO E 83 15.66 26.84 9.67
CA PRO E 83 14.70 26.46 10.69
C PRO E 83 14.13 27.73 11.25
N GLN E 84 12.83 27.73 11.54
CA GLN E 84 12.14 28.88 12.10
C GLN E 84 11.21 28.45 13.20
N GLU E 85 10.99 29.35 14.14
CA GLU E 85 10.01 29.08 15.18
C GLU E 85 9.23 30.34 15.40
N ILE E 86 8.00 30.19 15.81
CA ILE E 86 7.20 31.35 16.10
C ILE E 86 6.96 31.43 17.57
N HIS E 87 7.49 32.45 18.21
CA HIS E 87 7.29 32.51 19.63
C HIS E 87 5.86 32.89 19.90
N LEU E 88 5.20 32.20 20.82
CA LEU E 88 3.85 32.54 21.10
C LEU E 88 3.73 33.34 22.38
N GLU E 89 3.42 34.60 22.27
CA GLU E 89 3.32 35.40 23.47
C GLU E 89 2.01 35.06 24.15
N ASN E 90 1.99 35.09 25.50
CA ASN E 90 0.82 34.86 26.37
C ASN E 90 0.12 33.50 26.17
N VAL E 91 0.90 32.43 25.91
CA VAL E 91 0.37 31.06 25.74
C VAL E 91 0.89 30.13 26.79
N THR E 92 -0.02 29.54 27.54
CA THR E 92 0.39 28.58 28.54
C THR E 92 -0.26 27.26 28.21
N GLU E 93 0.58 26.23 28.10
CA GLU E 93 0.10 24.89 27.75
C GLU E 93 0.70 23.86 28.64
N GLU E 94 -0.02 22.78 28.84
CA GLU E 94 0.52 21.68 29.63
C GLU E 94 1.17 20.65 28.75
N PHE E 95 2.33 20.24 29.18
CA PHE E 95 3.09 19.21 28.52
C PHE E 95 3.11 17.99 29.42
N ASN E 96 3.20 16.81 28.84
CA ASN E 96 3.28 15.61 29.65
C ASN E 96 4.22 14.63 28.99
N MET E 97 5.46 14.62 29.43
CA MET E 97 6.50 13.81 28.87
C MET E 97 6.14 12.34 28.89
N TRP E 98 5.51 11.91 29.95
CA TRP E 98 5.19 10.52 30.16
C TRP E 98 4.07 10.00 29.29
N LYS E 99 3.36 10.90 28.61
CA LYS E 99 2.26 10.55 27.74
C LYS E 99 2.58 11.03 26.35
N ASN E 100 3.84 11.33 26.08
CA ASN E 100 4.19 11.88 24.80
C ASN E 100 4.17 10.85 23.70
N ASN E 101 3.21 10.99 22.82
CA ASN E 101 2.99 10.04 21.77
C ASN E 101 4.04 10.12 20.68
N MET E 102 4.92 11.09 20.78
CA MET E 102 6.00 11.20 19.83
C MET E 102 7.02 10.13 20.17
N VAL E 103 7.05 9.71 21.44
CA VAL E 103 7.98 8.71 21.88
C VAL E 103 7.50 7.42 21.34
N GLU E 104 6.20 7.22 21.45
CA GLU E 104 5.65 5.96 20.98
C GLU E 104 5.82 5.83 19.47
N GLN E 105 5.69 6.92 18.72
CA GLN E 105 5.90 6.80 17.29
C GLN E 105 7.38 6.53 17.01
N MET E 106 8.30 7.14 17.76
CA MET E 106 9.70 6.89 17.50
C MET E 106 10.09 5.45 17.74
N HIS E 107 9.42 4.80 18.69
CA HIS E 107 9.75 3.43 19.01
C HIS E 107 8.90 2.47 18.19
N THR E 108 8.26 2.99 17.15
CA THR E 108 7.54 2.16 16.22
C THR E 108 8.29 2.23 14.91
N ASP E 109 8.79 3.41 14.54
CA ASP E 109 9.50 3.53 13.27
C ASP E 109 10.92 3.05 13.37
N ILE E 110 11.56 3.17 14.54
CA ILE E 110 12.90 2.64 14.64
C ILE E 110 12.91 1.13 14.48
N ILE E 111 11.85 0.48 14.92
CA ILE E 111 11.78 -0.95 14.84
C ILE E 111 11.60 -1.29 13.40
N SER E 112 10.71 -0.58 12.73
CA SER E 112 10.49 -0.86 11.34
C SER E 112 11.75 -0.65 10.56
N LEU E 113 12.49 0.41 10.83
CA LEU E 113 13.68 0.65 10.06
C LEU E 113 14.67 -0.47 10.23
N TRP E 114 14.89 -0.97 11.44
CA TRP E 114 15.82 -2.08 11.56
C TRP E 114 15.33 -3.30 10.83
N ASP E 115 14.05 -3.61 10.90
CA ASP E 115 13.57 -4.80 10.23
C ASP E 115 13.65 -4.69 8.73
N GLN E 116 13.41 -3.51 8.18
CA GLN E 116 13.53 -3.39 6.74
C GLN E 116 14.98 -3.45 6.33
N SER E 117 15.87 -2.87 7.11
CA SER E 117 17.26 -2.82 6.75
C SER E 117 17.89 -4.19 6.74
N LEU E 118 17.44 -5.05 7.64
CA LEU E 118 17.97 -6.40 7.72
C LEU E 118 17.24 -7.37 6.84
N LYS E 119 16.20 -6.93 6.14
CA LYS E 119 15.45 -7.87 5.35
C LYS E 119 16.24 -8.38 4.14
N PRO E 120 16.78 -7.54 3.24
CA PRO E 120 17.49 -8.00 2.07
C PRO E 120 18.95 -8.37 2.40
N CYS E 121 19.15 -9.37 3.28
CA CYS E 121 20.46 -9.81 3.76
C CYS E 121 20.50 -11.33 3.82
N VAL E 122 21.69 -11.85 4.01
CA VAL E 122 21.93 -13.28 4.05
C VAL E 122 21.49 -13.92 5.33
N LYS E 123 20.72 -14.99 5.22
CA LYS E 123 20.31 -15.71 6.41
C LYS E 123 21.44 -16.63 6.78
N LEU E 124 21.63 -16.87 8.06
CA LEU E 124 22.67 -17.74 8.49
C LEU E 124 22.11 -19.01 9.04
N THR E 125 20.91 -19.36 8.64
CA THR E 125 20.32 -20.57 9.11
C THR E 125 21.14 -21.81 8.70
N PRO E 126 21.85 -21.85 7.54
CA PRO E 126 22.70 -22.95 7.16
C PRO E 126 23.83 -23.14 8.15
N LEU E 127 24.02 -22.18 9.07
CA LEU E 127 25.15 -22.28 10.03
C LEU E 127 24.63 -22.56 11.44
N CYS E 128 23.42 -23.13 11.56
CA CYS E 128 22.91 -23.67 12.80
C CYS E 128 23.14 -25.19 12.77
N VAL E 129 24.40 -25.51 12.94
CA VAL E 129 24.95 -26.84 12.83
C VAL E 129 25.69 -27.19 14.07
N THR E 130 26.02 -28.45 14.25
CA THR E 130 26.76 -28.81 15.42
C THR E 130 28.18 -28.32 15.27
N LEU E 131 28.65 -27.59 16.25
CA LEU E 131 29.99 -27.05 16.22
C LEU E 131 30.91 -27.92 17.04
N GLN E 132 32.14 -28.07 16.59
CA GLN E 132 33.15 -28.79 17.35
C GLN E 132 34.05 -27.73 17.95
N CYS E 133 34.03 -27.48 19.30
CA CYS E 133 34.76 -26.35 19.87
C CYS E 133 35.79 -26.77 20.92
N THR E 134 36.89 -26.03 20.88
CA THR E 134 38.00 -26.09 21.83
C THR E 134 38.23 -24.66 22.33
N ASN E 135 38.99 -24.47 23.43
CA ASN E 135 39.32 -23.14 23.97
C ASN E 135 40.41 -22.47 23.13
N VAL E 136 40.38 -21.11 23.09
CA VAL E 136 41.46 -20.31 22.52
C VAL E 136 42.48 -20.14 23.63
N THR E 137 43.69 -20.63 23.39
CA THR E 137 44.75 -20.63 24.40
C THR E 137 45.96 -19.83 23.94
N ASN E 138 45.81 -19.08 22.88
CA ASN E 138 46.91 -18.33 22.32
C ASN E 138 47.10 -16.96 22.96
N ASN E 139 48.13 -16.82 23.81
CA ASN E 139 48.40 -15.53 24.45
C ASN E 139 47.19 -14.94 25.16
N ILE E 140 46.67 -15.66 26.15
CA ILE E 140 45.45 -15.20 26.79
C ILE E 140 45.76 -14.52 28.11
N THR E 141 45.27 -13.31 28.29
CA THR E 141 45.47 -12.60 29.54
C THR E 141 44.48 -13.17 30.53
N ASP E 142 44.55 -12.79 31.79
CA ASP E 142 43.56 -13.38 32.65
C ASP E 142 42.25 -12.68 32.30
N ASP E 143 41.15 -13.05 32.94
CA ASP E 143 39.78 -12.55 32.69
C ASP E 143 39.18 -13.17 31.42
N MET E 144 39.99 -13.23 30.36
CA MET E 144 39.64 -13.75 29.06
C MET E 144 39.79 -15.24 28.92
N ARG E 145 40.21 -15.92 29.98
CA ARG E 145 40.39 -17.33 29.85
C ARG E 145 39.04 -17.98 29.81
N GLY E 146 38.78 -18.67 28.72
CA GLY E 146 37.51 -19.32 28.47
C GLY E 146 36.49 -18.40 27.81
N GLU E 147 36.87 -17.15 27.53
CA GLU E 147 35.97 -16.19 26.91
C GLU E 147 35.79 -16.48 25.43
N LEU E 148 36.85 -16.92 24.76
CA LEU E 148 36.74 -17.19 23.35
C LEU E 148 36.91 -18.66 23.09
N LYS E 149 36.13 -19.15 22.15
CA LYS E 149 36.24 -20.54 21.75
C LYS E 149 36.51 -20.63 20.25
N ASN E 150 37.34 -21.61 19.86
CA ASN E 150 37.72 -21.93 18.49
C ASN E 150 36.84 -23.07 18.00
N CYS E 151 35.84 -22.74 17.16
CA CYS E 151 34.83 -23.69 16.72
C CYS E 151 35.01 -23.98 15.26
N SER E 152 34.78 -25.24 14.90
CA SER E 152 34.80 -25.58 13.52
C SER E 152 33.51 -26.26 13.13
N PHE E 153 33.17 -26.08 11.89
CA PHE E 153 31.94 -26.63 11.36
C PHE E 153 31.96 -26.82 9.85
N ASN E 154 31.02 -27.64 9.32
CA ASN E 154 30.81 -27.86 7.89
C ASN E 154 29.63 -27.01 7.38
N MET E 155 29.90 -25.91 6.65
CA MET E 155 28.87 -24.97 6.14
C MET E 155 28.64 -25.22 4.67
N THR E 156 27.52 -24.77 4.16
CA THR E 156 27.22 -24.95 2.77
C THR E 156 28.06 -24.03 1.92
N THR E 157 28.11 -24.34 0.64
CA THR E 157 28.89 -23.58 -0.33
C THR E 157 28.05 -23.25 -1.55
N GLU E 158 28.69 -22.81 -2.63
CA GLU E 158 27.95 -22.39 -3.80
C GLU E 158 27.10 -23.52 -4.33
N LEU E 159 27.62 -24.73 -4.25
CA LEU E 159 26.90 -25.87 -4.74
C LEU E 159 26.30 -26.63 -3.59
N ARG E 160 25.16 -27.23 -3.83
CA ARG E 160 24.47 -27.99 -2.79
C ARG E 160 25.14 -29.32 -2.47
N ASP E 161 26.06 -29.73 -3.32
CA ASP E 161 26.77 -30.97 -3.14
C ASP E 161 28.06 -30.82 -2.37
N LYS E 162 28.42 -29.60 -1.97
CA LYS E 162 29.69 -29.44 -1.29
C LYS E 162 29.58 -28.63 -0.02
N LYS E 163 30.37 -29.04 0.96
CA LYS E 163 30.46 -28.32 2.21
C LYS E 163 31.89 -27.90 2.43
N GLN E 164 32.05 -26.85 3.20
CA GLN E 164 33.35 -26.32 3.53
C GLN E 164 33.65 -26.31 5.00
N LYS E 165 34.80 -26.84 5.38
CA LYS E 165 35.17 -26.82 6.77
C LYS E 165 35.66 -25.44 7.08
N VAL E 166 35.12 -24.86 8.13
CA VAL E 166 35.45 -23.52 8.57
C VAL E 166 35.87 -23.46 9.99
N TYR E 167 36.87 -22.64 10.25
CA TYR E 167 37.32 -22.42 11.60
C TYR E 167 37.07 -20.98 11.92
N SER E 168 36.46 -20.68 13.05
CA SER E 168 36.19 -19.30 13.41
C SER E 168 36.14 -19.10 14.89
N LEU E 169 36.64 -17.96 15.37
CA LEU E 169 36.51 -17.77 16.79
C LEU E 169 35.17 -17.14 17.13
N PHE E 170 34.59 -17.58 18.24
CA PHE E 170 33.35 -17.04 18.77
C PHE E 170 33.47 -16.62 20.20
N TYR E 171 32.67 -15.65 20.57
CA TYR E 171 32.62 -15.22 21.94
C TYR E 171 31.74 -16.21 22.67
N ARG E 172 32.07 -16.51 23.91
CA ARG E 172 31.33 -17.48 24.70
C ARG E 172 29.85 -17.22 24.76
N LEU E 173 29.45 -15.96 24.81
CA LEU E 173 28.03 -15.63 24.95
C LEU E 173 27.16 -16.10 23.80
N ASP E 174 27.75 -16.35 22.64
CA ASP E 174 27.00 -16.75 21.47
C ASP E 174 26.91 -18.26 21.30
N VAL E 175 27.66 -19.02 22.09
CA VAL E 175 27.74 -20.46 21.89
C VAL E 175 27.39 -21.24 23.14
N VAL E 176 26.47 -22.20 23.02
CA VAL E 176 26.08 -23.00 24.17
C VAL E 176 26.30 -24.48 23.97
N GLN E 177 26.67 -25.17 25.02
CA GLN E 177 26.97 -26.59 24.95
C GLN E 177 25.73 -27.43 24.76
N ILE E 178 25.83 -28.46 23.92
CA ILE E 178 24.69 -29.33 23.66
C ILE E 178 24.46 -30.46 24.68
N ASN E 179 25.50 -31.26 25.01
CA ASN E 179 25.43 -32.43 25.94
C ASN E 179 24.26 -33.38 25.59
N ASN E 190 36.59 -30.33 21.22
CA ASN E 190 36.49 -31.03 22.48
C ASN E 190 35.05 -31.50 22.71
N LYS E 191 34.09 -30.54 22.76
CA LYS E 191 32.66 -30.78 23.03
C LYS E 191 31.82 -30.18 21.93
N GLU E 192 30.62 -30.73 21.78
CA GLU E 192 29.67 -30.23 20.81
C GLU E 192 28.84 -29.09 21.34
N TYR E 193 28.73 -28.04 20.52
CA TYR E 193 28.02 -26.79 20.78
C TYR E 193 27.08 -26.34 19.67
N ARG E 194 26.14 -25.46 20.01
CA ARG E 194 25.25 -24.86 19.03
C ARG E 194 25.20 -23.37 19.27
N LEU E 195 24.73 -22.61 18.30
CA LEU E 195 24.63 -21.19 18.54
C LEU E 195 23.46 -20.96 19.47
N ILE E 196 23.55 -19.92 20.29
CA ILE E 196 22.49 -19.60 21.25
C ILE E 196 21.10 -19.44 20.66
N ASN E 197 20.98 -18.93 19.45
CA ASN E 197 19.66 -18.76 18.86
C ASN E 197 19.01 -20.01 18.21
N CYS E 198 19.73 -21.14 18.09
CA CYS E 198 19.28 -22.32 17.35
C CYS E 198 17.99 -22.94 17.84
N ASN E 199 17.67 -22.85 19.10
CA ASN E 199 16.42 -23.46 19.51
C ASN E 199 15.25 -22.45 19.63
N THR E 200 15.43 -21.13 19.31
CA THR E 200 14.35 -20.12 19.40
C THR E 200 14.10 -19.27 18.17
N SER E 201 15.10 -19.01 17.33
CA SER E 201 14.83 -18.12 16.21
C SER E 201 15.77 -18.22 15.04
N ALA E 202 15.30 -17.77 13.89
CA ALA E 202 16.18 -17.70 12.74
C ALA E 202 17.14 -16.55 12.92
N ILE E 203 18.37 -16.81 12.54
CA ILE E 203 19.42 -15.82 12.59
C ILE E 203 19.71 -15.21 11.24
N THR E 204 19.74 -13.88 11.18
CA THR E 204 20.03 -13.16 9.94
C THR E 204 21.27 -12.31 10.07
N GLN E 205 22.17 -12.36 9.10
CA GLN E 205 23.37 -11.54 9.15
C GLN E 205 23.06 -10.14 8.74
N ALA E 206 23.50 -9.18 9.52
CA ALA E 206 23.29 -7.82 9.09
C ALA E 206 24.21 -7.58 7.91
N CYS E 207 23.77 -6.81 6.90
CA CYS E 207 24.58 -6.47 5.74
C CYS E 207 25.79 -5.62 6.17
N PRO E 208 27.02 -6.03 5.79
CA PRO E 208 28.28 -5.47 6.22
C PRO E 208 28.56 -4.05 5.81
N LYS E 209 27.86 -3.56 4.79
CA LYS E 209 28.10 -2.21 4.32
C LYS E 209 27.02 -1.25 4.77
N VAL E 210 26.06 -1.73 5.54
CA VAL E 210 24.98 -0.87 5.95
C VAL E 210 25.31 -0.22 7.27
N SER E 211 25.20 1.09 7.30
CA SER E 211 25.54 1.83 8.49
C SER E 211 24.33 2.16 9.34
N PHE E 212 24.38 1.77 10.59
CA PHE E 212 23.28 2.01 11.51
C PHE E 212 23.60 3.13 12.47
N GLU E 213 24.73 3.77 12.21
CA GLU E 213 25.22 4.87 13.00
C GLU E 213 24.12 5.89 13.09
N PRO E 214 23.78 6.40 14.26
CA PRO E 214 22.76 7.38 14.42
C PRO E 214 23.19 8.67 13.78
N ILE E 215 22.26 9.37 13.17
CA ILE E 215 22.51 10.67 12.59
C ILE E 215 21.40 11.48 13.17
N PRO E 216 21.44 12.80 13.19
CA PRO E 216 20.31 13.58 13.64
C PRO E 216 19.07 13.30 12.81
N ILE E 217 17.98 13.11 13.51
CA ILE E 217 16.64 12.86 13.01
C ILE E 217 15.70 13.97 13.39
N HIS E 218 14.95 14.51 12.45
CA HIS E 218 14.02 15.55 12.83
C HIS E 218 12.60 15.05 12.59
N TYR E 219 11.74 15.17 13.58
CA TYR E 219 10.36 14.77 13.36
C TYR E 219 9.59 16.01 12.97
N CYS E 220 8.74 15.91 11.94
CA CYS E 220 8.00 17.04 11.39
C CYS E 220 6.50 16.77 11.35
N ALA E 221 5.73 17.80 11.70
CA ALA E 221 4.30 17.65 11.66
C ALA E 221 3.82 17.63 10.23
N PRO E 222 2.84 16.83 9.88
CA PRO E 222 2.19 16.84 8.62
C PRO E 222 1.32 18.06 8.61
N ALA E 223 0.98 18.55 7.45
CA ALA E 223 0.10 19.70 7.40
C ALA E 223 -1.18 19.45 8.15
N GLY E 224 -1.62 20.49 8.88
CA GLY E 224 -2.81 20.46 9.71
C GLY E 224 -2.46 20.31 11.17
N PHE E 225 -1.21 20.00 11.42
CA PHE E 225 -0.66 19.82 12.74
C PHE E 225 0.50 20.74 12.98
N ALA E 226 0.79 20.95 14.23
CA ALA E 226 1.91 21.77 14.60
C ALA E 226 2.58 21.20 15.82
N ILE E 227 3.85 21.52 16.03
CA ILE E 227 4.53 21.05 17.22
C ILE E 227 4.85 22.19 18.14
N LEU E 228 4.44 22.04 19.38
CA LEU E 228 4.71 23.06 20.36
C LEU E 228 5.94 22.68 21.14
N LYS E 229 6.90 23.58 21.20
CA LYS E 229 8.15 23.37 21.89
C LYS E 229 8.24 24.17 23.19
N CYS E 230 8.56 23.51 24.32
CA CYS E 230 8.74 24.14 25.63
C CYS E 230 10.18 24.61 25.81
N LYS E 231 10.34 25.88 26.08
CA LYS E 231 11.63 26.52 26.26
C LYS E 231 11.97 26.74 27.73
N ASP E 232 11.16 26.23 28.62
CA ASP E 232 11.41 26.47 30.03
C ASP E 232 12.53 25.56 30.53
N LYS E 233 13.64 26.18 30.90
CA LYS E 233 14.88 25.51 31.30
C LYS E 233 14.73 24.71 32.59
N LYS E 234 13.69 25.03 33.36
CA LYS E 234 13.44 24.36 34.61
C LYS E 234 12.37 23.28 34.46
N PHE E 235 11.89 23.06 33.25
CA PHE E 235 10.81 22.12 33.08
C PHE E 235 11.22 20.69 33.44
N ASN E 236 10.42 20.06 34.32
CA ASN E 236 10.63 18.73 34.88
C ASN E 236 9.89 17.60 34.14
N GLY E 237 9.31 17.89 32.96
CA GLY E 237 8.60 16.95 32.10
C GLY E 237 7.09 16.95 32.29
N THR E 238 6.57 17.50 33.38
CA THR E 238 5.11 17.47 33.51
C THR E 238 4.53 18.80 33.98
N GLY E 239 3.46 19.23 33.33
CA GLY E 239 2.72 20.41 33.75
C GLY E 239 2.89 21.59 32.81
N PRO E 240 2.32 22.74 33.17
CA PRO E 240 2.28 23.98 32.42
C PRO E 240 3.67 24.50 32.10
N CYS E 241 3.83 25.06 30.91
CA CYS E 241 5.04 25.69 30.38
C CYS E 241 4.57 27.01 29.77
N THR E 242 5.22 28.09 30.18
CA THR E 242 4.86 29.45 29.78
C THR E 242 5.74 30.14 28.71
N ASN E 243 6.71 29.39 28.16
CA ASN E 243 7.61 29.97 27.14
C ASN E 243 7.67 29.02 25.94
N VAL E 244 6.61 29.06 25.11
CA VAL E 244 6.27 28.09 24.07
C VAL E 244 6.33 28.68 22.69
N SER E 245 7.00 27.97 21.79
CA SER E 245 7.05 28.38 20.38
C SER E 245 6.50 27.30 19.51
N THR E 246 6.08 27.68 18.32
CA THR E 246 5.60 26.68 17.37
C THR E 246 6.63 26.41 16.31
N VAL E 247 6.87 25.14 16.08
CA VAL E 247 7.81 24.74 15.07
C VAL E 247 7.19 23.74 14.12
N GLN E 248 7.78 23.61 12.94
CA GLN E 248 7.31 22.56 12.04
C GLN E 248 8.01 21.23 12.30
N CYS E 249 9.34 21.28 12.63
CA CYS E 249 10.21 20.14 12.86
C CYS E 249 10.90 20.31 14.21
N THR E 250 11.19 19.20 14.85
CA THR E 250 11.87 19.17 16.13
C THR E 250 13.34 19.36 15.97
N HIS E 251 13.99 19.54 17.11
CA HIS E 251 15.42 19.59 17.22
C HIS E 251 15.86 18.23 16.81
N GLY E 252 17.01 18.13 16.17
CA GLY E 252 17.38 16.79 15.77
C GLY E 252 17.63 15.94 17.00
N ILE E 253 17.22 14.69 16.91
CA ILE E 253 17.40 13.73 17.97
C ILE E 253 18.27 12.62 17.45
N LYS E 254 19.24 12.17 18.21
CA LYS E 254 20.01 11.06 17.71
C LYS E 254 19.41 9.78 18.26
N PRO E 255 19.01 8.81 17.44
CA PRO E 255 18.39 7.57 17.81
C PRO E 255 19.38 6.58 18.36
N VAL E 256 19.96 6.93 19.48
CA VAL E 256 20.94 6.14 20.17
C VAL E 256 20.23 5.14 21.03
N VAL E 257 20.70 3.91 21.02
CA VAL E 257 20.10 2.87 21.83
C VAL E 257 21.09 2.38 22.87
N SER E 258 20.70 2.46 24.12
CA SER E 258 21.51 2.04 25.25
C SER E 258 20.65 1.62 26.43
N THR E 259 21.24 0.93 27.41
CA THR E 259 20.39 0.56 28.56
C THR E 259 20.60 1.17 29.95
N GLN E 260 21.76 1.70 30.33
CA GLN E 260 21.82 2.22 31.70
C GLN E 260 22.19 3.68 31.70
N LEU E 261 23.12 4.01 30.85
CA LEU E 261 23.51 5.39 30.73
C LEU E 261 22.92 5.86 29.44
N LEU E 262 22.56 7.11 29.37
CA LEU E 262 22.04 7.66 28.14
C LEU E 262 23.19 8.34 27.48
N LEU E 263 23.48 7.93 26.26
CA LEU E 263 24.62 8.48 25.58
C LEU E 263 24.20 9.42 24.44
N ASN E 264 25.09 10.37 24.15
CA ASN E 264 24.96 11.37 23.06
C ASN E 264 23.53 11.92 23.01
N GLY E 265 23.06 12.54 24.09
CA GLY E 265 21.82 13.30 24.14
C GLY E 265 22.08 14.77 24.35
N SER E 266 21.02 15.46 24.69
CA SER E 266 21.05 16.87 24.93
C SER E 266 21.45 17.09 26.37
N LEU E 267 21.99 18.25 26.66
CA LEU E 267 22.34 18.57 28.03
C LEU E 267 21.35 19.53 28.61
N ALA E 268 21.19 19.48 29.92
CA ALA E 268 20.32 20.42 30.62
C ALA E 268 20.95 21.80 30.54
N GLU E 269 20.15 22.83 30.38
CA GLU E 269 20.72 24.16 30.25
C GLU E 269 21.39 24.75 31.50
N GLU E 270 20.82 24.55 32.69
CA GLU E 270 21.39 25.17 33.88
C GLU E 270 21.81 24.24 35.01
N GLU E 271 21.08 23.15 35.21
CA GLU E 271 21.33 22.27 36.35
C GLU E 271 20.93 20.87 36.02
N VAL E 272 21.39 19.92 36.81
CA VAL E 272 20.98 18.54 36.61
C VAL E 272 19.50 18.40 36.93
N ILE E 273 18.74 17.78 36.05
CA ILE E 273 17.31 17.66 36.28
C ILE E 273 16.85 16.25 36.48
N ILE E 274 16.13 16.04 37.57
CA ILE E 274 15.61 14.72 37.88
C ILE E 274 14.18 14.64 37.39
N ARG E 275 13.90 13.82 36.39
CA ARG E 275 12.55 13.76 35.84
C ARG E 275 11.95 12.39 36.02
N SER E 276 10.75 12.33 36.54
CA SER E 276 10.12 11.03 36.74
C SER E 276 8.62 11.12 36.61
N GLU E 277 7.98 9.99 36.39
CA GLU E 277 6.51 9.97 36.39
C GLU E 277 5.94 10.24 37.80
N ASN E 278 6.61 9.70 38.85
CA ASN E 278 6.28 9.80 40.27
C ASN E 278 7.62 9.76 41.02
N ILE E 279 7.61 10.16 42.29
CA ILE E 279 8.76 10.10 43.20
C ILE E 279 8.64 8.88 44.10
N THR E 280 7.43 8.67 44.59
CA THR E 280 7.12 7.61 45.52
C THR E 280 7.16 6.22 44.91
N ASN E 281 6.68 6.08 43.71
CA ASN E 281 6.53 4.76 43.12
C ASN E 281 7.89 4.21 42.69
N ASN E 282 8.33 3.10 43.31
CA ASN E 282 9.65 2.58 43.01
C ASN E 282 9.62 1.66 41.81
N ALA E 283 8.46 1.57 41.17
CA ALA E 283 8.29 0.80 39.96
C ALA E 283 8.54 1.70 38.75
N LYS E 284 8.80 2.97 38.99
CA LYS E 284 9.02 3.91 37.91
C LYS E 284 10.49 4.28 37.80
N ASN E 285 10.93 4.58 36.60
CA ASN E 285 12.30 4.99 36.39
C ASN E 285 12.48 6.47 36.57
N ILE E 286 13.69 6.86 36.91
CA ILE E 286 14.07 8.24 37.02
C ILE E 286 15.01 8.57 35.88
N LEU E 287 14.68 9.56 35.10
CA LEU E 287 15.55 9.93 34.01
C LEU E 287 16.35 11.13 34.46
N VAL E 288 17.65 10.98 34.54
CA VAL E 288 18.47 12.07 35.03
C VAL E 288 19.21 12.71 33.90
N GLN E 289 18.97 14.00 33.69
CA GLN E 289 19.65 14.71 32.63
C GLN E 289 20.76 15.54 33.22
N LEU E 290 21.95 15.41 32.70
CA LEU E 290 23.08 16.15 33.22
C LEU E 290 23.21 17.48 32.49
N ASN E 291 23.74 18.55 33.15
CA ASN E 291 24.02 19.84 32.51
C ASN E 291 25.40 19.84 31.81
N GLU E 292 26.40 19.28 32.52
CA GLU E 292 27.77 19.02 31.98
C GLU E 292 27.77 17.60 31.40
N SER E 293 28.94 17.11 30.96
CA SER E 293 28.92 15.77 30.35
C SER E 293 30.09 14.95 30.80
N VAL E 294 29.94 13.63 30.77
CA VAL E 294 31.05 12.78 31.16
C VAL E 294 31.54 12.00 29.97
N GLN E 295 32.80 12.12 29.66
CA GLN E 295 33.31 11.42 28.51
C GLN E 295 33.66 9.99 28.87
N ILE E 296 33.22 9.06 28.03
CA ILE E 296 33.54 7.65 28.21
C ILE E 296 34.25 7.09 26.93
N ASN E 297 35.43 6.47 27.11
CA ASN E 297 36.27 5.90 26.04
C ASN E 297 36.14 4.37 26.02
N CYS E 298 35.49 3.81 24.97
CA CYS E 298 35.20 2.38 24.84
C CYS E 298 36.08 1.73 23.79
N THR E 299 36.82 0.72 24.18
CA THR E 299 37.72 0.07 23.25
C THR E 299 37.72 -1.45 23.27
N ARG E 300 37.73 -2.02 22.08
CA ARG E 300 37.96 -3.47 21.96
C ARG E 300 39.36 -3.67 21.39
N PRO E 301 40.36 -3.96 22.26
CA PRO E 301 41.80 -3.98 22.01
C PRO E 301 42.32 -5.07 21.11
N ASN E 302 41.49 -6.06 20.83
CA ASN E 302 41.93 -7.19 20.04
C ASN E 302 41.97 -6.78 18.58
N ASN E 303 42.98 -7.24 17.79
CA ASN E 303 43.00 -7.01 16.36
C ASN E 303 42.31 -8.21 15.70
N ASN E 304 41.71 -8.03 14.52
CA ASN E 304 40.91 -9.08 13.86
C ASN E 304 41.19 -9.22 12.42
N THR E 305 41.17 -10.45 11.95
CA THR E 305 41.34 -10.73 10.54
C THR E 305 40.07 -11.37 10.04
N VAL E 306 39.15 -10.54 9.60
CA VAL E 306 37.83 -10.97 9.19
C VAL E 306 37.89 -11.58 7.82
N LYS E 307 37.29 -12.75 7.70
CA LYS E 307 37.29 -13.49 6.46
C LYS E 307 35.88 -13.78 5.99
N SER E 308 35.71 -14.09 4.72
CA SER E 308 34.38 -14.41 4.23
C SER E 308 34.33 -15.65 3.38
N ILE E 309 33.17 -16.31 3.41
CA ILE E 309 32.86 -17.53 2.68
C ILE E 309 31.54 -17.43 1.95
N ARG E 310 31.44 -17.95 0.73
CA ARG E 310 30.10 -17.92 0.19
C ARG E 310 29.31 -19.02 0.87
N ILE E 311 28.17 -18.66 1.42
CA ILE E 311 27.28 -19.60 2.07
C ILE E 311 26.36 -20.16 1.02
N GLY E 312 26.10 -19.35 0.01
CA GLY E 312 25.19 -19.75 -1.05
C GLY E 312 25.39 -18.90 -2.31
N PRO E 313 24.41 -18.88 -3.22
CA PRO E 313 24.50 -18.28 -4.52
C PRO E 313 24.51 -16.78 -4.51
N GLY E 314 25.69 -16.22 -4.24
CA GLY E 314 25.88 -14.79 -4.12
C GLY E 314 25.67 -14.31 -2.70
N GLN E 315 25.59 -15.26 -1.80
CA GLN E 315 25.36 -14.97 -0.42
C GLN E 315 26.62 -15.13 0.40
N TRP E 316 27.14 -14.03 0.91
CA TRP E 316 28.37 -14.10 1.69
C TRP E 316 28.16 -14.07 3.19
N PHE E 317 28.94 -14.87 3.88
CA PHE E 317 29.01 -14.93 5.32
C PHE E 317 30.33 -14.42 5.83
N TYR E 318 30.28 -13.59 6.86
CA TYR E 318 31.50 -13.06 7.44
C TYR E 318 31.75 -13.65 8.80
N TYR E 319 32.99 -13.99 9.08
CA TYR E 319 33.31 -14.58 10.35
C TYR E 319 34.58 -14.03 10.92
N THR E 320 34.68 -14.12 12.24
CA THR E 320 35.79 -13.54 12.95
C THR E 320 37.10 -14.03 12.44
N GLY E 321 37.22 -15.32 12.21
CA GLY E 321 38.51 -15.79 11.74
C GLY E 321 39.42 -15.67 12.93
N ASP E 322 40.69 -15.35 12.71
CA ASP E 322 41.62 -15.31 13.84
C ASP E 322 41.77 -13.92 14.49
N ILE E 323 42.58 -13.89 15.55
CA ILE E 323 42.93 -12.69 16.32
C ILE E 323 44.41 -12.44 16.41
N ILE E 324 44.75 -11.21 16.14
CA ILE E 324 46.11 -10.75 16.16
C ILE E 324 46.47 -10.03 17.44
N GLY E 325 47.61 -10.42 18.00
CA GLY E 325 48.10 -9.87 19.23
C GLY E 325 47.56 -10.71 20.36
N ASP E 326 47.60 -10.17 21.56
CA ASP E 326 47.16 -10.88 22.74
C ASP E 326 45.65 -10.86 22.76
N ILE E 327 45.05 -11.82 23.45
CA ILE E 327 43.62 -11.79 23.64
C ILE E 327 43.38 -11.03 24.91
N ARG E 328 42.70 -9.90 24.77
CA ARG E 328 42.46 -8.98 25.86
C ARG E 328 41.00 -8.62 26.02
N GLN E 329 40.66 -8.19 27.22
CA GLN E 329 39.32 -7.78 27.57
C GLN E 329 38.94 -6.40 27.07
N ALA E 330 37.73 -6.25 26.56
CA ALA E 330 37.26 -4.94 26.14
C ALA E 330 37.01 -4.10 27.37
N HIS E 331 37.26 -2.80 27.28
CA HIS E 331 37.03 -1.94 28.43
C HIS E 331 36.39 -0.61 28.10
N CYS E 332 35.69 -0.05 29.07
CA CYS E 332 35.17 1.31 28.97
C CYS E 332 35.81 2.15 30.11
N ASN E 333 36.43 3.30 29.76
CA ASN E 333 37.15 4.21 30.63
C ASN E 333 36.39 5.51 30.92
N VAL E 334 36.09 5.76 32.22
CA VAL E 334 35.39 6.95 32.73
C VAL E 334 36.31 7.66 33.72
N SER E 335 36.58 8.95 33.56
CA SER E 335 37.50 9.60 34.52
C SER E 335 36.89 9.57 35.92
N LYS E 336 37.66 9.17 36.94
CA LYS E 336 37.07 9.08 38.26
C LYS E 336 36.63 10.41 38.83
N ALA E 337 37.46 11.44 38.66
CA ALA E 337 37.08 12.70 39.26
C ALA E 337 35.84 13.27 38.62
N THR E 338 35.73 13.13 37.30
CA THR E 338 34.61 13.68 36.60
C THR E 338 33.38 12.94 37.03
N TRP E 339 33.47 11.62 37.10
CA TRP E 339 32.35 10.82 37.50
C TRP E 339 31.87 11.17 38.92
N ASN E 340 32.81 11.32 39.91
CA ASN E 340 32.44 11.63 41.30
C ASN E 340 31.74 12.99 41.40
N GLU E 341 32.17 14.02 40.61
CA GLU E 341 31.53 15.34 40.60
C GLU E 341 30.14 15.25 39.99
N THR E 342 30.02 14.46 38.93
CA THR E 342 28.76 14.29 38.25
C THR E 342 27.77 13.62 39.14
N LEU E 343 28.22 12.58 39.82
CA LEU E 343 27.34 11.86 40.66
C LEU E 343 26.95 12.74 41.83
N GLY E 344 27.88 13.54 42.35
CA GLY E 344 27.56 14.42 43.47
C GLY E 344 26.45 15.41 43.09
N LYS E 345 26.48 15.91 41.85
CA LYS E 345 25.46 16.84 41.39
C LYS E 345 24.11 16.13 41.35
N VAL E 346 24.10 14.88 40.91
CA VAL E 346 22.87 14.11 40.86
C VAL E 346 22.35 13.90 42.27
N VAL E 347 23.23 13.61 43.20
CA VAL E 347 22.83 13.39 44.57
C VAL E 347 22.17 14.61 45.16
N LYS E 348 22.73 15.80 44.95
CA LYS E 348 22.10 17.00 45.50
C LYS E 348 20.71 17.22 44.94
N GLN E 349 20.53 16.93 43.66
CA GLN E 349 19.23 17.14 43.08
C GLN E 349 18.25 16.08 43.56
N LEU E 350 18.73 14.87 43.86
CA LEU E 350 17.85 13.86 44.42
C LEU E 350 17.43 14.30 45.82
N ARG E 351 18.33 14.93 46.58
CA ARG E 351 17.99 15.37 47.94
C ARG E 351 16.76 16.29 47.90
N LYS E 352 16.64 17.09 46.86
CA LYS E 352 15.48 17.97 46.77
C LYS E 352 14.13 17.23 46.79
N HIS E 353 14.12 15.95 46.40
CA HIS E 353 12.88 15.17 46.38
C HIS E 353 12.77 14.20 47.54
N PHE E 354 13.91 13.84 48.16
CA PHE E 354 13.87 12.84 49.23
C PHE E 354 14.19 13.36 50.64
N GLY E 355 14.77 14.55 50.74
CA GLY E 355 15.19 15.17 51.99
C GLY E 355 16.69 15.46 51.92
N ASN E 356 17.16 16.44 52.69
CA ASN E 356 18.59 16.85 52.64
C ASN E 356 19.31 16.53 53.96
N ASN E 357 18.75 15.60 54.73
CA ASN E 357 19.35 14.99 55.93
C ASN E 357 19.44 13.49 55.73
N THR E 358 19.36 13.09 54.48
CA THR E 358 19.36 11.71 54.03
C THR E 358 20.71 11.17 53.63
N ILE E 359 20.71 9.87 53.41
CA ILE E 359 21.85 9.14 52.92
C ILE E 359 21.49 8.60 51.57
N ILE E 360 22.30 8.88 50.58
CA ILE E 360 22.01 8.43 49.24
C ILE E 360 23.04 7.44 48.78
N ARG E 361 22.59 6.22 48.57
CA ARG E 361 23.47 5.15 48.20
C ARG E 361 23.21 4.69 46.80
N PHE E 362 24.27 4.33 46.14
CA PHE E 362 24.18 3.75 44.84
C PHE E 362 24.64 2.34 44.92
N ALA E 363 24.03 1.52 44.11
CA ALA E 363 24.36 0.12 44.04
C ALA E 363 24.19 -0.32 42.60
N ASN E 364 24.74 -1.48 42.22
CA ASN E 364 24.64 -2.06 40.89
C ASN E 364 23.28 -2.78 40.71
N SER E 365 23.00 -3.32 39.50
CA SER E 365 21.73 -4.02 39.18
C SER E 365 21.50 -5.24 40.04
N SER E 366 20.24 -5.49 40.34
CA SER E 366 19.85 -6.59 41.20
C SER E 366 19.95 -7.96 40.54
N GLY E 367 20.04 -7.99 39.22
CA GLY E 367 20.12 -9.27 38.54
C GLY E 367 19.23 -9.30 37.31
N GLY E 368 19.21 -10.45 36.64
CA GLY E 368 18.45 -10.59 35.41
C GLY E 368 19.38 -10.79 34.22
N ASP E 369 18.79 -10.70 33.03
CA ASP E 369 19.48 -10.94 31.77
C ASP E 369 20.56 -9.90 31.49
N LEU E 370 21.57 -10.29 30.72
CA LEU E 370 22.70 -9.43 30.38
C LEU E 370 22.25 -8.09 29.81
N GLU E 371 21.22 -8.12 28.98
CA GLU E 371 20.70 -6.94 28.32
C GLU E 371 20.16 -5.87 29.27
N VAL E 372 19.89 -6.23 30.51
CA VAL E 372 19.39 -5.30 31.51
C VAL E 372 20.44 -5.00 32.57
N THR E 373 21.17 -6.04 33.02
CA THR E 373 22.11 -5.86 34.11
C THR E 373 23.32 -5.09 33.69
N THR E 374 23.63 -5.09 32.40
CA THR E 374 24.75 -4.33 31.90
C THR E 374 24.29 -3.21 31.02
N HIS E 375 25.22 -2.34 30.72
CA HIS E 375 25.01 -1.22 29.87
C HIS E 375 25.30 -1.55 28.42
N SER E 376 24.24 -1.68 27.64
CA SER E 376 24.36 -2.05 26.25
C SER E 376 24.71 -0.83 25.47
N PHE E 377 25.61 -1.02 24.53
CA PHE E 377 26.12 0.01 23.68
C PHE E 377 26.61 -0.45 22.30
N ASN E 378 26.24 0.28 21.25
CA ASN E 378 26.67 -0.04 19.87
C ASN E 378 27.88 0.81 19.45
N CYS E 379 29.08 0.19 19.30
CA CYS E 379 30.35 0.85 19.04
C CYS E 379 30.92 0.48 17.66
N GLY E 380 30.66 1.29 16.67
CA GLY E 380 31.21 1.00 15.35
C GLY E 380 30.48 -0.13 14.64
N GLY E 381 29.39 -0.60 15.23
CA GLY E 381 28.65 -1.72 14.73
C GLY E 381 28.86 -2.95 15.62
N GLU E 382 29.79 -2.87 16.56
CA GLU E 382 30.00 -3.97 17.48
C GLU E 382 29.07 -3.81 18.69
N PHE E 383 28.67 -4.91 19.31
CA PHE E 383 27.77 -4.81 20.45
C PHE E 383 28.40 -5.13 21.80
N PHE E 384 28.50 -4.08 22.61
CA PHE E 384 29.11 -4.06 23.93
C PHE E 384 28.10 -4.20 25.05
N TYR E 385 28.50 -4.94 26.09
CA TYR E 385 27.74 -5.14 27.31
C TYR E 385 28.61 -4.82 28.53
N CYS E 386 28.64 -3.56 28.91
CA CYS E 386 29.55 -3.05 29.92
C CYS E 386 29.07 -3.19 31.37
N ASN E 387 29.98 -3.65 32.23
CA ASN E 387 29.77 -3.84 33.69
C ASN E 387 30.00 -2.51 34.41
N THR E 388 28.93 -1.90 34.92
CA THR E 388 28.89 -0.59 35.53
C THR E 388 28.96 -0.62 37.04
N SER E 389 29.27 -1.76 37.62
CA SER E 389 29.34 -1.82 39.07
C SER E 389 30.41 -0.88 39.60
N GLY E 390 31.44 -0.59 38.80
CA GLY E 390 32.50 0.32 39.21
C GLY E 390 32.06 1.78 39.26
N LEU E 391 30.92 2.10 38.67
CA LEU E 391 30.42 3.47 38.66
C LEU E 391 29.41 3.72 39.77
N PHE E 392 28.67 2.68 40.14
CA PHE E 392 27.59 2.84 41.10
C PHE E 392 27.84 2.26 42.47
N ASN E 393 29.09 1.95 42.79
CA ASN E 393 29.41 1.44 44.10
C ASN E 393 29.79 2.54 45.08
N SER E 394 28.83 3.26 45.64
CA SER E 394 29.21 4.38 46.52
C SER E 394 28.11 4.84 47.49
N THR E 395 28.50 5.51 48.56
CA THR E 395 27.52 6.10 49.47
C THR E 395 27.83 7.56 49.75
N TRP E 396 26.81 8.40 49.64
CA TRP E 396 26.93 9.82 49.91
C TRP E 396 26.16 10.14 51.19
N ILE E 397 26.71 11.00 52.02
CA ILE E 397 26.02 11.36 53.26
C ILE E 397 25.92 12.88 53.40
N SER E 398 25.02 13.38 54.29
CA SER E 398 24.85 14.80 54.60
C SER E 398 26.06 15.32 55.41
N SER E 410 48.17 9.27 37.71
CA SER E 410 48.01 10.51 36.96
C SER E 410 46.51 10.88 36.85
N ASN E 411 45.81 10.34 35.82
CA ASN E 411 44.39 10.60 35.53
C ASN E 411 43.44 9.86 36.47
N ASP E 412 43.84 8.69 36.95
CA ASP E 412 43.03 7.88 37.85
C ASP E 412 41.64 7.58 37.29
N SER E 413 41.58 6.89 36.17
CA SER E 413 40.30 6.54 35.58
C SER E 413 39.67 5.33 36.24
N ILE E 414 38.39 5.15 35.98
CA ILE E 414 37.62 4.00 36.40
C ILE E 414 37.55 3.07 35.21
N THR E 415 37.99 1.84 35.39
CA THR E 415 37.94 0.94 34.25
C THR E 415 36.82 -0.06 34.45
N LEU E 416 35.93 -0.10 33.47
CA LEU E 416 34.79 -0.98 33.48
C LEU E 416 35.01 -2.09 32.47
N PRO E 417 34.98 -3.37 32.84
CA PRO E 417 35.18 -4.45 31.92
C PRO E 417 33.95 -4.53 31.06
N CYS E 418 34.11 -5.02 29.84
CA CYS E 418 32.99 -5.16 28.94
C CYS E 418 32.99 -6.41 28.08
N ARG E 419 31.83 -7.06 27.99
CA ARG E 419 31.69 -8.24 27.15
C ARG E 419 31.22 -7.88 25.75
N ILE E 420 31.54 -8.73 24.80
CA ILE E 420 31.12 -8.56 23.42
C ILE E 420 30.22 -9.70 23.00
N LYS E 421 29.13 -9.41 22.32
CA LYS E 421 28.21 -10.47 21.90
C LYS E 421 27.81 -10.28 20.44
N GLN E 422 27.95 -11.32 19.59
CA GLN E 422 27.61 -11.17 18.18
C GLN E 422 26.17 -11.53 17.83
N ILE E 423 25.49 -12.33 18.64
CA ILE E 423 24.11 -12.65 18.31
C ILE E 423 23.20 -11.89 19.22
N ILE E 424 22.46 -10.94 18.65
CA ILE E 424 21.69 -10.03 19.44
C ILE E 424 20.19 -10.18 19.28
N ASN E 425 19.47 -10.33 20.39
CA ASN E 425 18.02 -10.40 20.36
C ASN E 425 17.51 -8.97 20.45
N MET E 426 17.77 -8.27 19.39
CA MET E 426 17.58 -6.85 19.28
C MET E 426 16.12 -6.48 19.35
N TRP E 427 15.85 -5.45 20.12
CA TRP E 427 14.52 -4.91 20.39
C TRP E 427 13.62 -5.86 21.16
N GLN E 428 14.22 -6.88 21.78
CA GLN E 428 13.53 -7.83 22.64
C GLN E 428 12.41 -8.63 21.97
N ARG E 429 12.58 -9.03 20.72
CA ARG E 429 11.59 -9.87 20.06
C ARG E 429 12.10 -11.29 20.11
N ILE E 430 11.38 -12.15 20.78
CA ILE E 430 11.86 -13.52 20.95
C ILE E 430 12.04 -14.29 19.64
N GLY E 431 11.26 -13.98 18.62
CA GLY E 431 11.32 -14.72 17.37
C GLY E 431 12.41 -14.30 16.36
N GLN E 432 13.22 -13.30 16.65
CA GLN E 432 14.25 -12.91 15.68
C GLN E 432 15.59 -12.67 16.31
N ALA E 433 16.66 -12.90 15.56
CA ALA E 433 17.96 -12.49 16.08
C ALA E 433 18.84 -12.05 14.94
N MET E 434 19.72 -11.11 15.22
CA MET E 434 20.65 -10.70 14.19
C MET E 434 22.07 -11.05 14.53
N TYR E 435 22.84 -11.33 13.50
CA TYR E 435 24.24 -11.58 13.67
C TYR E 435 25.00 -10.35 13.28
N ALA E 436 25.80 -9.86 14.21
CA ALA E 436 26.59 -8.70 13.93
C ALA E 436 27.90 -9.20 13.36
N PRO E 437 28.26 -8.88 12.13
CA PRO E 437 29.45 -9.37 11.55
C PRO E 437 30.54 -8.69 12.33
N PRO E 438 31.72 -9.28 12.44
CA PRO E 438 32.88 -8.74 13.08
C PRO E 438 33.47 -7.63 12.26
N ILE E 439 34.19 -6.77 12.92
CA ILE E 439 34.86 -5.66 12.29
C ILE E 439 36.36 -5.89 12.28
N GLN E 440 36.96 -5.73 11.13
CA GLN E 440 38.40 -5.89 10.99
C GLN E 440 39.14 -4.84 11.77
N GLY E 441 40.22 -5.22 12.44
CA GLY E 441 41.01 -4.24 13.20
C GLY E 441 40.52 -4.00 14.63
N VAL E 442 41.07 -2.95 15.23
CA VAL E 442 40.84 -2.55 16.62
C VAL E 442 39.76 -1.49 16.66
N ILE E 443 38.82 -1.60 17.59
CA ILE E 443 37.70 -0.66 17.62
C ILE E 443 37.74 0.32 18.78
N ARG E 444 37.68 1.61 18.50
CA ARG E 444 37.60 2.59 19.58
C ARG E 444 36.50 3.61 19.29
N CYS E 445 35.67 3.91 20.31
CA CYS E 445 34.59 4.90 20.31
C CYS E 445 34.76 5.85 21.47
N VAL E 446 34.50 7.11 21.22
CA VAL E 446 34.47 8.07 22.29
C VAL E 446 33.09 8.67 22.29
N SER E 447 32.41 8.59 23.41
CA SER E 447 31.04 9.08 23.46
C SER E 447 30.78 9.82 24.76
N ASN E 448 29.65 10.58 24.80
CA ASN E 448 29.26 11.39 25.96
C ASN E 448 28.11 10.74 26.74
N ILE E 449 28.25 10.71 28.08
CA ILE E 449 27.20 10.33 29.01
C ILE E 449 26.48 11.61 29.30
N THR E 450 25.24 11.65 28.88
CA THR E 450 24.42 12.83 29.01
C THR E 450 23.35 12.60 30.03
N GLY E 451 23.16 11.34 30.40
CA GLY E 451 22.17 11.04 31.42
C GLY E 451 22.27 9.65 31.98
N LEU E 452 21.44 9.39 32.97
CA LEU E 452 21.37 8.11 33.66
C LEU E 452 19.96 7.61 33.79
N ILE E 453 19.76 6.30 33.82
CA ILE E 453 18.43 5.85 34.20
C ILE E 453 18.55 5.18 35.55
N LEU E 454 17.91 5.75 36.55
CA LEU E 454 18.02 5.19 37.88
C LEU E 454 16.72 4.60 38.34
N THR E 455 16.80 3.57 39.15
CA THR E 455 15.63 2.99 39.75
C THR E 455 15.74 3.17 41.24
N ARG E 456 14.73 3.72 41.87
CA ARG E 456 14.82 3.85 43.32
C ARG E 456 14.52 2.44 43.78
N ASP E 457 15.31 1.92 44.69
CA ASP E 457 15.12 0.55 45.12
C ASP E 457 13.83 0.43 45.93
N GLY E 458 13.53 1.47 46.70
CA GLY E 458 12.35 1.50 47.54
C GLY E 458 12.55 0.78 48.86
N GLY E 459 11.43 0.51 49.54
CA GLY E 459 11.39 -0.11 50.85
C GLY E 459 11.02 0.90 51.92
N SER E 460 9.95 0.62 52.68
CA SER E 460 9.47 1.53 53.71
C SER E 460 10.22 1.35 55.01
N THR E 461 11.50 1.68 54.98
CA THR E 461 12.36 1.49 56.13
C THR E 461 12.43 2.70 57.02
N ASN E 462 12.23 3.87 56.42
CA ASN E 462 12.30 5.18 57.06
C ASN E 462 13.66 5.42 57.71
N SER E 463 14.69 4.77 57.15
CA SER E 463 16.07 4.87 57.62
C SER E 463 16.80 6.04 57.02
N THR E 464 16.18 6.61 55.99
CA THR E 464 16.64 7.69 55.11
C THR E 464 17.67 7.22 54.07
N THR E 465 18.09 5.95 54.11
CA THR E 465 19.11 5.45 53.20
C THR E 465 18.52 5.07 51.86
N GLU E 466 18.14 6.07 51.11
CA GLU E 466 17.55 5.82 49.80
C GLU E 466 18.64 5.16 48.97
N THR E 467 18.28 4.15 48.21
CA THR E 467 19.25 3.47 47.36
C THR E 467 18.77 3.50 45.93
N PHE E 468 19.68 3.80 45.01
CA PHE E 468 19.37 3.84 43.60
C PHE E 468 20.25 2.88 42.82
N ARG E 469 19.69 2.30 41.76
CA ARG E 469 20.45 1.38 40.94
C ARG E 469 20.35 1.77 39.46
N PRO E 470 21.34 1.46 38.65
CA PRO E 470 21.36 1.67 37.22
C PRO E 470 20.55 0.59 36.56
N GLY E 471 19.26 0.67 36.72
CA GLY E 471 18.38 -0.36 36.23
C GLY E 471 18.02 -0.07 34.80
N GLY E 472 17.04 0.76 34.58
CA GLY E 472 16.69 1.09 33.21
C GLY E 472 16.30 -0.15 32.46
N GLY E 473 16.90 -0.32 31.28
CA GLY E 473 16.60 -1.49 30.47
C GLY E 473 15.47 -1.28 29.46
N ASP E 474 14.75 -0.17 29.61
CA ASP E 474 13.66 0.15 28.69
C ASP E 474 14.29 0.79 27.49
N MET E 475 13.60 0.78 26.38
CA MET E 475 14.14 1.37 25.18
C MET E 475 13.49 2.70 24.85
N ARG E 476 12.34 2.98 25.45
CA ARG E 476 11.63 4.22 25.16
C ARG E 476 12.20 5.40 25.92
N ASP E 477 12.76 5.13 27.09
CA ASP E 477 13.30 6.14 27.99
C ASP E 477 14.39 6.99 27.36
N ASN E 478 15.10 6.38 26.44
CA ASN E 478 16.19 7.04 25.78
C ASN E 478 15.75 8.19 24.91
N TRP E 479 14.51 8.15 24.45
CA TRP E 479 14.03 9.19 23.56
C TRP E 479 13.08 10.05 24.32
N ARG E 480 12.45 9.49 25.35
CA ARG E 480 11.54 10.24 26.14
C ARG E 480 12.26 11.43 26.75
N SER E 481 13.51 11.21 27.14
CA SER E 481 14.35 12.23 27.74
C SER E 481 14.77 13.34 26.77
N GLU E 482 14.59 13.13 25.47
CA GLU E 482 14.96 14.09 24.43
C GLU E 482 13.75 14.80 23.83
N LEU E 483 12.64 14.10 23.74
CA LEU E 483 11.42 14.61 23.12
C LEU E 483 10.50 15.28 24.12
N TYR E 484 10.94 15.41 25.35
CA TYR E 484 10.16 15.99 26.44
C TYR E 484 9.71 17.40 26.19
N LYS E 485 10.42 18.10 25.33
CA LYS E 485 10.08 19.47 25.06
C LYS E 485 9.01 19.59 24.02
N TYR E 486 8.58 18.50 23.41
CA TYR E 486 7.63 18.66 22.33
C TYR E 486 6.28 18.05 22.56
N LYS E 487 5.27 18.71 22.02
CA LYS E 487 3.91 18.21 22.02
C LYS E 487 3.26 18.37 20.64
N VAL E 488 2.48 17.39 20.23
CA VAL E 488 1.77 17.49 18.95
C VAL E 488 0.36 17.99 19.14
N VAL E 489 0.04 19.05 18.43
CA VAL E 489 -1.27 19.67 18.52
C VAL E 489 -1.94 19.77 17.16
N LYS E 490 -3.23 19.47 17.12
CA LYS E 490 -4.03 19.55 15.91
C LYS E 490 -4.65 20.91 15.86
N ILE E 491 -4.68 21.51 14.68
CA ILE E 491 -5.27 22.82 14.60
C ILE E 491 -6.69 22.68 14.08
N GLU E 492 -7.64 23.28 14.77
CA GLU E 492 -9.05 23.21 14.37
C GLU E 492 -9.64 24.59 14.21
N PRO E 493 -9.36 25.29 13.11
CA PRO E 493 -9.64 26.68 12.90
C PRO E 493 -11.06 27.01 12.54
N LEU E 494 -12.01 26.61 13.35
CA LEU E 494 -13.40 26.96 13.09
C LEU E 494 -14.11 27.12 14.40
N GLY E 495 -14.76 28.24 14.60
CA GLY E 495 -15.48 28.43 15.84
C GLY E 495 -16.39 29.62 15.79
N VAL E 496 -17.09 29.86 16.89
CA VAL E 496 -18.06 30.92 16.94
C VAL E 496 -17.87 31.80 18.14
N ALA E 497 -18.44 33.00 18.08
CA ALA E 497 -18.47 33.96 19.17
C ALA E 497 -19.62 34.92 18.93
N PRO E 498 -20.22 35.59 19.93
CA PRO E 498 -21.21 36.62 19.77
C PRO E 498 -20.65 37.93 19.26
N THR E 499 -21.44 38.65 18.46
CA THR E 499 -21.14 40.01 17.98
C THR E 499 -22.43 40.82 17.92
N ARG E 500 -22.33 42.04 17.43
CA ARG E 500 -23.50 42.90 17.25
C ARG E 500 -24.02 42.88 15.82
N CYS E 501 -23.51 41.97 15.01
CA CYS E 501 -23.88 41.95 13.61
C CYS E 501 -24.82 40.83 13.23
N LYS E 502 -25.93 41.17 12.60
CA LYS E 502 -26.87 40.16 12.13
C LYS E 502 -26.79 40.17 10.61
N ARG E 503 -26.83 39.02 9.98
CA ARG E 503 -26.78 38.98 8.54
C ARG E 503 -28.09 39.47 7.98
N ARG E 504 -28.04 40.12 6.82
CA ARG E 504 -29.27 40.55 6.16
C ARG E 504 -30.04 39.33 5.68
N VAL E 505 -31.39 39.33 5.88
CA VAL E 505 -32.31 38.27 5.47
C VAL E 505 -33.57 38.99 4.98
N LEU F 1 2.36 38.53 12.65
CA LEU F 1 2.72 37.66 13.77
C LEU F 1 3.19 36.24 13.33
N GLY F 2 2.71 35.76 12.16
CA GLY F 2 3.02 34.43 11.59
C GLY F 2 1.99 33.39 12.02
N PHE F 3 2.14 32.16 11.54
CA PHE F 3 1.17 31.12 11.85
C PHE F 3 1.06 30.87 13.34
N LEU F 4 -0.16 31.03 13.85
CA LEU F 4 -0.51 30.89 15.25
C LEU F 4 0.18 31.91 16.14
N GLY F 5 0.74 32.95 15.56
CA GLY F 5 1.44 33.95 16.37
C GLY F 5 0.44 34.74 17.20
N ALA F 6 -0.82 34.63 16.80
CA ALA F 6 -1.94 35.26 17.44
C ALA F 6 -2.56 34.37 18.49
N ALA F 7 -2.04 33.19 18.73
CA ALA F 7 -2.69 32.27 19.65
C ALA F 7 -2.91 32.85 21.03
N GLY F 8 -2.00 33.66 21.54
CA GLY F 8 -2.20 34.25 22.86
C GLY F 8 -2.78 35.65 22.82
N SER F 9 -3.11 36.13 21.63
CA SER F 9 -3.62 37.48 21.48
C SER F 9 -5.10 37.44 21.77
N THR F 10 -5.71 38.60 21.90
CA THR F 10 -7.12 38.58 22.19
C THR F 10 -7.91 38.17 20.98
N MET F 11 -9.15 37.80 21.22
CA MET F 11 -10.00 37.36 20.14
C MET F 11 -10.16 38.40 19.07
N GLY F 12 -10.22 39.65 19.48
CA GLY F 12 -10.35 40.77 18.58
C GLY F 12 -9.10 40.89 17.73
N ALA F 13 -7.94 40.92 18.36
CA ALA F 13 -6.69 41.09 17.63
C ALA F 13 -6.46 40.01 16.61
N ALA F 14 -6.85 38.79 16.98
CA ALA F 14 -6.68 37.59 16.20
C ALA F 14 -7.46 37.60 14.91
N SER F 15 -8.44 38.46 14.77
CA SER F 15 -9.21 38.45 13.55
C SER F 15 -8.36 38.85 12.37
N MET F 16 -7.24 39.53 12.61
CA MET F 16 -6.46 39.97 11.47
C MET F 16 -5.49 38.92 10.96
N THR F 17 -5.46 37.74 11.57
CA THR F 17 -4.57 36.70 11.09
C THR F 17 -5.40 35.53 10.59
N LEU F 18 -6.70 35.72 10.39
CA LEU F 18 -7.51 34.59 9.96
C LEU F 18 -7.04 34.02 8.62
N THR F 19 -6.50 34.86 7.74
CA THR F 19 -6.01 34.35 6.46
C THR F 19 -4.76 33.53 6.62
N VAL F 20 -4.00 33.75 7.70
CA VAL F 20 -2.75 33.08 7.93
C VAL F 20 -3.00 31.65 8.33
N GLN F 21 -3.94 31.45 9.24
CA GLN F 21 -4.20 30.08 9.63
C GLN F 21 -5.07 29.39 8.60
N ALA F 22 -6.05 30.10 8.04
CA ALA F 22 -6.98 29.46 7.14
C ALA F 22 -6.30 28.87 5.93
N ARG F 23 -5.30 29.55 5.38
CA ARG F 23 -4.62 29.07 4.19
C ARG F 23 -3.58 28.00 4.49
N ASN F 24 -3.25 27.81 5.75
CA ASN F 24 -2.12 26.97 6.09
C ASN F 24 -2.35 25.50 5.84
N LEU F 25 -3.56 25.00 5.91
CA LEU F 25 -3.67 23.57 5.73
C LEU F 25 -3.33 23.15 4.30
N LEU F 26 -3.90 23.77 3.29
CA LEU F 26 -3.55 23.29 1.97
C LEU F 26 -2.19 23.78 1.51
N SER F 27 -1.74 24.99 1.88
CA SER F 27 -0.42 25.37 1.38
C SER F 27 0.61 24.50 2.05
N GLY F 28 0.31 24.06 3.28
CA GLY F 28 1.13 23.16 4.05
C GLY F 28 1.22 21.82 3.36
N ILE F 29 0.06 21.28 2.95
CA ILE F 29 0.04 19.98 2.32
C ILE F 29 0.84 20.01 1.05
N VAL F 30 0.61 21.04 0.25
CA VAL F 30 1.29 21.14 -1.02
C VAL F 30 2.78 21.39 -0.86
N GLN F 31 3.22 22.27 0.03
CA GLN F 31 4.65 22.49 0.12
C GLN F 31 5.39 21.24 0.60
N GLN F 32 4.78 20.49 1.52
CA GLN F 32 5.46 19.30 2.01
C GLN F 32 5.59 18.30 0.88
N GLN F 33 4.55 18.18 0.07
CA GLN F 33 4.63 17.25 -1.02
C GLN F 33 5.62 17.72 -2.08
N SER F 34 5.72 19.04 -2.31
CA SER F 34 6.67 19.52 -3.31
C SER F 34 8.09 19.15 -2.90
N ASN F 35 8.39 19.16 -1.60
CA ASN F 35 9.72 18.76 -1.16
C ASN F 35 9.91 17.24 -1.28
N LEU F 36 8.86 16.46 -1.01
CA LEU F 36 8.95 15.00 -1.10
C LEU F 36 9.21 14.59 -2.56
N LEU F 37 8.60 15.32 -3.48
CA LEU F 37 8.68 15.07 -4.92
C LEU F 37 10.00 15.46 -5.54
N ARG F 38 10.93 16.02 -4.74
CA ARG F 38 12.26 16.34 -5.26
C ARG F 38 12.97 15.02 -5.49
N ALA F 39 12.44 13.98 -4.86
CA ALA F 39 12.89 12.62 -4.94
C ALA F 39 14.37 12.39 -4.75
N PRO F 40 14.97 12.80 -3.61
CA PRO F 40 16.33 12.49 -3.22
C PRO F 40 16.27 11.07 -2.68
N GLU F 41 15.93 10.15 -3.57
CA GLU F 41 15.58 8.75 -3.31
C GLU F 41 14.25 8.57 -2.51
N CYS F 42 13.41 9.66 -2.37
CA CYS F 42 12.11 9.63 -1.71
C CYS F 42 11.05 9.00 -2.55
N GLN F 43 11.07 9.18 -3.85
CA GLN F 43 9.98 8.60 -4.61
C GLN F 43 10.17 7.10 -4.54
N GLN F 44 11.43 6.69 -4.51
CA GLN F 44 11.78 5.30 -4.48
C GLN F 44 11.46 4.70 -3.11
N HIS F 45 11.73 5.44 -2.03
CA HIS F 45 11.42 4.96 -0.70
C HIS F 45 9.91 4.91 -0.48
N LEU F 46 9.22 5.97 -0.90
CA LEU F 46 7.78 6.12 -0.78
C LEU F 46 7.04 4.99 -1.44
N LEU F 47 7.49 4.59 -2.62
CA LEU F 47 6.79 3.52 -3.30
C LEU F 47 7.31 2.11 -2.98
N LYS F 48 8.61 1.96 -2.63
CA LYS F 48 9.15 0.65 -2.32
C LYS F 48 8.74 0.20 -0.93
N ASP F 49 8.86 1.09 0.05
CA ASP F 49 8.50 0.74 1.40
C ASP F 49 7.02 1.00 1.49
N THR F 50 6.24 -0.02 1.17
CA THR F 50 4.81 0.13 1.07
C THR F 50 4.20 0.42 2.40
N HIS F 51 4.80 -0.04 3.48
CA HIS F 51 4.27 0.27 4.79
C HIS F 51 4.40 1.75 5.03
N TRP F 52 5.59 2.30 4.80
CA TRP F 52 5.78 3.73 5.01
C TRP F 52 4.91 4.53 4.06
N GLY F 53 4.83 4.09 2.81
CA GLY F 53 4.07 4.79 1.82
C GLY F 53 2.60 4.90 2.19
N ILE F 54 2.00 3.84 2.74
CA ILE F 54 0.61 4.00 3.11
C ILE F 54 0.49 4.87 4.35
N LYS F 55 1.47 4.88 5.25
CA LYS F 55 1.33 5.82 6.37
C LYS F 55 1.25 7.25 5.84
N GLN F 56 2.03 7.57 4.79
CA GLN F 56 1.96 8.91 4.24
C GLN F 56 0.66 9.18 3.52
N LEU F 57 0.12 8.20 2.80
CA LEU F 57 -1.15 8.43 2.14
C LEU F 57 -2.22 8.61 3.16
N GLN F 58 -2.14 7.89 4.27
CA GLN F 58 -3.13 7.97 5.29
C GLN F 58 -3.13 9.36 5.89
N ALA F 59 -1.94 9.93 6.11
CA ALA F 59 -1.88 11.25 6.67
C ALA F 59 -2.44 12.31 5.75
N ARG F 60 -2.19 12.17 4.45
CA ARG F 60 -2.66 13.16 3.51
C ARG F 60 -4.14 13.06 3.25
N VAL F 61 -4.68 11.86 3.20
CA VAL F 61 -6.09 11.73 2.96
C VAL F 61 -6.81 12.32 4.15
N LEU F 62 -6.33 12.04 5.37
CA LEU F 62 -6.97 12.58 6.53
C LEU F 62 -6.91 14.10 6.55
N ALA F 63 -5.77 14.71 6.21
CA ALA F 63 -5.70 16.15 6.22
C ALA F 63 -6.71 16.76 5.24
N VAL F 64 -6.88 16.13 4.09
CA VAL F 64 -7.85 16.61 3.12
C VAL F 64 -9.27 16.46 3.64
N GLU F 65 -9.58 15.34 4.27
CA GLU F 65 -10.91 15.16 4.79
C GLU F 65 -11.24 16.21 5.83
N HIS F 66 -10.29 16.59 6.68
CA HIS F 66 -10.61 17.62 7.65
C HIS F 66 -10.83 18.96 6.96
N TYR F 67 -10.05 19.26 5.94
CA TYR F 67 -10.29 20.51 5.25
C TYR F 67 -11.69 20.55 4.72
N LEU F 68 -12.09 19.48 4.04
CA LEU F 68 -13.39 19.46 3.44
C LEU F 68 -14.49 19.46 4.45
N ARG F 69 -14.31 18.81 5.59
CA ARG F 69 -15.34 18.83 6.60
C ARG F 69 -15.69 20.24 6.98
N ASP F 70 -14.68 21.05 7.22
CA ASP F 70 -14.97 22.39 7.66
C ASP F 70 -15.54 23.21 6.53
N GLN F 71 -15.08 22.99 5.32
CA GLN F 71 -15.63 23.77 4.24
C GLN F 71 -17.08 23.41 4.02
N GLN F 72 -17.43 22.14 4.18
CA GLN F 72 -18.81 21.80 3.98
C GLN F 72 -19.67 22.41 5.06
N LEU F 73 -19.18 22.47 6.31
CA LEU F 73 -20.02 23.09 7.32
C LEU F 73 -20.26 24.53 6.97
N LEU F 74 -19.24 25.22 6.48
CA LEU F 74 -19.45 26.59 6.14
C LEU F 74 -20.43 26.67 4.98
N GLY F 75 -20.38 25.75 4.05
CA GLY F 75 -21.31 25.73 2.93
C GLY F 75 -22.75 25.61 3.41
N ILE F 76 -23.00 24.67 4.30
CA ILE F 76 -24.34 24.41 4.80
C ILE F 76 -24.87 25.65 5.52
N TRP F 77 -24.02 26.36 6.23
CA TRP F 77 -24.43 27.56 6.97
C TRP F 77 -24.49 28.85 6.12
N GLY F 78 -24.13 28.76 4.85
CA GLY F 78 -24.12 29.92 3.97
C GLY F 78 -22.92 30.83 4.20
N CYS F 79 -21.86 30.26 4.74
CA CYS F 79 -20.66 30.95 5.11
C CYS F 79 -19.40 30.60 4.31
N SER F 80 -19.54 29.80 3.25
CA SER F 80 -18.35 29.29 2.54
C SER F 80 -17.44 30.28 1.84
N GLY F 81 -17.93 31.43 1.48
CA GLY F 81 -17.05 32.34 0.76
C GLY F 81 -16.30 33.32 1.63
N LYS F 82 -16.45 33.23 2.96
CA LYS F 82 -15.82 34.22 3.81
C LYS F 82 -15.13 33.66 5.04
N LEU F 83 -14.20 34.44 5.59
CA LEU F 83 -13.55 34.04 6.82
C LEU F 83 -14.37 34.53 8.01
N ILE F 84 -15.12 35.61 7.81
CA ILE F 84 -15.98 36.14 8.86
C ILE F 84 -17.41 36.13 8.38
N CYS F 85 -18.30 35.44 9.09
CA CYS F 85 -19.70 35.43 8.68
C CYS F 85 -20.71 35.65 9.76
N CYS F 86 -21.67 36.48 9.48
CA CYS F 86 -22.73 36.71 10.42
C CYS F 86 -23.84 35.75 10.06
N THR F 87 -24.65 35.38 11.02
CA THR F 87 -25.80 34.53 10.72
C THR F 87 -27.11 35.14 11.22
N ASN F 88 -28.15 34.32 11.30
CA ASN F 88 -29.48 34.74 11.73
C ASN F 88 -29.91 33.99 12.99
N VAL F 89 -28.94 33.59 13.79
CA VAL F 89 -29.14 32.87 15.03
C VAL F 89 -28.65 33.75 16.17
N PRO F 90 -29.48 34.08 17.16
CA PRO F 90 -29.16 34.91 18.30
C PRO F 90 -28.25 34.16 19.24
N TRP F 91 -27.45 34.87 19.99
CA TRP F 91 -26.60 34.27 20.98
C TRP F 91 -27.39 33.96 22.26
N ASN F 92 -27.20 32.76 22.82
CA ASN F 92 -27.81 32.30 24.07
C ASN F 92 -26.91 32.62 25.28
N SER F 93 -27.50 33.27 26.32
CA SER F 93 -26.81 33.59 27.58
C SER F 93 -26.49 32.31 28.35
N SER F 94 -27.17 31.21 27.98
CA SER F 94 -26.91 29.93 28.60
C SER F 94 -25.61 29.31 28.08
N TRP F 95 -25.12 29.77 26.91
CA TRP F 95 -23.87 29.24 26.37
C TRP F 95 -22.76 29.99 27.06
N SER F 96 -22.96 31.30 27.13
CA SER F 96 -22.04 32.21 27.80
C SER F 96 -22.75 33.49 28.15
N ASN F 97 -22.62 33.91 29.40
CA ASN F 97 -23.22 35.14 29.87
C ASN F 97 -22.16 36.21 30.09
N ARG F 98 -21.01 36.03 29.47
CA ARG F 98 -19.91 36.98 29.56
C ARG F 98 -20.24 38.22 28.72
N ASN F 99 -19.74 39.43 29.13
CA ASN F 99 -19.93 40.69 28.42
C ASN F 99 -19.18 40.66 27.08
N LEU F 100 -19.76 41.29 26.02
CA LEU F 100 -19.15 41.34 24.68
C LEU F 100 -17.79 42.02 24.70
N SER F 101 -17.65 43.02 25.57
CA SER F 101 -16.42 43.75 25.71
C SER F 101 -15.33 42.92 26.37
N GLU F 102 -15.70 41.84 27.05
CA GLU F 102 -14.71 40.98 27.65
C GLU F 102 -14.28 40.00 26.59
N ILE F 103 -15.25 39.50 25.84
CA ILE F 103 -14.99 38.47 24.84
C ILE F 103 -14.03 38.95 23.78
N TRP F 104 -14.20 40.16 23.31
CA TRP F 104 -13.32 40.64 22.27
C TRP F 104 -12.14 41.47 22.74
N ASP F 105 -11.86 41.52 24.05
CA ASP F 105 -10.76 42.36 24.54
C ASP F 105 -9.89 41.72 25.64
N ASN F 106 -10.48 40.98 26.57
CA ASN F 106 -9.74 40.45 27.73
C ASN F 106 -9.53 38.94 27.67
N MET F 107 -9.82 38.34 26.53
CA MET F 107 -9.74 36.89 26.38
C MET F 107 -9.24 36.47 25.01
N THR F 108 -8.54 35.33 24.95
CA THR F 108 -8.00 34.73 23.72
C THR F 108 -8.94 33.67 23.17
N TRP F 109 -8.70 33.24 21.93
CA TRP F 109 -9.53 32.20 21.32
C TRP F 109 -9.39 30.85 21.97
N LEU F 110 -8.23 30.55 22.52
CA LEU F 110 -8.07 29.26 23.17
C LEU F 110 -8.93 29.22 24.41
N GLN F 111 -8.96 30.33 25.15
CA GLN F 111 -9.73 30.38 26.37
C GLN F 111 -11.21 30.31 26.09
N TRP F 112 -11.62 31.03 25.06
CA TRP F 112 -13.00 31.06 24.66
C TRP F 112 -13.48 29.70 24.20
N ASP F 113 -12.67 29.01 23.40
CA ASP F 113 -13.11 27.73 22.94
C ASP F 113 -13.36 26.82 24.11
N LYS F 114 -12.52 26.89 25.14
CA LYS F 114 -12.79 26.04 26.27
C LYS F 114 -14.11 26.45 26.95
N GLU F 115 -14.32 27.76 27.09
CA GLU F 115 -15.52 28.29 27.76
C GLU F 115 -16.82 27.82 27.15
N ILE F 116 -16.88 27.71 25.84
CA ILE F 116 -18.13 27.28 25.21
C ILE F 116 -18.02 25.95 24.51
N SER F 117 -17.04 25.14 24.89
CA SER F 117 -16.82 23.87 24.19
C SER F 117 -18.05 22.93 24.08
N ASN F 118 -18.86 22.81 25.14
CA ASN F 118 -20.00 21.88 25.21
C ASN F 118 -21.22 22.34 24.38
N TYR F 119 -21.18 23.55 23.77
CA TYR F 119 -22.30 24.10 23.01
C TYR F 119 -21.97 24.05 21.53
N THR F 120 -20.84 23.48 21.17
CA THR F 120 -20.49 23.49 19.77
C THR F 120 -21.50 22.75 18.94
N GLN F 121 -21.93 21.58 19.39
CA GLN F 121 -22.83 20.81 18.57
C GLN F 121 -24.20 21.48 18.42
N ILE F 122 -24.70 22.13 19.47
CA ILE F 122 -26.01 22.73 19.34
C ILE F 122 -25.95 23.96 18.46
N ILE F 123 -24.88 24.73 18.56
CA ILE F 123 -24.82 25.91 17.76
C ILE F 123 -24.79 25.52 16.33
N TYR F 124 -24.00 24.51 15.99
CA TYR F 124 -23.93 24.12 14.61
C TYR F 124 -25.28 23.63 14.10
N GLY F 125 -26.03 22.87 14.91
CA GLY F 125 -27.33 22.42 14.42
C GLY F 125 -28.29 23.58 14.14
N LEU F 126 -28.24 24.61 14.99
CA LEU F 126 -29.10 25.77 14.81
C LEU F 126 -28.74 26.50 13.53
N LEU F 127 -27.45 26.58 13.23
CA LEU F 127 -27.02 27.28 12.04
C LEU F 127 -27.51 26.57 10.80
N GLU F 128 -27.47 25.23 10.81
CA GLU F 128 -27.88 24.47 9.63
C GLU F 128 -29.37 24.65 9.33
N GLU F 129 -30.19 24.66 10.39
CA GLU F 129 -31.62 24.79 10.18
C GLU F 129 -31.99 26.18 9.73
N SER F 130 -31.35 27.19 10.31
CA SER F 130 -31.68 28.54 9.95
C SER F 130 -31.35 28.79 8.50
N GLN F 131 -30.20 28.29 8.03
CA GLN F 131 -29.84 28.52 6.65
C GLN F 131 -30.79 27.85 5.69
N ASN F 132 -31.25 26.64 6.02
CA ASN F 132 -32.15 26.00 5.07
C ASN F 132 -33.45 26.77 4.94
N GLN F 133 -33.94 27.32 6.05
CA GLN F 133 -35.18 28.06 6.00
C GLN F 133 -35.01 29.31 5.17
N GLN F 134 -33.86 29.97 5.29
CA GLN F 134 -33.62 31.17 4.54
C GLN F 134 -33.55 30.90 3.04
N GLU F 135 -32.95 29.79 2.64
CA GLU F 135 -32.87 29.51 1.22
C GLU F 135 -34.24 29.24 0.64
N LYS F 136 -35.10 28.55 1.40
CA LYS F 136 -36.43 28.31 0.91
C LYS F 136 -37.17 29.63 0.76
N ASN F 137 -36.99 30.53 1.72
CA ASN F 137 -37.71 31.79 1.61
C ASN F 137 -37.31 32.54 0.36
N GLU F 138 -36.02 32.53 0.02
CA GLU F 138 -35.61 33.23 -1.18
C GLU F 138 -36.21 32.60 -2.43
N GLN F 139 -36.23 31.26 -2.49
CA GLN F 139 -36.79 30.61 -3.66
C GLN F 139 -38.25 31.02 -3.84
N ASP F 140 -39.00 31.08 -2.75
CA ASP F 140 -40.39 31.44 -2.86
C ASP F 140 -40.54 32.89 -3.29
N LEU F 141 -39.66 33.77 -2.84
CA LEU F 141 -39.77 35.16 -3.26
C LEU F 141 -39.56 35.29 -4.75
N LEU F 142 -38.66 34.49 -5.32
CA LEU F 142 -38.50 34.57 -6.77
C LEU F 142 -39.75 34.08 -7.49
N GLU F 143 -40.38 33.01 -6.97
CA GLU F 143 -41.59 32.46 -7.61
C GLU F 143 -42.70 33.50 -7.66
N LEU F 144 -42.76 34.32 -6.62
CA LEU F 144 -43.77 35.36 -6.50
C LEU F 144 -43.53 36.65 -7.32
N ASP F 145 -42.35 36.79 -8.00
CA ASP F 145 -41.97 37.95 -8.78
C ASP F 145 -42.63 37.85 -10.16
#